data_7L00
#
_entry.id   7L00
#
_cell.length_a   97.900
_cell.length_b   66.150
_cell.length_c   101.780
_cell.angle_alpha   90.000
_cell.angle_beta   90.090
_cell.angle_gamma   90.000
#
_symmetry.space_group_name_H-M   'P 1 21 1'
#
loop_
_entity.id
_entity.type
_entity.pdbx_description
1 polymer 'Enoyl-Acyl Carrier Protein Reductase FabK'
2 non-polymer 'FLAVIN MONONUCLEOTIDE'
3 non-polymer N-[6-(methylsulfonyl)-1,3-benzothiazol-2-yl]-2-[2-(1H-pyrrol-1-yl)-1,3-thiazol-4-yl]acetamide
4 non-polymer 'SODIUM ION'
5 non-polymer GLYCEROL
6 water water
#
_entity_poly.entity_id   1
_entity_poly.type   'polypeptide(L)'
_entity_poly.pdbx_seq_one_letter_code
;VPRGSHMNKICKILNIKYPVIQGGMAWVATASLASAVSNAGGLGIIAAGNAPKEAIKKEIVECKKLTDKPFGVNVMLMSP
FVDDIIDLIIEEKVQVITTGAGNPAKYMDRLKEAGTKVIPVVPTIALAQRMEKLGATAVIAEGTEGGGHIGELTTMVLVP
QVADAVNIPVIAAGGIVDGRGIAASFALGASAVQVGTRFICSEECSVHSNYKNLVLKAKDRDAIVTGRSTGHPVRTLKNK
LSKEFLKMEQNGATPEELDKKGTGALRFATVDGDIEKGSFMAGQSAAMVKEITPCKEIIEAMVNQAREIMPAIEL
;
_entity_poly.pdbx_strand_id   A,B,C,D
#
loop_
_chem_comp.id
_chem_comp.type
_chem_comp.name
_chem_comp.formula
FMN non-polymer 'FLAVIN MONONUCLEOTIDE' 'C17 H21 N4 O9 P'
GOL non-polymer GLYCEROL 'C3 H8 O3'
NA non-polymer 'SODIUM ION' 'Na 1'
XCJ non-polymer N-[6-(methylsulfonyl)-1,3-benzothiazol-2-yl]-2-[2-(1H-pyrrol-1-yl)-1,3-thiazol-4-yl]acetamide 'C17 H14 N4 O3 S3'
#
# COMPACT_ATOMS: atom_id res chain seq x y z
N HIS A 6 10.11 13.77 16.56
CA HIS A 6 8.86 13.83 15.83
C HIS A 6 8.96 13.10 14.47
N MET A 7 8.66 11.80 14.41
CA MET A 7 8.45 11.20 13.10
C MET A 7 7.18 11.68 12.40
N ASN A 8 6.06 11.74 13.12
CA ASN A 8 4.81 12.12 12.47
C ASN A 8 4.90 13.52 11.90
N LYS A 9 4.43 13.68 10.67
CA LYS A 9 4.57 14.93 9.93
C LYS A 9 3.87 16.10 10.64
N ILE A 10 2.67 15.87 11.16
CA ILE A 10 1.94 16.95 11.83
C ILE A 10 2.58 17.27 13.17
N CYS A 11 3.04 16.25 13.90
CA CYS A 11 3.74 16.49 15.16
C CYS A 11 4.98 17.32 14.93
N LYS A 12 5.70 17.04 13.85
CA LYS A 12 6.93 17.79 13.56
C LYS A 12 6.60 19.24 13.21
N ILE A 13 5.64 19.44 12.31
CA ILE A 13 5.30 20.78 11.82
C ILE A 13 4.75 21.64 12.95
N LEU A 14 3.88 21.07 13.79
CA LEU A 14 3.22 21.83 14.84
C LEU A 14 3.93 21.77 16.19
N ASN A 15 4.96 20.93 16.31
CA ASN A 15 5.71 20.76 17.56
C ASN A 15 4.79 20.34 18.71
N ILE A 16 4.02 19.28 18.46
CA ILE A 16 3.16 18.71 19.48
C ILE A 16 3.50 17.24 19.65
N LYS A 17 3.14 16.69 20.82
CA LYS A 17 3.46 15.30 21.13
C LYS A 17 2.58 14.33 20.36
N TYR A 18 1.30 14.62 20.23
CA TYR A 18 0.36 13.70 19.63
C TYR A 18 -0.37 14.37 18.47
N PRO A 19 -0.59 13.66 17.34
CA PRO A 19 -1.27 14.24 16.18
C PRO A 19 -2.79 14.25 16.36
N VAL A 20 -3.24 14.83 17.48
CA VAL A 20 -4.65 14.95 17.81
C VAL A 20 -4.94 16.43 17.99
N ILE A 21 -5.85 16.96 17.18
CA ILE A 21 -6.28 18.34 17.24
C ILE A 21 -7.68 18.39 17.82
N GLN A 22 -7.90 19.25 18.79
CA GLN A 22 -9.25 19.49 19.30
C GLN A 22 -9.88 20.55 18.41
N GLY A 23 -10.90 20.16 17.66
CA GLY A 23 -11.48 21.07 16.68
C GLY A 23 -12.05 22.32 17.32
N GLY A 24 -11.87 23.44 16.64
CA GLY A 24 -12.52 24.67 17.05
C GLY A 24 -14.01 24.46 17.03
N MET A 25 -14.69 24.91 18.08
CA MET A 25 -16.09 24.59 18.28
C MET A 25 -16.70 25.89 18.81
N ALA A 26 -17.44 26.60 17.95
CA ALA A 26 -18.02 27.89 18.32
C ALA A 26 -18.79 27.77 19.63
N TRP A 27 -18.54 28.73 20.54
CA TRP A 27 -19.20 28.83 21.85
C TRP A 27 -18.77 27.73 22.81
N VAL A 28 -18.29 26.60 22.27
CA VAL A 28 -17.91 25.44 23.07
C VAL A 28 -16.43 25.48 23.43
N ALA A 29 -15.57 25.80 22.47
CA ALA A 29 -14.12 25.68 22.63
C ALA A 29 -13.56 27.00 23.16
N THR A 30 -13.39 27.09 24.47
CA THR A 30 -12.79 28.26 25.11
C THR A 30 -11.42 27.91 25.67
N ALA A 31 -10.80 28.84 26.40
CA ALA A 31 -9.43 28.63 26.84
C ALA A 31 -9.30 27.41 27.75
N SER A 32 -10.33 27.09 28.53
CA SER A 32 -10.22 25.95 29.44
C SER A 32 -9.97 24.66 28.67
N LEU A 33 -10.76 24.44 27.61
CA LEU A 33 -10.61 23.23 26.81
C LEU A 33 -9.31 23.25 26.02
N ALA A 34 -9.06 24.35 25.30
CA ALA A 34 -7.88 24.42 24.43
C ALA A 34 -6.59 24.22 25.21
N SER A 35 -6.48 24.85 26.38
CA SER A 35 -5.25 24.70 27.15
C SER A 35 -5.11 23.28 27.68
N ALA A 36 -6.21 22.64 28.04
CA ALA A 36 -6.14 21.26 28.54
C ALA A 36 -5.66 20.30 27.46
N VAL A 37 -6.13 20.49 26.23
CA VAL A 37 -5.70 19.63 25.13
C VAL A 37 -4.22 19.82 24.84
N SER A 38 -3.78 21.08 24.79
CA SER A 38 -2.37 21.35 24.50
C SER A 38 -1.48 20.83 25.62
N ASN A 39 -1.90 21.00 26.88
CA ASN A 39 -1.13 20.48 28.01
C ASN A 39 -1.00 18.97 27.93
N ALA A 40 -2.02 18.29 27.39
CA ALA A 40 -2.03 16.85 27.22
C ALA A 40 -1.21 16.38 26.04
N GLY A 41 -0.67 17.30 25.24
CA GLY A 41 0.20 16.93 24.13
C GLY A 41 -0.43 17.02 22.76
N GLY A 42 -1.72 17.34 22.66
CA GLY A 42 -2.36 17.61 21.38
C GLY A 42 -2.30 19.08 21.05
N LEU A 43 -3.16 19.50 20.12
CA LEU A 43 -3.30 20.90 19.76
C LEU A 43 -4.70 21.38 20.14
N GLY A 44 -4.78 22.17 21.21
CA GLY A 44 -6.04 22.82 21.54
C GLY A 44 -6.31 23.99 20.61
N ILE A 45 -7.59 24.30 20.42
CA ILE A 45 -8.00 25.36 19.51
CA ILE A 45 -7.99 25.37 19.50
C ILE A 45 -9.08 26.21 20.15
N ILE A 46 -8.87 27.53 20.18
CA ILE A 46 -9.87 28.49 20.61
C ILE A 46 -10.74 28.85 19.42
N ALA A 47 -12.05 28.72 19.57
CA ALA A 47 -12.98 29.01 18.49
C ALA A 47 -13.33 30.51 18.49
N ALA A 48 -13.10 31.18 17.36
CA ALA A 48 -13.55 32.56 17.25
C ALA A 48 -15.06 32.64 17.02
N GLY A 49 -15.63 31.66 16.33
CA GLY A 49 -17.06 31.65 16.07
C GLY A 49 -17.55 32.96 15.48
N ASN A 50 -18.68 33.42 16.00
CA ASN A 50 -19.31 34.68 15.64
C ASN A 50 -18.90 35.84 16.56
N ALA A 51 -17.92 35.63 17.44
CA ALA A 51 -17.67 36.61 18.49
C ALA A 51 -16.79 37.77 17.99
N PRO A 52 -16.85 38.92 18.67
CA PRO A 52 -16.01 40.05 18.27
C PRO A 52 -14.56 39.91 18.75
N LYS A 53 -13.72 40.77 18.17
CA LYS A 53 -12.27 40.73 18.40
C LYS A 53 -11.92 40.73 19.89
N GLU A 54 -12.58 41.59 20.67
CA GLU A 54 -12.21 41.72 22.07
C GLU A 54 -12.46 40.44 22.85
N ALA A 55 -13.59 39.78 22.58
CA ALA A 55 -13.90 38.53 23.27
C ALA A 55 -12.87 37.45 22.94
N ILE A 56 -12.50 37.34 21.67
CA ILE A 56 -11.55 36.30 21.32
C ILE A 56 -10.15 36.67 21.81
N LYS A 57 -9.83 37.96 21.89
CA LYS A 57 -8.55 38.35 22.44
C LYS A 57 -8.41 37.90 23.89
N LYS A 58 -9.48 38.06 24.68
CA LYS A 58 -9.45 37.61 26.07
C LYS A 58 -9.17 36.12 26.17
N GLU A 59 -9.75 35.32 25.27
CA GLU A 59 -9.53 33.87 25.31
C GLU A 59 -8.08 33.53 25.02
N ILE A 60 -7.47 34.22 24.05
CA ILE A 60 -6.07 33.97 23.73
C ILE A 60 -5.19 34.29 24.92
N VAL A 61 -5.46 35.42 25.58
CA VAL A 61 -4.66 35.81 26.74
C VAL A 61 -4.79 34.79 27.85
N GLU A 62 -6.02 34.36 28.14
CA GLU A 62 -6.24 33.40 29.21
C GLU A 62 -5.63 32.04 28.86
N CYS A 63 -5.69 31.64 27.59
CA CYS A 63 -5.07 30.38 27.18
C CYS A 63 -3.57 30.40 27.40
N LYS A 64 -2.92 31.53 27.13
CA LYS A 64 -1.47 31.64 27.34
C LYS A 64 -1.10 31.53 28.82
N LYS A 65 -1.98 31.98 29.73
CA LYS A 65 -1.74 31.80 31.15
C LYS A 65 -1.84 30.35 31.58
N LEU A 66 -2.53 29.51 30.80
CA LEU A 66 -2.84 28.15 31.22
C LEU A 66 -1.97 27.09 30.53
N THR A 67 -1.33 27.42 29.42
CA THR A 67 -0.44 26.47 28.77
C THR A 67 0.67 27.25 28.07
N ASP A 68 1.86 26.66 28.06
CA ASP A 68 2.94 27.14 27.22
C ASP A 68 3.19 26.21 26.03
N LYS A 69 2.27 25.27 25.78
CA LYS A 69 2.28 24.37 24.65
C LYS A 69 1.63 25.04 23.45
N PRO A 70 1.95 24.59 22.23
CA PRO A 70 1.29 25.16 21.05
C PRO A 70 -0.21 25.02 21.13
N PHE A 71 -0.91 26.09 20.76
CA PHE A 71 -2.35 26.02 20.51
C PHE A 71 -2.65 26.90 19.31
N GLY A 72 -3.88 26.77 18.80
CA GLY A 72 -4.29 27.53 17.65
C GLY A 72 -5.61 28.26 17.91
N VAL A 73 -6.05 28.99 16.90
CA VAL A 73 -7.35 29.64 16.87
C VAL A 73 -8.06 29.24 15.59
N ASN A 74 -9.37 29.00 15.68
CA ASN A 74 -10.17 28.74 14.50
C ASN A 74 -10.83 30.02 14.04
N VAL A 75 -10.60 30.38 12.79
CA VAL A 75 -11.24 31.53 12.16
C VAL A 75 -12.45 31.02 11.41
N MET A 76 -13.64 31.45 11.83
CA MET A 76 -14.84 30.86 11.30
C MET A 76 -15.26 31.91 10.27
N LEU A 77 -15.13 31.58 8.98
CA LEU A 77 -15.05 32.59 7.93
C LEU A 77 -16.38 33.30 7.65
N MET A 78 -17.48 32.82 8.21
CA MET A 78 -18.77 33.47 8.03
C MET A 78 -19.04 34.55 9.09
N SER A 79 -18.12 34.74 10.04
CA SER A 79 -18.34 35.68 11.12
C SER A 79 -18.45 37.11 10.60
N PRO A 80 -19.33 37.94 11.17
CA PRO A 80 -19.34 39.37 10.81
C PRO A 80 -18.04 40.08 11.15
N PHE A 81 -17.20 39.48 12.00
CA PHE A 81 -15.98 40.11 12.44
C PHE A 81 -14.74 39.41 11.89
N VAL A 82 -14.86 38.65 10.80
CA VAL A 82 -13.76 37.83 10.33
C VAL A 82 -12.53 38.68 10.03
N ASP A 83 -12.72 39.88 9.46
CA ASP A 83 -11.56 40.74 9.21
C ASP A 83 -10.83 41.08 10.50
N ASP A 84 -11.58 41.40 11.56
CA ASP A 84 -10.97 41.71 12.85
C ASP A 84 -10.26 40.49 13.44
N ILE A 85 -10.79 39.29 13.21
CA ILE A 85 -10.17 38.11 13.78
C ILE A 85 -8.84 37.84 13.09
N ILE A 86 -8.80 37.96 11.76
CA ILE A 86 -7.55 37.82 11.04
C ILE A 86 -6.53 38.84 11.53
N ASP A 87 -6.99 40.08 11.74
CA ASP A 87 -6.12 41.10 12.33
C ASP A 87 -5.57 40.63 13.66
N LEU A 88 -6.45 40.09 14.51
CA LEU A 88 -6.06 39.65 15.83
C LEU A 88 -5.05 38.51 15.78
N ILE A 89 -5.29 37.54 14.89
CA ILE A 89 -4.39 36.41 14.71
C ILE A 89 -2.96 36.89 14.46
N ILE A 90 -2.81 37.84 13.54
CA ILE A 90 -1.49 38.33 13.18
C ILE A 90 -0.93 39.21 14.30
N GLU A 91 -1.76 40.09 14.87
CA GLU A 91 -1.30 40.98 15.93
C GLU A 91 -0.78 40.21 17.13
N GLU A 92 -1.48 39.14 17.52
CA GLU A 92 -1.07 38.36 18.68
C GLU A 92 -0.11 37.23 18.33
N LYS A 93 0.33 37.14 17.08
CA LYS A 93 1.33 36.17 16.64
C LYS A 93 0.90 34.74 16.98
N VAL A 94 -0.36 34.43 16.69
CA VAL A 94 -0.84 33.07 16.82
C VAL A 94 -0.09 32.18 15.83
N GLN A 95 0.42 31.05 16.32
CA GLN A 95 1.32 30.22 15.53
C GLN A 95 0.58 29.46 14.44
N VAL A 96 -0.63 28.99 14.73
CA VAL A 96 -1.39 28.15 13.82
C VAL A 96 -2.85 28.52 13.91
N ILE A 97 -3.52 28.55 12.77
CA ILE A 97 -4.97 28.71 12.75
C ILE A 97 -5.57 27.61 11.90
N THR A 98 -6.79 27.24 12.24
CA THR A 98 -7.65 26.50 11.35
C THR A 98 -8.73 27.45 10.87
N THR A 99 -9.35 27.11 9.74
CA THR A 99 -10.46 27.92 9.24
C THR A 99 -11.62 27.00 8.90
N GLY A 100 -12.83 27.55 8.96
CA GLY A 100 -13.99 26.77 8.56
C GLY A 100 -15.06 27.66 7.95
N ALA A 101 -15.99 27.01 7.24
CA ALA A 101 -17.19 27.67 6.72
C ALA A 101 -16.88 28.64 5.60
N GLY A 102 -15.86 28.37 4.80
CA GLY A 102 -15.59 29.21 3.66
C GLY A 102 -14.17 29.02 3.15
N ASN A 103 -13.81 29.89 2.21
CA ASN A 103 -12.54 29.85 1.52
C ASN A 103 -11.72 31.04 1.99
N PRO A 104 -10.59 30.81 2.71
CA PRO A 104 -9.82 31.94 3.25
C PRO A 104 -8.80 32.54 2.28
N ALA A 105 -9.03 32.32 0.98
CA ALA A 105 -8.08 32.74 -0.06
C ALA A 105 -7.62 34.17 0.13
N LYS A 106 -8.53 35.08 0.45
CA LYS A 106 -8.12 36.48 0.44
C LYS A 106 -7.18 36.83 1.59
N TYR A 107 -7.00 35.95 2.57
CA TYR A 107 -6.10 36.24 3.69
C TYR A 107 -4.77 35.52 3.59
N MET A 108 -4.56 34.66 2.58
CA MET A 108 -3.41 33.76 2.61
C MET A 108 -2.06 34.50 2.49
N ASP A 109 -1.91 35.48 1.59
CA ASP A 109 -0.68 36.29 1.65
C ASP A 109 -0.47 36.99 2.97
N ARG A 110 -1.48 37.69 3.50
CA ARG A 110 -1.25 38.34 4.78
C ARG A 110 -0.81 37.32 5.82
N LEU A 111 -1.46 36.16 5.85
CA LEU A 111 -1.14 35.17 6.85
C LEU A 111 0.24 34.57 6.65
N LYS A 112 0.62 34.31 5.39
CA LYS A 112 1.90 33.66 5.18
C LYS A 112 3.07 34.64 5.37
N GLU A 113 2.85 35.92 5.09
CA GLU A 113 3.90 36.89 5.42
C GLU A 113 4.11 36.98 6.92
N ALA A 114 3.03 36.82 7.71
CA ALA A 114 3.11 36.84 9.16
C ALA A 114 3.71 35.56 9.74
N GLY A 115 3.88 34.52 8.92
CA GLY A 115 4.38 33.25 9.38
C GLY A 115 3.33 32.33 9.96
N THR A 116 2.06 32.71 9.90
CA THR A 116 0.98 31.89 10.45
C THR A 116 0.85 30.60 9.66
N LYS A 117 0.86 29.47 10.37
CA LYS A 117 0.55 28.20 9.74
C LYS A 117 -0.97 28.10 9.60
N VAL A 118 -1.45 27.87 8.38
CA VAL A 118 -2.88 27.91 8.08
C VAL A 118 -3.35 26.50 7.70
N ILE A 119 -4.39 26.02 8.38
CA ILE A 119 -4.94 24.69 8.16
C ILE A 119 -6.45 24.78 7.93
N PRO A 120 -6.87 24.96 6.69
CA PRO A 120 -8.31 25.14 6.41
C PRO A 120 -9.06 23.83 6.41
N VAL A 121 -10.29 23.87 6.90
CA VAL A 121 -11.22 22.77 6.66
C VAL A 121 -11.68 22.82 5.21
N VAL A 122 -11.64 21.68 4.52
CA VAL A 122 -12.04 21.63 3.12
C VAL A 122 -13.06 20.50 2.91
N PRO A 123 -14.18 20.78 2.27
CA PRO A 123 -15.17 19.74 1.97
C PRO A 123 -15.10 19.18 0.55
N THR A 124 -14.16 19.66 -0.27
CA THR A 124 -14.07 19.24 -1.67
C THR A 124 -12.61 19.09 -2.06
N ILE A 125 -12.39 18.30 -3.12
CA ILE A 125 -11.07 18.19 -3.73
C ILE A 125 -10.60 19.55 -4.24
N ALA A 126 -11.50 20.27 -4.92
CA ALA A 126 -11.12 21.55 -5.50
C ALA A 126 -10.62 22.52 -4.44
N LEU A 127 -11.32 22.61 -3.30
CA LEU A 127 -10.87 23.55 -2.28
C LEU A 127 -9.56 23.07 -1.64
N ALA A 128 -9.41 21.76 -1.46
CA ALA A 128 -8.13 21.22 -0.97
C ALA A 128 -6.97 21.63 -1.89
N GLN A 129 -7.13 21.44 -3.20
CA GLN A 129 -6.02 21.76 -4.10
C GLN A 129 -5.75 23.27 -4.11
N ARG A 130 -6.82 24.07 -4.03
CA ARG A 130 -6.68 25.53 -3.99
C ARG A 130 -5.93 25.99 -2.73
N MET A 131 -6.27 25.42 -1.58
CA MET A 131 -5.57 25.77 -0.34
C MET A 131 -4.09 25.36 -0.39
N GLU A 132 -3.78 24.20 -0.94
CA GLU A 132 -2.37 23.84 -1.11
C GLU A 132 -1.66 24.85 -1.98
N LYS A 133 -2.29 25.24 -3.10
CA LYS A 133 -1.64 26.16 -4.03
C LYS A 133 -1.40 27.51 -3.39
N LEU A 134 -2.28 27.93 -2.49
CA LEU A 134 -2.17 29.23 -1.86
C LEU A 134 -1.37 29.20 -0.57
N GLY A 135 -0.80 28.06 -0.19
CA GLY A 135 0.17 28.01 0.87
C GLY A 135 -0.29 27.39 2.18
N ALA A 136 -1.39 26.66 2.19
CA ALA A 136 -1.82 25.98 3.39
C ALA A 136 -0.74 25.02 3.88
N THR A 137 -0.58 24.98 5.20
CA THR A 137 0.35 24.04 5.84
C THR A 137 -0.19 22.63 5.82
N ALA A 138 -1.51 22.50 5.95
CA ALA A 138 -2.21 21.23 5.99
C ALA A 138 -3.67 21.55 5.71
N VAL A 139 -4.47 20.51 5.50
CA VAL A 139 -5.91 20.71 5.32
C VAL A 139 -6.64 19.69 6.18
N ILE A 140 -7.82 20.09 6.63
CA ILE A 140 -8.71 19.22 7.40
C ILE A 140 -9.83 18.76 6.49
N ALA A 141 -9.94 17.46 6.32
CA ALA A 141 -11.02 16.83 5.54
C ALA A 141 -12.10 16.43 6.53
N GLU A 142 -13.13 17.25 6.67
CA GLU A 142 -14.19 17.01 7.65
C GLU A 142 -15.39 16.35 6.97
N GLY A 143 -15.69 15.13 7.39
CA GLY A 143 -16.83 14.42 6.84
C GLY A 143 -18.17 14.92 7.39
N THR A 144 -19.22 14.59 6.65
CA THR A 144 -20.58 15.04 6.95
C THR A 144 -21.05 14.54 8.31
N GLU A 145 -20.45 13.47 8.84
CA GLU A 145 -20.86 12.98 10.15
C GLU A 145 -20.45 13.89 11.29
N GLY A 146 -19.60 14.90 11.06
CA GLY A 146 -19.23 15.81 12.13
C GLY A 146 -20.41 16.65 12.61
N GLY A 147 -20.19 17.36 13.74
CA GLY A 147 -21.19 18.28 14.25
C GLY A 147 -21.08 19.67 13.63
N GLY A 148 -22.16 20.45 13.74
CA GLY A 148 -22.13 21.83 13.26
C GLY A 148 -22.48 21.95 11.78
N HIS A 149 -21.89 22.96 11.13
CA HIS A 149 -22.20 23.26 9.73
C HIS A 149 -21.42 22.32 8.83
N ILE A 150 -22.08 21.30 8.29
CA ILE A 150 -21.40 20.18 7.66
C ILE A 150 -21.33 20.31 6.14
N GLY A 151 -20.39 19.57 5.55
CA GLY A 151 -20.40 19.29 4.12
C GLY A 151 -21.20 18.03 3.86
N GLU A 152 -21.15 17.58 2.59
CA GLU A 152 -21.94 16.46 2.08
C GLU A 152 -21.20 15.13 2.12
N LEU A 153 -19.90 15.13 1.84
CA LEU A 153 -19.16 13.87 1.72
C LEU A 153 -18.81 13.33 3.09
N THR A 154 -18.80 12.00 3.19
CA THR A 154 -18.44 11.34 4.44
C THR A 154 -16.93 11.27 4.60
N THR A 155 -16.51 11.04 5.85
CA THR A 155 -15.09 10.91 6.14
C THR A 155 -14.44 9.78 5.36
N MET A 156 -15.13 8.63 5.27
CA MET A 156 -14.60 7.45 4.60
C MET A 156 -14.18 7.75 3.16
N VAL A 157 -14.90 8.64 2.47
CA VAL A 157 -14.56 8.90 1.06
C VAL A 157 -13.80 10.20 0.89
N LEU A 158 -13.99 11.15 1.81
CA LEU A 158 -13.37 12.46 1.64
C LEU A 158 -11.88 12.40 1.95
N VAL A 159 -11.51 11.75 3.06
CA VAL A 159 -10.09 11.69 3.43
C VAL A 159 -9.23 11.09 2.33
N PRO A 160 -9.54 9.92 1.75
CA PRO A 160 -8.64 9.39 0.72
C PRO A 160 -8.63 10.25 -0.54
N GLN A 161 -9.75 10.89 -0.91
CA GLN A 161 -9.74 11.75 -2.09
C GLN A 161 -8.88 13.00 -1.87
N VAL A 162 -8.95 13.58 -0.67
CA VAL A 162 -8.11 14.75 -0.40
C VAL A 162 -6.65 14.33 -0.32
N ALA A 163 -6.36 13.18 0.31
CA ALA A 163 -4.99 12.69 0.35
C ALA A 163 -4.43 12.42 -1.05
N ASP A 164 -5.28 11.98 -1.98
CA ASP A 164 -4.85 11.76 -3.36
C ASP A 164 -4.65 13.06 -4.14
N ALA A 165 -5.23 14.16 -3.65
CA ALA A 165 -5.24 15.43 -4.36
C ALA A 165 -4.13 16.40 -3.95
N VAL A 166 -3.56 16.25 -2.76
CA VAL A 166 -2.56 17.19 -2.27
C VAL A 166 -1.36 16.42 -1.73
N ASN A 167 -0.23 17.13 -1.63
CA ASN A 167 0.96 16.55 -1.03
C ASN A 167 1.13 16.98 0.42
N ILE A 168 0.49 18.06 0.84
CA ILE A 168 0.58 18.52 2.23
C ILE A 168 -0.18 17.54 3.13
N PRO A 169 0.05 17.55 4.44
CA PRO A 169 -0.64 16.58 5.31
C PRO A 169 -2.15 16.82 5.35
N VAL A 170 -2.89 15.72 5.44
CA VAL A 170 -4.34 15.74 5.55
C VAL A 170 -4.72 15.31 6.96
N ILE A 171 -5.63 16.05 7.56
CA ILE A 171 -6.13 15.80 8.90
C ILE A 171 -7.57 15.34 8.76
N ALA A 172 -7.89 14.16 9.27
CA ALA A 172 -9.26 13.65 9.16
C ALA A 172 -10.11 14.21 10.30
N ALA A 173 -11.36 14.56 10.00
CA ALA A 173 -12.30 15.06 11.00
C ALA A 173 -13.70 14.55 10.69
N GLY A 174 -14.51 14.33 11.73
CA GLY A 174 -15.85 13.86 11.53
C GLY A 174 -15.97 12.39 11.88
N GLY A 175 -16.50 12.13 13.05
CA GLY A 175 -16.78 10.77 13.50
C GLY A 175 -15.69 10.12 14.33
N ILE A 176 -14.61 10.81 14.63
CA ILE A 176 -13.48 10.21 15.33
C ILE A 176 -13.65 10.44 16.84
N VAL A 177 -13.76 9.35 17.60
CA VAL A 177 -13.97 9.47 19.05
C VAL A 177 -12.95 8.64 19.82
N ASP A 178 -12.24 7.73 19.17
CA ASP A 178 -11.32 6.85 19.88
C ASP A 178 -10.24 6.38 18.91
N GLY A 179 -9.43 5.41 19.36
CA GLY A 179 -8.30 4.96 18.56
C GLY A 179 -8.69 4.20 17.30
N ARG A 180 -9.90 3.61 17.27
CA ARG A 180 -10.34 2.99 16.02
C ARG A 180 -10.44 4.03 14.93
N GLY A 181 -11.02 5.19 15.24
CA GLY A 181 -11.13 6.24 14.23
C GLY A 181 -9.79 6.81 13.82
N ILE A 182 -8.82 6.84 14.73
CA ILE A 182 -7.48 7.29 14.37
C ILE A 182 -6.84 6.30 13.41
N ALA A 183 -6.87 5.02 13.78
CA ALA A 183 -6.29 4.00 12.92
C ALA A 183 -6.96 4.01 11.55
N ALA A 184 -8.30 4.10 11.52
CA ALA A 184 -9.03 4.16 10.25
C ALA A 184 -8.60 5.37 9.43
N SER A 185 -8.47 6.52 10.09
CA SER A 185 -8.10 7.74 9.37
C SER A 185 -6.71 7.63 8.77
N PHE A 186 -5.76 7.07 9.53
CA PHE A 186 -4.42 6.90 8.98
C PHE A 186 -4.42 5.92 7.81
N ALA A 187 -5.25 4.88 7.89
CA ALA A 187 -5.38 3.94 6.78
C ALA A 187 -5.88 4.64 5.51
N LEU A 188 -6.74 5.64 5.67
CA LEU A 188 -7.25 6.41 4.55
C LEU A 188 -6.27 7.45 4.01
N GLY A 189 -5.16 7.69 4.71
CA GLY A 189 -4.14 8.62 4.23
C GLY A 189 -3.94 9.86 5.08
N ALA A 190 -4.67 9.98 6.18
CA ALA A 190 -4.50 11.12 7.07
C ALA A 190 -3.22 11.00 7.88
N SER A 191 -2.67 12.14 8.29
CA SER A 191 -1.52 12.21 9.16
C SER A 191 -1.87 12.70 10.56
N ALA A 192 -3.14 12.98 10.82
CA ALA A 192 -3.59 13.46 12.12
C ALA A 192 -5.11 13.41 12.10
N VAL A 193 -5.72 13.59 13.27
CA VAL A 193 -7.16 13.68 13.37
C VAL A 193 -7.54 14.97 14.08
N GLN A 194 -8.72 15.49 13.74
CA GLN A 194 -9.35 16.56 14.47
C GLN A 194 -10.65 16.03 15.07
N VAL A 195 -10.83 16.27 16.36
CA VAL A 195 -11.90 15.67 17.16
C VAL A 195 -12.68 16.80 17.79
N GLY A 196 -13.99 16.84 17.57
CA GLY A 196 -14.82 17.85 18.18
C GLY A 196 -15.73 17.29 19.27
N THR A 197 -16.74 16.52 18.84
CA THR A 197 -17.82 16.09 19.75
C THR A 197 -17.29 15.36 20.99
N ARG A 198 -16.29 14.47 20.83
CA ARG A 198 -15.76 13.75 21.99
C ARG A 198 -15.28 14.71 23.07
N PHE A 199 -14.64 15.82 22.68
CA PHE A 199 -14.11 16.76 23.67
C PHE A 199 -15.19 17.62 24.32
N ILE A 200 -16.42 17.60 23.82
CA ILE A 200 -17.49 18.26 24.58
C ILE A 200 -17.67 17.59 25.92
N CYS A 201 -17.54 16.27 25.95
CA CYS A 201 -17.58 15.48 27.19
C CYS A 201 -16.19 15.27 27.78
N SER A 202 -15.36 16.30 27.77
CA SER A 202 -14.15 16.32 28.59
C SER A 202 -14.44 17.11 29.85
N GLU A 203 -13.72 16.79 30.93
CA GLU A 203 -13.92 17.52 32.18
C GLU A 203 -13.61 19.00 32.01
N GLU A 204 -12.70 19.33 31.09
CA GLU A 204 -12.23 20.70 30.99
C GLU A 204 -13.05 21.56 30.05
N CYS A 205 -13.90 20.96 29.21
CA CYS A 205 -14.81 21.76 28.40
C CYS A 205 -15.80 22.49 29.32
N SER A 206 -16.02 23.77 29.04
CA SER A 206 -16.77 24.63 29.96
C SER A 206 -18.25 24.78 29.59
N VAL A 207 -18.75 23.98 28.64
CA VAL A 207 -20.17 24.05 28.33
C VAL A 207 -20.99 23.64 29.54
N HIS A 208 -22.25 24.08 29.56
CA HIS A 208 -23.17 23.68 30.61
C HIS A 208 -23.27 22.16 30.70
N SER A 209 -23.49 21.69 31.93
CA SER A 209 -23.57 20.25 32.19
C SER A 209 -24.62 19.57 31.31
N ASN A 210 -25.73 20.27 31.03
CA ASN A 210 -26.80 19.67 30.23
C ASN A 210 -26.35 19.36 28.82
N TYR A 211 -25.46 20.19 28.25
CA TYR A 211 -24.91 19.89 26.93
C TYR A 211 -24.14 18.57 26.97
N LYS A 212 -23.25 18.44 27.95
CA LYS A 212 -22.48 17.19 28.05
C LYS A 212 -23.39 15.99 28.22
N ASN A 213 -24.45 16.13 29.03
CA ASN A 213 -25.40 15.03 29.22
C ASN A 213 -26.12 14.64 27.95
N LEU A 214 -26.55 15.62 27.14
CA LEU A 214 -27.26 15.28 25.92
C LEU A 214 -26.36 14.52 24.96
N VAL A 215 -25.06 14.84 24.95
CA VAL A 215 -24.11 14.08 24.15
C VAL A 215 -23.93 12.69 24.73
N LEU A 216 -23.71 12.62 26.06
CA LEU A 216 -23.53 11.34 26.73
C LEU A 216 -24.67 10.38 26.45
N LYS A 217 -25.89 10.89 26.42
CA LYS A 217 -27.04 10.01 26.30
C LYS A 217 -27.56 9.90 24.87
N ALA A 218 -26.89 10.53 23.90
CA ALA A 218 -27.32 10.46 22.51
C ALA A 218 -27.35 9.01 22.03
N LYS A 219 -28.43 8.67 21.33
CA LYS A 219 -28.60 7.41 20.62
C LYS A 219 -28.02 7.48 19.20
N ASP A 220 -27.91 6.30 18.57
CA ASP A 220 -27.29 6.19 17.25
C ASP A 220 -27.84 7.19 16.22
N ARG A 221 -29.15 7.44 16.20
CA ARG A 221 -29.70 8.33 15.16
C ARG A 221 -29.99 9.75 15.66
N ASP A 222 -29.44 10.15 16.80
CA ASP A 222 -29.90 11.39 17.43
C ASP A 222 -29.31 12.65 16.80
N ALA A 223 -28.25 12.56 16.00
CA ALA A 223 -27.60 13.77 15.47
C ALA A 223 -28.17 14.04 14.08
N ILE A 224 -29.25 14.81 14.04
CA ILE A 224 -30.04 15.01 12.83
C ILE A 224 -29.60 16.27 12.11
N VAL A 225 -30.05 16.45 10.88
CA VAL A 225 -29.63 17.57 10.05
C VAL A 225 -30.82 18.50 9.84
N THR A 226 -30.66 19.75 10.25
CA THR A 226 -31.64 20.79 9.97
C THR A 226 -31.08 21.73 8.92
N GLY A 227 -31.98 22.49 8.28
CA GLY A 227 -31.56 23.51 7.37
C GLY A 227 -31.09 23.04 6.01
N ARG A 228 -31.38 21.79 5.63
CA ARG A 228 -31.15 21.39 4.24
C ARG A 228 -31.82 22.35 3.27
N SER A 229 -33.01 22.83 3.62
CA SER A 229 -33.79 23.68 2.73
C SER A 229 -33.22 25.09 2.56
N THR A 230 -32.26 25.50 3.39
CA THR A 230 -31.63 26.80 3.24
C THR A 230 -30.25 26.71 2.57
N GLY A 231 -29.76 25.50 2.33
CA GLY A 231 -28.42 25.33 1.82
C GLY A 231 -27.33 25.43 2.85
N HIS A 232 -27.67 25.56 4.13
CA HIS A 232 -26.69 25.64 5.22
C HIS A 232 -27.03 24.57 6.25
N PRO A 233 -26.83 23.30 5.90
CA PRO A 233 -27.18 22.23 6.84
C PRO A 233 -26.36 22.29 8.11
N VAL A 234 -27.01 21.92 9.21
CA VAL A 234 -26.41 21.91 10.52
C VAL A 234 -26.76 20.58 11.17
N ARG A 235 -25.75 19.87 11.68
CA ARG A 235 -25.99 18.62 12.39
C ARG A 235 -26.06 18.93 13.90
N THR A 236 -27.16 18.52 14.51
CA THR A 236 -27.43 18.87 15.91
C THR A 236 -28.29 17.77 16.52
N LEU A 237 -28.26 17.68 17.83
CA LEU A 237 -28.99 16.59 18.50
C LEU A 237 -30.49 16.85 18.47
N LYS A 238 -31.27 15.77 18.40
CA LYS A 238 -32.72 15.88 18.47
C LYS A 238 -33.13 16.48 19.81
N ASN A 239 -33.94 17.53 19.76
CA ASN A 239 -34.56 18.08 20.96
C ASN A 239 -35.74 18.91 20.53
N LYS A 240 -36.41 19.57 21.48
CA LYS A 240 -37.59 20.34 21.13
C LYS A 240 -37.28 21.36 20.04
N LEU A 241 -36.18 22.10 20.21
CA LEU A 241 -35.84 23.13 19.23
C LEU A 241 -35.56 22.52 17.87
N SER A 242 -34.72 21.49 17.81
CA SER A 242 -34.40 20.94 16.50
C SER A 242 -35.57 20.18 15.87
N LYS A 243 -36.44 19.46 16.64
CA LYS A 243 -37.70 18.95 16.04
C LYS A 243 -38.53 20.08 15.44
N GLU A 244 -38.68 21.18 16.17
CA GLU A 244 -39.54 22.25 15.69
C GLU A 244 -38.97 22.92 14.44
N PHE A 245 -37.65 23.08 14.40
CA PHE A 245 -36.99 23.52 13.19
C PHE A 245 -37.36 22.63 12.00
N LEU A 246 -37.36 21.32 12.23
CA LEU A 246 -37.73 20.38 11.16
C LEU A 246 -39.22 20.48 10.82
N LYS A 247 -40.07 20.50 11.86
CA LYS A 247 -41.51 20.60 11.64
C LYS A 247 -41.85 21.91 10.92
N MET A 248 -41.03 22.94 11.11
CA MET A 248 -41.25 24.20 10.42
C MET A 248 -40.92 24.06 8.94
N GLU A 249 -39.83 23.36 8.63
CA GLU A 249 -39.47 23.12 7.23
C GLU A 249 -40.51 22.26 6.52
N GLN A 250 -41.02 21.24 7.21
CA GLN A 250 -42.10 20.42 6.66
C GLN A 250 -43.37 21.23 6.43
N ASN A 251 -43.54 22.33 7.14
CA ASN A 251 -44.65 23.26 6.93
C ASN A 251 -44.31 24.37 5.95
N GLY A 252 -43.18 24.25 5.25
CA GLY A 252 -42.83 25.23 4.24
C GLY A 252 -42.37 26.56 4.78
N ALA A 253 -41.79 26.58 5.97
CA ALA A 253 -41.30 27.82 6.56
C ALA A 253 -40.23 28.46 5.68
N THR A 254 -40.16 29.76 5.72
CA THR A 254 -39.21 30.53 4.94
C THR A 254 -37.87 30.62 5.67
N PRO A 255 -36.79 30.92 4.94
CA PRO A 255 -35.48 31.09 5.60
C PRO A 255 -35.48 32.12 6.71
N GLU A 256 -36.14 33.26 6.50
CA GLU A 256 -36.19 34.29 7.54
C GLU A 256 -36.89 33.77 8.79
N GLU A 257 -38.00 33.04 8.60
CA GLU A 257 -38.69 32.43 9.73
C GLU A 257 -37.77 31.46 10.46
N LEU A 258 -37.00 30.66 9.72
CA LEU A 258 -36.06 29.73 10.34
C LEU A 258 -34.93 30.47 11.03
N ASP A 259 -34.36 31.47 10.35
CA ASP A 259 -33.24 32.22 10.92
C ASP A 259 -33.63 32.90 12.22
N LYS A 260 -34.82 33.50 12.27
CA LYS A 260 -35.29 34.08 13.53
C LYS A 260 -35.53 33.00 14.57
N LYS A 261 -35.97 31.81 14.15
CA LYS A 261 -36.22 30.73 15.08
C LYS A 261 -34.93 30.24 15.73
N GLY A 262 -33.84 30.20 14.97
CA GLY A 262 -32.59 29.66 15.45
C GLY A 262 -31.67 30.68 16.09
N THR A 263 -32.13 31.91 16.30
CA THR A 263 -31.26 32.97 16.78
C THR A 263 -30.84 32.68 18.22
N GLY A 264 -29.53 32.74 18.47
CA GLY A 264 -28.97 32.51 19.79
C GLY A 264 -29.06 31.09 20.29
N ALA A 265 -29.44 30.13 19.45
CA ALA A 265 -29.75 28.79 19.93
C ALA A 265 -28.51 28.06 20.46
N LEU A 266 -27.36 28.27 19.80
CA LEU A 266 -26.17 27.56 20.29
C LEU A 266 -25.72 28.14 21.62
N ARG A 267 -25.89 29.44 21.83
CA ARG A 267 -25.58 30.01 23.14
C ARG A 267 -26.53 29.52 24.22
N PHE A 268 -27.83 29.36 23.90
CA PHE A 268 -28.75 28.74 24.85
C PHE A 268 -28.27 27.37 25.27
N ALA A 269 -27.61 26.64 24.38
CA ALA A 269 -27.11 25.32 24.72
C ALA A 269 -25.85 25.39 25.60
N THR A 270 -24.88 26.22 25.21
CA THR A 270 -23.58 26.18 25.89
C THR A 270 -23.61 26.92 27.21
N VAL A 271 -24.30 28.05 27.28
CA VAL A 271 -24.29 28.85 28.51
C VAL A 271 -25.39 28.42 29.47
N ASP A 272 -26.62 28.34 28.99
CA ASP A 272 -27.76 28.06 29.87
C ASP A 272 -28.12 26.58 29.95
N GLY A 273 -27.63 25.76 29.02
CA GLY A 273 -27.99 24.36 29.00
C GLY A 273 -29.48 24.12 28.84
N ASP A 274 -30.17 25.02 28.15
CA ASP A 274 -31.62 24.94 28.01
C ASP A 274 -31.96 23.79 27.09
N ILE A 275 -32.39 22.67 27.68
CA ILE A 275 -32.66 21.45 26.92
C ILE A 275 -33.76 21.65 25.89
N GLU A 276 -34.64 22.64 26.08
CA GLU A 276 -35.73 22.88 25.15
C GLU A 276 -35.36 23.89 24.08
N LYS A 277 -34.60 24.92 24.42
CA LYS A 277 -34.35 26.03 23.50
C LYS A 277 -32.97 26.00 22.86
N GLY A 278 -32.06 25.14 23.33
CA GLY A 278 -30.72 25.13 22.79
C GLY A 278 -30.62 24.35 21.48
N SER A 279 -29.58 24.68 20.71
CA SER A 279 -29.15 23.86 19.58
C SER A 279 -27.89 23.14 20.02
N PHE A 280 -28.03 21.86 20.33
CA PHE A 280 -26.92 21.07 20.85
C PHE A 280 -26.20 20.42 19.67
N MET A 281 -25.38 21.21 18.98
CA MET A 281 -24.73 20.65 17.80
C MET A 281 -23.66 19.64 18.21
N ALA A 282 -23.57 18.58 17.41
CA ALA A 282 -22.78 17.41 17.74
C ALA A 282 -22.80 16.50 16.52
N GLY A 283 -21.75 15.69 16.37
CA GLY A 283 -21.72 14.77 15.25
C GLY A 283 -22.49 13.50 15.53
N GLN A 284 -22.61 12.66 14.49
CA GLN A 284 -23.07 11.28 14.70
C GLN A 284 -22.17 10.55 15.70
N SER A 285 -20.94 11.03 15.87
CA SER A 285 -20.05 10.55 16.91
C SER A 285 -20.64 10.66 18.32
N ALA A 286 -21.63 11.55 18.53
CA ALA A 286 -22.19 11.70 19.87
C ALA A 286 -22.64 10.36 20.42
N ALA A 287 -23.17 9.51 19.58
CA ALA A 287 -23.70 8.22 20.04
C ALA A 287 -22.62 7.35 20.67
N MET A 288 -21.37 7.60 20.33
CA MET A 288 -20.26 6.77 20.77
C MET A 288 -19.59 7.34 22.02
N VAL A 289 -19.99 8.54 22.42
CA VAL A 289 -19.41 9.22 23.58
C VAL A 289 -20.14 8.74 24.82
N LYS A 290 -19.40 8.15 25.76
CA LYS A 290 -20.05 7.47 26.89
C LYS A 290 -19.50 7.85 28.25
N GLU A 291 -18.51 8.74 28.31
CA GLU A 291 -17.93 9.11 29.59
C GLU A 291 -17.46 10.56 29.51
N ILE A 292 -17.55 11.27 30.65
CA ILE A 292 -16.91 12.58 30.78
C ILE A 292 -15.55 12.34 31.43
N THR A 293 -14.49 12.77 30.74
CA THR A 293 -13.13 12.29 30.94
C THR A 293 -12.15 13.45 30.85
N PRO A 294 -11.07 13.46 31.63
CA PRO A 294 -10.04 14.48 31.43
C PRO A 294 -9.41 14.37 30.03
N CYS A 295 -9.11 15.52 29.43
CA CYS A 295 -8.53 15.54 28.08
C CYS A 295 -7.28 14.66 27.98
N LYS A 296 -6.44 14.69 29.01
CA LYS A 296 -5.21 13.89 28.96
C LYS A 296 -5.54 12.41 28.83
N GLU A 297 -6.54 11.93 29.57
CA GLU A 297 -6.91 10.53 29.48
C GLU A 297 -7.53 10.23 28.12
N ILE A 298 -8.37 11.14 27.60
CA ILE A 298 -8.96 10.93 26.28
C ILE A 298 -7.87 10.75 25.23
N ILE A 299 -6.87 11.64 25.23
CA ILE A 299 -5.86 11.62 24.17
C ILE A 299 -4.93 10.43 24.33
N GLU A 300 -4.45 10.18 25.55
CA GLU A 300 -3.56 9.04 25.77
C GLU A 300 -4.27 7.71 25.41
N ALA A 301 -5.53 7.56 25.81
CA ALA A 301 -6.26 6.34 25.48
C ALA A 301 -6.45 6.19 23.97
N MET A 302 -6.75 7.30 23.27
CA MET A 302 -6.89 7.26 21.80
C MET A 302 -5.62 6.78 21.14
N VAL A 303 -4.48 7.38 21.51
CA VAL A 303 -3.22 7.05 20.88
C VAL A 303 -2.83 5.60 21.17
N ASN A 304 -3.00 5.17 22.43
CA ASN A 304 -2.60 3.81 22.80
C ASN A 304 -3.46 2.80 22.06
N GLN A 305 -4.76 3.06 21.97
CA GLN A 305 -5.65 2.15 21.25
C GLN A 305 -5.29 2.10 19.77
N ALA A 306 -4.99 3.25 19.16
CA ALA A 306 -4.62 3.24 17.74
C ALA A 306 -3.39 2.39 17.50
N ARG A 307 -2.37 2.52 18.37
CA ARG A 307 -1.16 1.71 18.24
C ARG A 307 -1.45 0.23 18.45
N GLU A 308 -2.43 -0.09 19.28
CA GLU A 308 -2.77 -1.49 19.52
C GLU A 308 -3.42 -2.09 18.29
N ILE A 309 -4.29 -1.32 17.63
CA ILE A 309 -4.96 -1.78 16.42
C ILE A 309 -3.99 -1.84 15.26
N MET A 310 -3.11 -0.85 15.17
CA MET A 310 -2.25 -0.63 14.01
C MET A 310 -0.83 -0.43 14.52
N PRO A 311 -0.14 -1.52 14.89
CA PRO A 311 1.19 -1.37 15.52
C PRO A 311 2.19 -0.54 14.74
N ALA A 312 2.09 -0.49 13.42
CA ALA A 312 3.06 0.27 12.63
C ALA A 312 2.61 1.70 12.35
N ILE A 313 1.52 2.16 12.98
CA ILE A 313 1.00 3.49 12.70
C ILE A 313 2.08 4.53 12.98
N GLU A 314 2.11 5.57 12.15
CA GLU A 314 3.12 6.61 12.28
C GLU A 314 2.55 7.80 13.06
N LEU A 315 2.41 7.59 14.36
CA LEU A 315 1.94 8.62 15.27
C LEU A 315 3.10 9.47 15.78
N SER B 5 -7.04 -20.54 14.33
CA SER B 5 -6.55 -19.38 15.06
C SER B 5 -5.95 -18.35 14.11
N HIS B 6 -6.13 -17.07 14.43
CA HIS B 6 -5.68 -15.95 13.59
C HIS B 6 -6.18 -16.09 12.15
N MET B 7 -7.33 -16.70 11.99
CA MET B 7 -7.95 -16.86 10.69
C MET B 7 -9.12 -15.88 10.60
N ASN B 8 -9.37 -15.37 9.41
CA ASN B 8 -10.48 -14.45 9.25
C ASN B 8 -11.79 -15.18 9.44
N LYS B 9 -12.65 -14.64 10.31
CA LYS B 9 -13.89 -15.32 10.67
C LYS B 9 -14.86 -15.41 9.49
N ILE B 10 -14.92 -14.39 8.64
CA ILE B 10 -15.85 -14.45 7.51
C ILE B 10 -15.36 -15.46 6.48
N CYS B 11 -14.05 -15.47 6.21
CA CYS B 11 -13.50 -16.47 5.29
C CYS B 11 -13.79 -17.88 5.75
N LYS B 12 -13.65 -18.12 7.06
CA LYS B 12 -13.89 -19.44 7.62
C LYS B 12 -15.36 -19.83 7.50
N ILE B 13 -16.27 -18.92 7.85
CA ILE B 13 -17.69 -19.28 7.88
C ILE B 13 -18.22 -19.47 6.46
N LEU B 14 -17.86 -18.58 5.54
CA LEU B 14 -18.36 -18.64 4.17
C LEU B 14 -17.51 -19.51 3.26
N ASN B 15 -16.36 -20.00 3.71
CA ASN B 15 -15.46 -20.83 2.92
C ASN B 15 -15.03 -20.11 1.64
N ILE B 16 -14.55 -18.87 1.82
CA ILE B 16 -14.03 -18.06 0.72
C ILE B 16 -12.61 -17.64 1.06
N LYS B 17 -11.83 -17.39 0.01
CA LYS B 17 -10.41 -17.05 0.17
C LYS B 17 -10.21 -15.66 0.76
N TYR B 18 -11.00 -14.69 0.29
CA TYR B 18 -10.82 -13.30 0.67
C TYR B 18 -12.10 -12.76 1.27
N PRO B 19 -12.01 -11.93 2.32
CA PRO B 19 -13.21 -11.38 2.98
C PRO B 19 -13.75 -10.15 2.24
N VAL B 20 -14.02 -10.32 0.95
CA VAL B 20 -14.55 -9.28 0.07
C VAL B 20 -15.85 -9.81 -0.52
N ILE B 21 -16.96 -9.14 -0.20
CA ILE B 21 -18.26 -9.46 -0.75
C ILE B 21 -18.61 -8.44 -1.82
N GLN B 22 -18.99 -8.90 -3.00
CA GLN B 22 -19.58 -8.01 -3.99
C GLN B 22 -21.06 -7.84 -3.65
N GLY B 23 -21.46 -6.60 -3.34
CA GLY B 23 -22.82 -6.37 -2.84
C GLY B 23 -23.89 -6.66 -3.89
N GLY B 24 -25.01 -7.22 -3.44
CA GLY B 24 -26.15 -7.35 -4.32
C GLY B 24 -26.62 -5.98 -4.76
N MET B 25 -26.92 -5.85 -6.05
CA MET B 25 -27.10 -4.53 -6.62
C MET B 25 -28.21 -4.80 -7.63
N ALA B 26 -29.43 -4.36 -7.31
CA ALA B 26 -30.58 -4.62 -8.18
C ALA B 26 -30.25 -4.30 -9.64
N TRP B 27 -30.62 -5.22 -10.54
CA TRP B 27 -30.41 -5.13 -12.00
C TRP B 27 -28.95 -5.21 -12.41
N VAL B 28 -28.08 -4.58 -11.62
CA VAL B 28 -26.65 -4.52 -11.89
C VAL B 28 -26.00 -5.89 -11.74
N ALA B 29 -26.31 -6.60 -10.64
CA ALA B 29 -25.52 -7.77 -10.21
C ALA B 29 -26.17 -9.03 -10.75
N THR B 30 -25.59 -9.59 -11.81
CA THR B 30 -26.08 -10.77 -12.51
C THR B 30 -25.02 -11.86 -12.44
N ALA B 31 -25.32 -13.01 -13.05
CA ALA B 31 -24.42 -14.16 -12.94
C ALA B 31 -23.02 -13.85 -13.47
N SER B 32 -22.89 -12.97 -14.47
CA SER B 32 -21.56 -12.67 -14.99
C SER B 32 -20.67 -12.05 -13.91
N LEU B 33 -21.23 -11.12 -13.14
CA LEU B 33 -20.48 -10.47 -12.07
C LEU B 33 -20.29 -11.41 -10.88
N ALA B 34 -21.38 -12.02 -10.39
CA ALA B 34 -21.28 -12.85 -9.20
C ALA B 34 -20.28 -13.98 -9.40
N SER B 35 -20.32 -14.66 -10.56
CA SER B 35 -19.43 -15.78 -10.76
C SER B 35 -17.98 -15.34 -10.86
N ALA B 36 -17.73 -14.16 -11.43
CA ALA B 36 -16.36 -13.67 -11.52
C ALA B 36 -15.79 -13.34 -10.15
N VAL B 37 -16.60 -12.75 -9.27
CA VAL B 37 -16.14 -12.42 -7.93
C VAL B 37 -15.84 -13.70 -7.14
N SER B 38 -16.75 -14.67 -7.22
CA SER B 38 -16.53 -15.93 -6.52
C SER B 38 -15.31 -16.66 -7.08
N ASN B 39 -15.14 -16.65 -8.41
CA ASN B 39 -13.97 -17.32 -9.00
C ASN B 39 -12.68 -16.63 -8.57
N ALA B 40 -12.74 -15.32 -8.32
CA ALA B 40 -11.59 -14.56 -7.84
C ALA B 40 -11.33 -14.74 -6.35
N GLY B 41 -12.18 -15.46 -5.64
CA GLY B 41 -11.94 -15.74 -4.23
C GLY B 41 -12.75 -14.95 -3.23
N GLY B 42 -13.58 -14.01 -3.69
CA GLY B 42 -14.53 -13.33 -2.84
C GLY B 42 -15.88 -14.00 -2.87
N LEU B 43 -16.91 -13.26 -2.42
CA LEU B 43 -18.29 -13.77 -2.47
C LEU B 43 -19.09 -12.94 -3.47
N GLY B 44 -19.37 -13.54 -4.63
CA GLY B 44 -20.30 -12.92 -5.56
C GLY B 44 -21.74 -13.06 -5.08
N ILE B 45 -22.57 -12.09 -5.46
CA ILE B 45 -23.97 -12.05 -5.02
CA ILE B 45 -23.97 -12.05 -5.02
C ILE B 45 -24.86 -11.74 -6.23
N ILE B 46 -25.82 -12.62 -6.48
CA ILE B 46 -26.88 -12.34 -7.44
C ILE B 46 -27.96 -11.51 -6.76
N ALA B 47 -28.35 -10.40 -7.36
CA ALA B 47 -29.39 -9.54 -6.79
C ALA B 47 -30.77 -10.00 -7.25
N ALA B 48 -31.66 -10.26 -6.29
CA ALA B 48 -33.06 -10.54 -6.65
C ALA B 48 -33.80 -9.27 -7.07
N GLY B 49 -33.45 -8.13 -6.48
CA GLY B 49 -34.15 -6.88 -6.76
C GLY B 49 -35.65 -7.04 -6.67
N ASN B 50 -36.36 -6.48 -7.65
CA ASN B 50 -37.80 -6.68 -7.79
C ASN B 50 -38.15 -7.78 -8.79
N ALA B 51 -37.20 -8.59 -9.20
CA ALA B 51 -37.46 -9.55 -10.27
C ALA B 51 -38.24 -10.75 -9.75
N PRO B 52 -39.03 -11.40 -10.61
CA PRO B 52 -39.83 -12.55 -10.18
C PRO B 52 -38.95 -13.79 -10.02
N LYS B 53 -39.56 -14.81 -9.40
CA LYS B 53 -38.83 -16.03 -9.07
C LYS B 53 -38.11 -16.61 -10.28
N GLU B 54 -38.82 -16.74 -11.41
CA GLU B 54 -38.27 -17.44 -12.55
C GLU B 54 -37.05 -16.73 -13.14
N ALA B 55 -37.00 -15.40 -13.05
CA ALA B 55 -35.84 -14.66 -13.55
C ALA B 55 -34.61 -14.89 -12.68
N ILE B 56 -34.78 -14.86 -11.36
CA ILE B 56 -33.64 -15.09 -10.48
C ILE B 56 -33.21 -16.55 -10.52
N LYS B 57 -34.14 -17.49 -10.70
CA LYS B 57 -33.78 -18.89 -10.90
C LYS B 57 -32.78 -19.05 -12.04
N LYS B 58 -33.05 -18.40 -13.18
CA LYS B 58 -32.14 -18.50 -14.32
C LYS B 58 -30.75 -17.98 -13.95
N GLU B 59 -30.69 -16.87 -13.19
CA GLU B 59 -29.40 -16.34 -12.78
C GLU B 59 -28.66 -17.33 -11.89
N ILE B 60 -29.37 -17.97 -10.96
CA ILE B 60 -28.73 -18.94 -10.08
C ILE B 60 -28.20 -20.12 -10.88
N VAL B 61 -29.03 -20.66 -11.78
CA VAL B 61 -28.63 -21.79 -12.61
C VAL B 61 -27.41 -21.42 -13.44
N GLU B 62 -27.44 -20.24 -14.07
CA GLU B 62 -26.31 -19.82 -14.88
C GLU B 62 -25.06 -19.60 -14.04
N CYS B 63 -25.22 -19.05 -12.85
CA CYS B 63 -24.07 -18.82 -11.97
C CYS B 63 -23.40 -20.13 -11.59
N LYS B 64 -24.18 -21.15 -11.25
CA LYS B 64 -23.58 -22.43 -10.88
C LYS B 64 -22.82 -23.06 -12.04
N LYS B 65 -23.20 -22.74 -13.29
CA LYS B 65 -22.43 -23.22 -14.43
C LYS B 65 -21.09 -22.51 -14.55
N LEU B 66 -20.98 -21.30 -14.01
CA LEU B 66 -19.80 -20.48 -14.21
C LEU B 66 -18.82 -20.51 -13.05
N THR B 67 -19.22 -21.01 -11.88
CA THR B 67 -18.31 -21.06 -10.76
C THR B 67 -18.63 -22.25 -9.88
N ASP B 68 -17.58 -22.84 -9.31
CA ASP B 68 -17.70 -23.89 -8.31
C ASP B 68 -17.54 -23.36 -6.90
N LYS B 69 -17.29 -22.05 -6.75
CA LYS B 69 -17.01 -21.41 -5.46
C LYS B 69 -18.31 -20.91 -4.83
N PRO B 70 -18.29 -20.57 -3.54
CA PRO B 70 -19.53 -20.07 -2.91
C PRO B 70 -19.97 -18.77 -3.53
N PHE B 71 -21.28 -18.64 -3.70
CA PHE B 71 -21.89 -17.34 -4.02
C PHE B 71 -23.19 -17.23 -3.24
N GLY B 72 -23.74 -16.02 -3.23
CA GLY B 72 -24.96 -15.74 -2.51
C GLY B 72 -26.01 -15.09 -3.40
N VAL B 73 -27.18 -14.89 -2.81
CA VAL B 73 -28.27 -14.15 -3.41
C VAL B 73 -28.68 -13.07 -2.42
N ASN B 74 -28.96 -11.86 -2.92
CA ASN B 74 -29.49 -10.79 -2.09
C ASN B 74 -31.01 -10.77 -2.22
N VAL B 75 -31.68 -10.87 -1.09
CA VAL B 75 -33.13 -10.72 -1.03
C VAL B 75 -33.42 -9.28 -0.67
N MET B 76 -34.04 -8.56 -1.60
CA MET B 76 -34.33 -7.16 -1.43
C MET B 76 -35.76 -7.16 -0.90
N LEU B 77 -35.93 -6.84 0.39
CA LEU B 77 -37.15 -7.21 1.11
C LEU B 77 -38.37 -6.41 0.70
N MET B 78 -38.18 -5.37 -0.11
CA MET B 78 -39.26 -4.53 -0.61
C MET B 78 -39.89 -5.15 -1.85
N SER B 79 -39.31 -6.25 -2.37
CA SER B 79 -39.78 -6.85 -3.61
C SER B 79 -41.20 -7.39 -3.44
N PRO B 80 -42.03 -7.31 -4.48
CA PRO B 80 -43.34 -7.98 -4.42
C PRO B 80 -43.25 -9.49 -4.45
N PHE B 81 -42.12 -10.05 -4.89
CA PHE B 81 -41.93 -11.49 -4.96
C PHE B 81 -41.06 -12.01 -3.82
N VAL B 82 -40.94 -11.26 -2.73
CA VAL B 82 -40.02 -11.63 -1.67
C VAL B 82 -40.31 -13.04 -1.18
N ASP B 83 -41.59 -13.41 -1.06
CA ASP B 83 -41.91 -14.74 -0.58
C ASP B 83 -41.45 -15.80 -1.57
N ASP B 84 -41.60 -15.55 -2.87
CA ASP B 84 -41.15 -16.50 -3.88
C ASP B 84 -39.62 -16.58 -3.90
N ILE B 85 -38.94 -15.46 -3.67
CA ILE B 85 -37.47 -15.49 -3.69
C ILE B 85 -36.95 -16.31 -2.52
N ILE B 86 -37.58 -16.15 -1.35
CA ILE B 86 -37.18 -16.94 -0.20
C ILE B 86 -37.38 -18.44 -0.48
N ASP B 87 -38.52 -18.79 -1.07
CA ASP B 87 -38.74 -20.18 -1.50
C ASP B 87 -37.61 -20.65 -2.41
N LEU B 88 -37.25 -19.82 -3.38
CA LEU B 88 -36.21 -20.17 -4.35
C LEU B 88 -34.87 -20.39 -3.67
N ILE B 89 -34.49 -19.51 -2.74
CA ILE B 89 -33.27 -19.66 -1.96
C ILE B 89 -33.19 -21.05 -1.34
N ILE B 90 -34.26 -21.45 -0.66
CA ILE B 90 -34.26 -22.73 0.02
C ILE B 90 -34.33 -23.88 -0.99
N GLU B 91 -35.13 -23.73 -2.05
CA GLU B 91 -35.24 -24.80 -3.04
C GLU B 91 -33.90 -25.03 -3.75
N GLU B 92 -33.20 -23.96 -4.11
CA GLU B 92 -31.96 -24.07 -4.87
C GLU B 92 -30.74 -24.34 -3.99
N LYS B 93 -30.91 -24.43 -2.67
CA LYS B 93 -29.82 -24.70 -1.73
C LYS B 93 -28.74 -23.63 -1.79
N VAL B 94 -29.16 -22.37 -1.88
CA VAL B 94 -28.21 -21.27 -1.86
C VAL B 94 -27.55 -21.21 -0.49
N GLN B 95 -26.21 -21.17 -0.48
CA GLN B 95 -25.44 -21.29 0.75
C GLN B 95 -25.58 -20.07 1.65
N VAL B 96 -25.73 -18.89 1.07
CA VAL B 96 -25.72 -17.66 1.84
C VAL B 96 -26.58 -16.63 1.13
N ILE B 97 -27.30 -15.87 1.92
CA ILE B 97 -28.03 -14.72 1.37
C ILE B 97 -27.66 -13.50 2.19
N THR B 98 -27.67 -12.36 1.51
CA THR B 98 -27.74 -11.08 2.18
C THR B 98 -29.16 -10.55 2.01
N THR B 99 -29.54 -9.61 2.86
CA THR B 99 -30.84 -8.99 2.74
C THR B 99 -30.68 -7.48 2.85
N GLY B 100 -31.61 -6.76 2.23
CA GLY B 100 -31.58 -5.31 2.31
C GLY B 100 -32.98 -4.75 2.32
N ALA B 101 -33.08 -3.49 2.73
CA ALA B 101 -34.31 -2.71 2.62
C ALA B 101 -35.42 -3.27 3.49
N GLY B 102 -35.06 -3.85 4.63
CA GLY B 102 -36.08 -4.22 5.59
C GLY B 102 -35.57 -5.19 6.63
N ASN B 103 -36.52 -5.78 7.34
CA ASN B 103 -36.27 -6.69 8.45
C ASN B 103 -36.67 -8.10 8.03
N PRO B 104 -35.71 -9.03 7.88
CA PRO B 104 -36.05 -10.37 7.39
C PRO B 104 -36.53 -11.32 8.49
N ALA B 105 -36.93 -10.77 9.64
CA ALA B 105 -37.19 -11.58 10.82
C ALA B 105 -38.08 -12.78 10.54
N LYS B 106 -39.14 -12.58 9.77
CA LYS B 106 -40.12 -13.65 9.59
C LYS B 106 -39.60 -14.84 8.79
N TYR B 107 -38.45 -14.70 8.11
CA TYR B 107 -37.87 -15.81 7.36
C TYR B 107 -36.70 -16.48 8.07
N MET B 108 -36.19 -15.92 9.17
CA MET B 108 -34.94 -16.41 9.76
C MET B 108 -35.01 -17.87 10.14
N ASP B 109 -36.12 -18.32 10.71
CA ASP B 109 -36.19 -19.71 11.15
C ASP B 109 -36.19 -20.69 9.97
N ARG B 110 -36.99 -20.41 8.93
CA ARG B 110 -36.96 -21.25 7.74
C ARG B 110 -35.56 -21.30 7.13
N LEU B 111 -34.87 -20.17 7.11
CA LEU B 111 -33.54 -20.11 6.51
C LEU B 111 -32.50 -20.81 7.37
N LYS B 112 -32.52 -20.54 8.67
CA LYS B 112 -31.61 -21.17 9.60
C LYS B 112 -31.78 -22.68 9.61
N GLU B 113 -33.01 -23.14 9.59
CA GLU B 113 -33.25 -24.59 9.63
C GLU B 113 -32.80 -25.25 8.33
N ALA B 114 -32.94 -24.54 7.20
CA ALA B 114 -32.51 -25.02 5.90
C ALA B 114 -30.99 -24.94 5.71
N GLY B 115 -30.26 -24.37 6.65
CA GLY B 115 -28.81 -24.30 6.55
C GLY B 115 -28.28 -23.09 5.85
N THR B 116 -29.14 -22.20 5.39
CA THR B 116 -28.71 -20.97 4.71
C THR B 116 -28.12 -20.00 5.73
N LYS B 117 -26.94 -19.47 5.42
CA LYS B 117 -26.36 -18.42 6.24
C LYS B 117 -26.98 -17.09 5.85
N VAL B 118 -27.38 -16.29 6.84
CA VAL B 118 -28.15 -15.08 6.59
C VAL B 118 -27.36 -13.88 7.06
N ILE B 119 -27.15 -12.91 6.16
CA ILE B 119 -26.35 -11.73 6.46
C ILE B 119 -27.16 -10.48 6.11
N PRO B 120 -27.92 -9.93 7.05
CA PRO B 120 -28.75 -8.75 6.75
C PRO B 120 -27.95 -7.47 6.78
N VAL B 121 -28.30 -6.55 5.90
CA VAL B 121 -27.85 -5.17 6.03
C VAL B 121 -28.62 -4.51 7.16
N VAL B 122 -27.91 -3.80 8.04
CA VAL B 122 -28.55 -3.14 9.18
C VAL B 122 -28.14 -1.67 9.23
N PRO B 123 -29.08 -0.74 9.33
CA PRO B 123 -28.72 0.68 9.46
C PRO B 123 -28.79 1.24 10.88
N THR B 124 -29.17 0.43 11.87
CA THR B 124 -29.27 0.87 13.26
C THR B 124 -28.68 -0.20 14.17
N ILE B 125 -28.25 0.24 15.36
CA ILE B 125 -27.81 -0.70 16.39
C ILE B 125 -28.92 -1.66 16.76
N ALA B 126 -30.15 -1.15 16.92
CA ALA B 126 -31.26 -2.01 17.35
C ALA B 126 -31.53 -3.13 16.35
N LEU B 127 -31.49 -2.83 15.06
CA LEU B 127 -31.71 -3.90 14.10
C LEU B 127 -30.54 -4.89 14.10
N ALA B 128 -29.31 -4.41 14.24
CA ALA B 128 -28.16 -5.31 14.35
C ALA B 128 -28.34 -6.28 15.51
N GLN B 129 -28.75 -5.76 16.67
CA GLN B 129 -28.89 -6.62 17.84
C GLN B 129 -30.03 -7.62 17.64
N ARG B 130 -31.11 -7.18 17.00
CA ARG B 130 -32.24 -8.07 16.72
C ARG B 130 -31.83 -9.18 15.75
N MET B 131 -31.04 -8.84 14.72
CA MET B 131 -30.60 -9.85 13.77
C MET B 131 -29.72 -10.89 14.44
N GLU B 132 -28.80 -10.44 15.31
CA GLU B 132 -27.98 -11.40 16.04
C GLU B 132 -28.86 -12.32 16.90
N LYS B 133 -29.88 -11.76 17.56
CA LYS B 133 -30.74 -12.61 18.37
C LYS B 133 -31.54 -13.61 17.56
N LEU B 134 -31.92 -13.25 16.35
CA LEU B 134 -32.66 -14.17 15.50
C LEU B 134 -31.77 -15.13 14.73
N GLY B 135 -30.46 -15.09 14.96
CA GLY B 135 -29.56 -16.08 14.41
C GLY B 135 -28.82 -15.67 13.15
N ALA B 136 -28.71 -14.38 12.85
CA ALA B 136 -27.90 -13.95 11.72
C ALA B 136 -26.47 -14.48 11.84
N THR B 137 -25.89 -14.86 10.69
CA THR B 137 -24.50 -15.30 10.65
C THR B 137 -23.53 -14.13 10.81
N ALA B 138 -23.88 -13.00 10.23
CA ALA B 138 -23.11 -11.77 10.24
C ALA B 138 -24.10 -10.66 9.93
N VAL B 139 -23.65 -9.40 10.04
CA VAL B 139 -24.49 -8.28 9.62
C VAL B 139 -23.61 -7.36 8.81
N ILE B 140 -24.25 -6.66 7.87
CA ILE B 140 -23.58 -5.65 7.04
C ILE B 140 -23.98 -4.27 7.54
N ALA B 141 -23.00 -3.50 7.99
CA ALA B 141 -23.23 -2.12 8.42
C ALA B 141 -22.96 -1.24 7.21
N GLU B 142 -24.02 -0.82 6.51
CA GLU B 142 -23.88 -0.02 5.30
C GLU B 142 -24.02 1.45 5.63
N GLY B 143 -22.96 2.22 5.36
CA GLY B 143 -23.02 3.65 5.56
C GLY B 143 -23.80 4.39 4.50
N THR B 144 -24.25 5.58 4.88
CA THR B 144 -25.03 6.45 4.01
C THR B 144 -24.30 6.82 2.72
N GLU B 145 -22.96 6.69 2.68
CA GLU B 145 -22.26 7.02 1.45
C GLU B 145 -22.42 5.98 0.36
N GLY B 146 -23.02 4.83 0.67
CA GLY B 146 -23.22 3.82 -0.35
C GLY B 146 -24.22 4.28 -1.40
N GLY B 147 -24.26 3.53 -2.50
CA GLY B 147 -25.25 3.77 -3.52
C GLY B 147 -26.58 3.07 -3.23
N GLY B 148 -27.63 3.55 -3.90
CA GLY B 148 -28.96 2.98 -3.79
C GLY B 148 -29.74 3.54 -2.62
N HIS B 149 -30.61 2.72 -2.05
CA HIS B 149 -31.41 3.13 -0.90
C HIS B 149 -30.54 3.16 0.34
N ILE B 150 -30.37 4.33 0.94
CA ILE B 150 -29.37 4.49 1.98
C ILE B 150 -30.03 4.72 3.33
N GLY B 151 -29.25 4.40 4.37
CA GLY B 151 -29.54 4.81 5.72
C GLY B 151 -28.95 6.17 6.00
N GLU B 152 -28.98 6.56 7.28
CA GLU B 152 -28.57 7.88 7.75
C GLU B 152 -27.13 7.92 8.27
N LEU B 153 -26.67 6.89 8.96
CA LEU B 153 -25.34 6.94 9.60
C LEU B 153 -24.24 6.62 8.61
N THR B 154 -23.09 7.29 8.77
CA THR B 154 -21.96 7.04 7.89
C THR B 154 -21.22 5.76 8.29
N THR B 155 -20.39 5.26 7.36
CA THR B 155 -19.62 4.04 7.62
C THR B 155 -18.69 4.23 8.82
N MET B 156 -18.07 5.42 8.93
CA MET B 156 -17.09 5.68 9.98
C MET B 156 -17.67 5.53 11.38
N VAL B 157 -18.93 5.90 11.58
CA VAL B 157 -19.56 5.77 12.90
C VAL B 157 -20.41 4.52 13.01
N LEU B 158 -20.96 4.02 11.91
CA LEU B 158 -21.88 2.87 12.01
C LEU B 158 -21.12 1.59 12.28
N VAL B 159 -20.00 1.35 11.57
CA VAL B 159 -19.26 0.10 11.79
C VAL B 159 -18.84 -0.09 13.24
N PRO B 160 -18.18 0.88 13.90
CA PRO B 160 -17.76 0.62 15.29
C PRO B 160 -18.94 0.47 16.24
N GLN B 161 -20.04 1.19 16.01
CA GLN B 161 -21.20 1.03 16.87
C GLN B 161 -21.82 -0.35 16.73
N VAL B 162 -21.89 -0.87 15.50
CA VAL B 162 -22.46 -2.20 15.32
C VAL B 162 -21.50 -3.24 15.90
N ALA B 163 -20.19 -3.07 15.70
CA ALA B 163 -19.24 -4.00 16.29
C ALA B 163 -19.32 -4.01 17.81
N ASP B 164 -19.56 -2.85 18.41
CA ASP B 164 -19.73 -2.74 19.86
C ASP B 164 -21.03 -3.38 20.36
N ALA B 165 -22.00 -3.58 19.46
CA ALA B 165 -23.33 -4.01 19.86
C ALA B 165 -23.56 -5.50 19.68
N VAL B 166 -22.79 -6.16 18.80
CA VAL B 166 -23.02 -7.57 18.51
C VAL B 166 -21.71 -8.33 18.62
N ASN B 167 -21.82 -9.66 18.78
CA ASN B 167 -20.64 -10.50 18.79
C ASN B 167 -20.41 -11.23 17.47
N ILE B 168 -21.37 -11.23 16.56
CA ILE B 168 -21.20 -11.90 15.27
C ILE B 168 -20.36 -10.97 14.39
N PRO B 169 -19.75 -11.47 13.31
CA PRO B 169 -18.92 -10.59 12.47
C PRO B 169 -19.71 -9.46 11.84
N VAL B 170 -19.03 -8.33 11.70
CA VAL B 170 -19.62 -7.15 11.09
C VAL B 170 -18.90 -6.90 9.78
N ILE B 171 -19.68 -6.69 8.71
CA ILE B 171 -19.16 -6.44 7.36
C ILE B 171 -19.43 -4.97 7.05
N ALA B 172 -18.36 -4.22 6.76
CA ALA B 172 -18.48 -2.80 6.44
C ALA B 172 -18.88 -2.62 4.99
N ALA B 173 -19.81 -1.70 4.73
CA ALA B 173 -20.21 -1.36 3.38
C ALA B 173 -20.48 0.14 3.29
N GLY B 174 -20.25 0.68 2.10
CA GLY B 174 -20.49 2.09 1.85
C GLY B 174 -19.17 2.85 1.82
N GLY B 175 -18.73 3.17 0.60
CA GLY B 175 -17.54 3.98 0.37
C GLY B 175 -16.25 3.21 0.18
N ILE B 176 -16.28 1.89 0.20
CA ILE B 176 -15.05 1.09 0.11
C ILE B 176 -14.77 0.77 -1.36
N VAL B 177 -13.64 1.24 -1.87
CA VAL B 177 -13.26 0.98 -3.26
C VAL B 177 -11.89 0.34 -3.39
N ASP B 178 -11.06 0.37 -2.36
CA ASP B 178 -9.69 -0.13 -2.47
C ASP B 178 -9.20 -0.58 -1.10
N GLY B 179 -7.90 -0.90 -1.01
CA GLY B 179 -7.36 -1.43 0.22
C GLY B 179 -7.35 -0.44 1.38
N ARG B 180 -7.42 0.86 1.07
CA ARG B 180 -7.49 1.85 2.14
C ARG B 180 -8.80 1.72 2.91
N GLY B 181 -9.90 1.56 2.17
CA GLY B 181 -11.18 1.41 2.83
C GLY B 181 -11.31 0.10 3.55
N ILE B 182 -10.64 -0.95 3.05
CA ILE B 182 -10.61 -2.23 3.75
C ILE B 182 -9.85 -2.09 5.06
N ALA B 183 -8.65 -1.52 5.00
CA ALA B 183 -7.89 -1.35 6.23
C ALA B 183 -8.65 -0.47 7.23
N ALA B 184 -9.26 0.62 6.73
CA ALA B 184 -10.06 1.47 7.61
C ALA B 184 -11.20 0.68 8.27
N SER B 185 -11.88 -0.13 7.47
CA SER B 185 -13.02 -0.88 7.97
C SER B 185 -12.59 -1.87 9.04
N PHE B 186 -11.48 -2.57 8.80
CA PHE B 186 -11.00 -3.53 9.79
C PHE B 186 -10.56 -2.81 11.06
N ALA B 187 -9.96 -1.63 10.93
CA ALA B 187 -9.60 -0.86 12.12
C ALA B 187 -10.83 -0.48 12.92
N LEU B 188 -11.96 -0.23 12.26
CA LEU B 188 -13.21 0.13 12.94
C LEU B 188 -13.91 -1.06 13.57
N GLY B 189 -13.46 -2.28 13.28
CA GLY B 189 -14.04 -3.47 13.90
C GLY B 189 -14.64 -4.47 12.92
N ALA B 190 -14.66 -4.18 11.63
CA ALA B 190 -15.23 -5.09 10.63
C ALA B 190 -14.34 -6.31 10.44
N SER B 191 -14.95 -7.42 10.01
CA SER B 191 -14.23 -8.65 9.65
C SER B 191 -14.23 -8.89 8.14
N ALA B 192 -14.87 -8.00 7.38
CA ALA B 192 -14.96 -8.14 5.93
C ALA B 192 -15.54 -6.83 5.41
N VAL B 193 -15.53 -6.68 4.08
CA VAL B 193 -16.17 -5.54 3.44
C VAL B 193 -17.13 -6.03 2.37
N GLN B 194 -18.14 -5.20 2.11
CA GLN B 194 -19.06 -5.37 1.00
C GLN B 194 -18.90 -4.15 0.09
N VAL B 195 -18.70 -4.43 -1.20
CA VAL B 195 -18.33 -3.43 -2.19
C VAL B 195 -19.36 -3.46 -3.30
N GLY B 196 -19.98 -2.31 -3.58
CA GLY B 196 -20.95 -2.25 -4.65
C GLY B 196 -20.43 -1.47 -5.85
N THR B 197 -20.40 -0.14 -5.70
CA THR B 197 -20.10 0.77 -6.80
C THR B 197 -18.80 0.41 -7.54
N ARG B 198 -17.75 0.03 -6.82
CA ARG B 198 -16.49 -0.30 -7.50
C ARG B 198 -16.68 -1.45 -8.48
N PHE B 199 -17.55 -2.42 -8.14
CA PHE B 199 -17.73 -3.57 -9.01
C PHE B 199 -18.64 -3.28 -10.20
N ILE B 200 -19.36 -2.15 -10.20
CA ILE B 200 -20.03 -1.75 -11.44
C ILE B 200 -19.00 -1.57 -12.54
N CYS B 201 -17.84 -1.02 -12.19
CA CYS B 201 -16.71 -0.88 -13.13
C CYS B 201 -15.74 -2.05 -13.07
N SER B 202 -16.25 -3.26 -12.89
CA SER B 202 -15.47 -4.42 -13.22
C SER B 202 -15.81 -4.83 -14.65
N GLU B 203 -14.86 -5.49 -15.31
CA GLU B 203 -15.10 -5.96 -16.67
C GLU B 203 -16.31 -6.87 -16.74
N GLU B 204 -16.47 -7.74 -15.74
CA GLU B 204 -17.49 -8.80 -15.83
C GLU B 204 -18.90 -8.32 -15.48
N CYS B 205 -19.04 -7.14 -14.88
CA CYS B 205 -20.36 -6.57 -14.68
C CYS B 205 -21.06 -6.39 -16.03
N SER B 206 -22.36 -6.72 -16.07
CA SER B 206 -23.09 -6.77 -17.33
C SER B 206 -23.85 -5.47 -17.65
N VAL B 207 -23.70 -4.42 -16.85
CA VAL B 207 -24.41 -3.17 -17.17
C VAL B 207 -23.88 -2.60 -18.48
N HIS B 208 -24.74 -1.82 -19.14
CA HIS B 208 -24.37 -1.06 -20.33
C HIS B 208 -23.09 -0.24 -20.10
N SER B 209 -22.25 -0.13 -21.14
CA SER B 209 -20.98 0.57 -20.96
C SER B 209 -21.17 2.02 -20.51
N ASN B 210 -22.30 2.65 -20.87
CA ASN B 210 -22.52 4.03 -20.44
C ASN B 210 -22.60 4.16 -18.93
N TYR B 211 -23.16 3.15 -18.25
CA TYR B 211 -23.23 3.15 -16.81
C TYR B 211 -21.82 3.11 -16.21
N LYS B 212 -20.98 2.17 -16.68
CA LYS B 212 -19.60 2.13 -16.25
C LYS B 212 -18.92 3.46 -16.50
N ASN B 213 -19.14 4.04 -17.68
CA ASN B 213 -18.44 5.28 -18.01
C ASN B 213 -18.91 6.45 -17.15
N LEU B 214 -20.21 6.51 -16.81
CA LEU B 214 -20.66 7.59 -15.93
C LEU B 214 -20.05 7.46 -14.55
N VAL B 215 -19.88 6.23 -14.06
CA VAL B 215 -19.20 6.06 -12.78
C VAL B 215 -17.76 6.52 -12.90
N LEU B 216 -17.08 6.17 -14.00
CA LEU B 216 -15.69 6.59 -14.18
C LEU B 216 -15.56 8.10 -14.20
N LYS B 217 -16.54 8.78 -14.78
CA LYS B 217 -16.49 10.23 -14.92
C LYS B 217 -16.97 10.98 -13.68
N ALA B 218 -17.51 10.27 -12.69
CA ALA B 218 -18.12 10.93 -11.54
C ALA B 218 -17.10 11.74 -10.77
N LYS B 219 -17.50 12.94 -10.37
CA LYS B 219 -16.71 13.85 -9.55
C LYS B 219 -17.08 13.69 -8.08
N ASP B 220 -16.35 14.40 -7.22
CA ASP B 220 -16.46 14.15 -5.79
C ASP B 220 -17.89 14.29 -5.28
N ARG B 221 -18.65 15.29 -5.74
CA ARG B 221 -19.98 15.49 -5.20
C ARG B 221 -21.11 15.05 -6.15
N ASP B 222 -20.81 14.15 -7.09
CA ASP B 222 -21.82 13.79 -8.09
C ASP B 222 -22.86 12.78 -7.62
N ALA B 223 -22.68 12.13 -6.46
CA ALA B 223 -23.63 11.08 -6.04
C ALA B 223 -24.64 11.73 -5.09
N ILE B 224 -25.73 12.24 -5.67
CA ILE B 224 -26.71 13.06 -4.94
C ILE B 224 -27.82 12.19 -4.37
N VAL B 225 -28.67 12.76 -3.53
CA VAL B 225 -29.70 12.02 -2.83
C VAL B 225 -31.05 12.57 -3.24
N THR B 226 -31.93 11.70 -3.74
CA THR B 226 -33.32 12.05 -3.96
C THR B 226 -34.16 11.30 -2.93
N GLY B 227 -35.40 11.75 -2.76
CA GLY B 227 -36.34 11.06 -1.90
C GLY B 227 -36.28 11.41 -0.43
N ARG B 228 -35.51 12.43 -0.05
CA ARG B 228 -35.44 12.82 1.36
C ARG B 228 -36.79 13.38 1.82
N SER B 229 -37.47 14.13 0.95
CA SER B 229 -38.80 14.65 1.25
C SER B 229 -39.73 13.57 1.76
N THR B 230 -39.51 12.34 1.30
CA THR B 230 -40.35 11.21 1.64
C THR B 230 -39.66 10.43 2.75
N GLY B 231 -39.68 9.11 2.68
CA GLY B 231 -39.04 8.34 3.72
C GLY B 231 -37.86 7.51 3.26
N HIS B 232 -37.59 7.50 1.95
CA HIS B 232 -36.62 6.59 1.34
C HIS B 232 -35.64 7.38 0.48
N PRO B 233 -34.61 7.93 1.08
CA PRO B 233 -33.53 8.52 0.28
C PRO B 233 -32.83 7.47 -0.58
N VAL B 234 -32.49 7.89 -1.79
CA VAL B 234 -31.81 7.07 -2.79
C VAL B 234 -30.63 7.86 -3.31
N ARG B 235 -29.45 7.25 -3.30
CA ARG B 235 -28.24 7.91 -3.78
C ARG B 235 -27.94 7.47 -5.21
N THR B 236 -27.74 8.45 -6.09
CA THR B 236 -27.59 8.18 -7.52
C THR B 236 -26.78 9.31 -8.15
N LEU B 237 -26.15 9.03 -9.28
CA LEU B 237 -25.30 10.04 -9.91
C LEU B 237 -26.14 11.16 -10.51
N LYS B 238 -25.55 12.38 -10.51
CA LYS B 238 -26.17 13.51 -11.20
C LYS B 238 -26.29 13.22 -12.68
N ASN B 239 -27.50 13.35 -13.21
CA ASN B 239 -27.75 13.34 -14.65
C ASN B 239 -29.07 14.04 -14.89
N LYS B 240 -29.53 14.07 -16.14
CA LYS B 240 -30.79 14.76 -16.43
C LYS B 240 -31.94 14.21 -15.59
N LEU B 241 -32.06 12.89 -15.50
CA LEU B 241 -33.12 12.27 -14.71
C LEU B 241 -33.08 12.69 -13.25
N SER B 242 -31.95 12.44 -12.60
CA SER B 242 -31.91 12.64 -11.16
C SER B 242 -32.06 14.12 -10.79
N LYS B 243 -31.52 15.01 -11.61
CA LYS B 243 -31.70 16.44 -11.35
C LYS B 243 -33.17 16.85 -11.48
N GLU B 244 -33.85 16.38 -12.54
CA GLU B 244 -35.25 16.76 -12.73
C GLU B 244 -36.15 16.08 -11.70
N PHE B 245 -35.80 14.86 -11.29
CA PHE B 245 -36.53 14.21 -10.21
C PHE B 245 -36.42 15.02 -8.92
N LEU B 246 -35.20 15.46 -8.58
CA LEU B 246 -34.99 16.25 -7.37
C LEU B 246 -35.79 17.55 -7.42
N LYS B 247 -35.80 18.19 -8.58
CA LYS B 247 -36.56 19.43 -8.73
C LYS B 247 -38.05 19.19 -8.58
N MET B 248 -38.52 18.04 -9.08
CA MET B 248 -39.94 17.69 -8.97
C MET B 248 -40.34 17.50 -7.52
N GLU B 249 -39.50 16.80 -6.73
CA GLU B 249 -39.72 16.67 -5.29
C GLU B 249 -39.81 18.04 -4.62
N GLN B 250 -38.85 18.91 -4.93
CA GLN B 250 -38.75 20.23 -4.30
C GLN B 250 -39.92 21.11 -4.68
N ASN B 251 -40.55 20.86 -5.83
CA ASN B 251 -41.71 21.60 -6.28
C ASN B 251 -43.01 20.88 -5.98
N GLY B 252 -42.99 19.94 -5.05
CA GLY B 252 -44.21 19.34 -4.56
C GLY B 252 -44.96 18.47 -5.54
N ALA B 253 -44.26 17.87 -6.51
CA ALA B 253 -44.90 16.90 -7.38
C ALA B 253 -45.53 15.79 -6.53
N THR B 254 -46.58 15.19 -7.06
CA THR B 254 -47.32 14.17 -6.32
C THR B 254 -46.55 12.85 -6.27
N PRO B 255 -46.90 11.96 -5.33
CA PRO B 255 -46.31 10.61 -5.36
C PRO B 255 -46.52 9.89 -6.67
N GLU B 256 -47.63 10.16 -7.37
CA GLU B 256 -47.87 9.53 -8.66
C GLU B 256 -46.92 10.09 -9.73
N GLU B 257 -46.83 11.42 -9.82
CA GLU B 257 -45.96 12.04 -10.80
C GLU B 257 -44.52 11.56 -10.65
N LEU B 258 -44.04 11.48 -9.41
CA LEU B 258 -42.70 10.97 -9.16
C LEU B 258 -42.59 9.52 -9.59
N ASP B 259 -43.64 8.73 -9.34
CA ASP B 259 -43.61 7.31 -9.69
C ASP B 259 -43.41 7.12 -11.18
N LYS B 260 -44.12 7.88 -12.00
CA LYS B 260 -43.96 7.70 -13.44
C LYS B 260 -42.56 8.14 -13.88
N LYS B 261 -42.04 9.20 -13.27
CA LYS B 261 -40.72 9.69 -13.65
C LYS B 261 -39.64 8.66 -13.32
N GLY B 262 -39.78 7.96 -12.19
CA GLY B 262 -38.73 7.09 -11.72
C GLY B 262 -38.90 5.63 -12.10
N THR B 263 -40.10 5.27 -12.57
CA THR B 263 -40.41 3.88 -12.93
C THR B 263 -39.47 3.41 -14.03
N GLY B 264 -38.80 2.30 -13.78
CA GLY B 264 -37.88 1.72 -14.74
C GLY B 264 -36.58 2.46 -14.92
N ALA B 265 -36.26 3.44 -14.07
CA ALA B 265 -35.09 4.28 -14.31
C ALA B 265 -33.79 3.50 -14.12
N LEU B 266 -33.70 2.66 -13.09
CA LEU B 266 -32.48 1.90 -12.92
C LEU B 266 -32.28 0.94 -14.09
N ARG B 267 -33.36 0.31 -14.56
CA ARG B 267 -33.27 -0.56 -15.72
C ARG B 267 -32.87 0.23 -16.98
N PHE B 268 -33.36 1.46 -17.15
CA PHE B 268 -32.89 2.26 -18.28
C PHE B 268 -31.38 2.47 -18.23
N ALA B 269 -30.83 2.56 -17.03
CA ALA B 269 -29.38 2.69 -16.86
C ALA B 269 -28.66 1.37 -17.18
N THR B 270 -29.11 0.25 -16.61
CA THR B 270 -28.33 -0.97 -16.73
C THR B 270 -28.50 -1.62 -18.09
N VAL B 271 -29.70 -1.55 -18.66
CA VAL B 271 -29.94 -2.21 -19.94
C VAL B 271 -29.59 -1.29 -21.10
N ASP B 272 -30.09 -0.05 -21.07
CA ASP B 272 -29.96 0.81 -22.23
C ASP B 272 -28.81 1.81 -22.10
N GLY B 273 -28.25 1.97 -20.88
CA GLY B 273 -27.26 3.01 -20.66
C GLY B 273 -27.77 4.40 -21.01
N ASP B 274 -29.04 4.67 -20.76
CA ASP B 274 -29.66 5.87 -21.31
C ASP B 274 -29.29 7.03 -20.38
N ILE B 275 -28.40 7.91 -20.85
CA ILE B 275 -27.81 8.89 -19.94
C ILE B 275 -28.83 9.94 -19.54
N GLU B 276 -29.93 10.06 -20.28
CA GLU B 276 -30.94 11.04 -19.88
C GLU B 276 -32.08 10.43 -19.08
N LYS B 277 -32.44 9.17 -19.32
CA LYS B 277 -33.56 8.55 -18.64
C LYS B 277 -33.17 7.61 -17.51
N GLY B 278 -31.89 7.24 -17.39
CA GLY B 278 -31.51 6.26 -16.40
C GLY B 278 -31.28 6.87 -15.04
N SER B 279 -31.48 6.07 -13.99
CA SER B 279 -30.99 6.39 -12.64
C SER B 279 -29.74 5.57 -12.42
N PHE B 280 -28.59 6.24 -12.45
CA PHE B 280 -27.29 5.58 -12.36
C PHE B 280 -26.89 5.54 -10.89
N MET B 281 -27.51 4.62 -10.15
CA MET B 281 -27.26 4.55 -8.72
C MET B 281 -25.81 4.14 -8.43
N ALA B 282 -25.23 4.81 -7.45
CA ALA B 282 -23.80 4.73 -7.16
C ALA B 282 -23.57 5.49 -5.88
N GLY B 283 -22.53 5.09 -5.16
CA GLY B 283 -22.20 5.73 -3.91
C GLY B 283 -21.30 6.93 -4.13
N GLN B 284 -21.04 7.64 -3.02
CA GLN B 284 -20.00 8.67 -3.06
C GLN B 284 -18.65 8.08 -3.47
N SER B 285 -18.48 6.78 -3.24
CA SER B 285 -17.39 5.98 -3.80
C SER B 285 -17.18 6.14 -5.30
N ALA B 286 -18.22 6.50 -6.08
CA ALA B 286 -18.06 6.58 -7.54
C ALA B 286 -16.91 7.52 -7.91
N ALA B 287 -16.73 8.59 -7.13
CA ALA B 287 -15.68 9.56 -7.44
C ALA B 287 -14.29 8.92 -7.42
N MET B 288 -14.12 7.89 -6.61
CA MET B 288 -12.82 7.24 -6.49
C MET B 288 -12.58 6.11 -7.49
N VAL B 289 -13.57 5.76 -8.30
CA VAL B 289 -13.41 4.68 -9.25
C VAL B 289 -12.77 5.26 -10.51
N LYS B 290 -11.63 4.70 -10.93
CA LYS B 290 -10.84 5.26 -12.03
C LYS B 290 -10.63 4.36 -13.23
N GLU B 291 -10.89 3.06 -13.12
CA GLU B 291 -10.55 2.09 -14.16
C GLU B 291 -11.60 1.00 -14.19
N ILE B 292 -11.85 0.48 -15.38
CA ILE B 292 -12.59 -0.77 -15.51
C ILE B 292 -11.58 -1.92 -15.53
N THR B 293 -11.79 -2.91 -14.66
CA THR B 293 -10.75 -3.86 -14.25
C THR B 293 -11.41 -5.21 -14.05
N PRO B 294 -10.75 -6.32 -14.38
CA PRO B 294 -11.33 -7.63 -14.04
C PRO B 294 -11.47 -7.80 -12.53
N CYS B 295 -12.50 -8.52 -12.12
CA CYS B 295 -12.75 -8.77 -10.70
C CYS B 295 -11.53 -9.35 -10.00
N LYS B 296 -10.84 -10.30 -10.64
CA LYS B 296 -9.66 -10.89 -10.01
C LYS B 296 -8.62 -9.82 -9.67
N GLU B 297 -8.32 -8.95 -10.62
CA GLU B 297 -7.35 -7.87 -10.35
C GLU B 297 -7.85 -6.92 -9.26
N ILE B 298 -9.15 -6.56 -9.28
CA ILE B 298 -9.68 -5.67 -8.25
C ILE B 298 -9.48 -6.27 -6.86
N ILE B 299 -9.87 -7.53 -6.69
CA ILE B 299 -9.84 -8.15 -5.38
C ILE B 299 -8.40 -8.39 -4.92
N GLU B 300 -7.56 -8.94 -5.80
CA GLU B 300 -6.17 -9.17 -5.40
C GLU B 300 -5.49 -7.86 -5.01
N ALA B 301 -5.74 -6.77 -5.75
CA ALA B 301 -5.07 -5.51 -5.45
C ALA B 301 -5.60 -4.92 -4.14
N MET B 302 -6.90 -5.08 -3.92
CA MET B 302 -7.59 -4.67 -2.70
C MET B 302 -6.94 -5.29 -1.48
N VAL B 303 -6.84 -6.63 -1.48
N VAL B 303 -6.81 -6.62 -1.48
CA VAL B 303 -6.27 -7.33 -0.35
CA VAL B 303 -6.28 -7.28 -0.29
C VAL B 303 -4.81 -6.96 -0.16
C VAL B 303 -4.79 -7.02 -0.14
N ASN B 304 -4.05 -6.90 -1.25
CA ASN B 304 -2.62 -6.65 -1.10
C ASN B 304 -2.39 -5.25 -0.53
N GLN B 305 -3.18 -4.27 -0.99
CA GLN B 305 -3.00 -2.90 -0.53
C GLN B 305 -3.43 -2.77 0.93
N ALA B 306 -4.49 -3.47 1.33
CA ALA B 306 -4.90 -3.45 2.73
C ALA B 306 -3.79 -3.98 3.63
N ARG B 307 -3.14 -5.08 3.21
N ARG B 307 -3.11 -5.06 3.20
CA ARG B 307 -2.03 -5.65 3.97
CA ARG B 307 -2.04 -5.62 4.01
C ARG B 307 -0.88 -4.66 4.06
C ARG B 307 -0.82 -4.71 4.05
N GLU B 308 -0.54 -4.00 2.96
CA GLU B 308 0.56 -3.04 2.95
C GLU B 308 0.31 -1.89 3.92
N ILE B 309 -0.94 -1.42 3.99
CA ILE B 309 -1.29 -0.29 4.84
C ILE B 309 -1.35 -0.72 6.29
N MET B 310 -1.88 -1.91 6.56
CA MET B 310 -2.13 -2.38 7.91
C MET B 310 -1.63 -3.82 8.01
N PRO B 311 -0.33 -4.04 8.18
CA PRO B 311 0.20 -5.41 8.21
C PRO B 311 -0.44 -6.29 9.26
N ALA B 312 -0.97 -5.72 10.33
CA ALA B 312 -1.62 -6.51 11.38
C ALA B 312 -3.02 -6.97 10.99
N ILE B 313 -3.52 -6.62 9.80
CA ILE B 313 -4.90 -6.91 9.44
C ILE B 313 -5.14 -8.41 9.41
N GLU B 314 -6.31 -8.82 9.92
CA GLU B 314 -6.64 -10.24 10.01
C GLU B 314 -7.47 -10.64 8.81
N LEU B 315 -6.80 -10.78 7.67
CA LEU B 315 -7.43 -11.27 6.46
C LEU B 315 -7.32 -12.81 6.35
N VAL C 1 32.19 16.69 8.00
CA VAL C 1 32.46 16.31 6.61
C VAL C 1 33.45 15.15 6.54
N PRO C 2 33.02 14.05 5.93
CA PRO C 2 33.86 12.83 5.88
C PRO C 2 35.14 13.04 5.11
N ARG C 3 36.20 12.36 5.55
CA ARG C 3 37.49 12.43 4.87
C ARG C 3 37.37 11.86 3.46
N GLY C 4 38.25 12.34 2.58
CA GLY C 4 38.23 11.88 1.20
C GLY C 4 38.57 10.41 1.06
N SER C 5 38.13 9.83 -0.05
CA SER C 5 38.30 8.41 -0.33
C SER C 5 39.58 8.19 -1.15
N HIS C 6 40.70 8.41 -0.46
CA HIS C 6 41.96 8.71 -1.15
C HIS C 6 42.58 7.47 -1.81
N MET C 7 42.51 6.31 -1.15
CA MET C 7 43.00 5.08 -1.76
C MET C 7 42.10 4.56 -2.87
N ASN C 8 40.83 4.95 -2.91
CA ASN C 8 39.87 4.30 -3.79
C ASN C 8 40.22 4.50 -5.26
N LYS C 9 40.17 3.42 -6.04
CA LYS C 9 40.67 3.53 -7.40
C LYS C 9 39.71 4.30 -8.31
N ILE C 10 38.40 4.28 -8.05
CA ILE C 10 37.50 5.12 -8.85
C ILE C 10 37.71 6.58 -8.52
N CYS C 11 37.91 6.90 -7.24
CA CYS C 11 38.18 8.29 -6.86
C CYS C 11 39.46 8.80 -7.51
N LYS C 12 40.46 7.93 -7.62
CA LYS C 12 41.74 8.31 -8.24
C LYS C 12 41.56 8.58 -9.73
N ILE C 13 40.90 7.67 -10.44
CA ILE C 13 40.75 7.83 -11.90
C ILE C 13 39.92 9.07 -12.24
N LEU C 14 38.84 9.30 -11.50
CA LEU C 14 37.91 10.38 -11.82
C LEU C 14 38.21 11.68 -11.09
N ASN C 15 39.16 11.69 -10.16
CA ASN C 15 39.48 12.86 -9.35
C ASN C 15 38.26 13.37 -8.58
N ILE C 16 37.53 12.45 -7.95
CA ILE C 16 36.40 12.81 -7.09
C ILE C 16 36.69 12.37 -5.67
N LYS C 17 35.98 13.00 -4.73
CA LYS C 17 36.28 12.79 -3.32
C LYS C 17 35.67 11.49 -2.80
N TYR C 18 34.45 11.19 -3.24
CA TYR C 18 33.74 9.99 -2.80
C TYR C 18 33.35 9.12 -4.00
N PRO C 19 33.37 7.77 -3.85
CA PRO C 19 33.03 6.87 -4.96
C PRO C 19 31.53 6.66 -5.10
N VAL C 20 30.82 7.78 -5.28
CA VAL C 20 29.37 7.80 -5.44
C VAL C 20 29.06 8.54 -6.73
N ILE C 21 28.48 7.85 -7.69
CA ILE C 21 28.04 8.42 -8.96
C ILE C 21 26.53 8.60 -8.93
N GLN C 22 26.06 9.80 -9.30
CA GLN C 22 24.63 10.00 -9.52
C GLN C 22 24.32 9.56 -10.94
N GLY C 23 23.52 8.52 -11.08
CA GLY C 23 23.30 7.93 -12.39
C GLY C 23 22.59 8.91 -13.31
N GLY C 24 22.97 8.87 -14.58
CA GLY C 24 22.23 9.64 -15.57
C GLY C 24 20.81 9.13 -15.62
N MET C 25 19.84 10.03 -15.45
CA MET C 25 18.45 9.67 -15.68
C MET C 25 17.80 10.62 -16.66
N ALA C 26 17.33 10.05 -17.77
CA ALA C 26 16.68 10.80 -18.84
C ALA C 26 15.60 11.71 -18.27
N TRP C 27 15.64 12.98 -18.69
CA TRP C 27 14.75 14.07 -18.28
C TRP C 27 14.93 14.47 -16.82
N VAL C 28 15.37 13.55 -15.97
CA VAL C 28 15.47 13.79 -14.54
C VAL C 28 16.76 14.52 -14.19
N ALA C 29 17.87 14.06 -14.75
CA ALA C 29 19.21 14.49 -14.36
C ALA C 29 19.63 15.66 -15.24
N THR C 30 19.49 16.86 -14.70
CA THR C 30 19.89 18.08 -15.38
C THR C 30 21.04 18.73 -14.61
N ALA C 31 21.44 19.91 -15.07
CA ALA C 31 22.61 20.58 -14.50
C ALA C 31 22.46 20.86 -13.01
N SER C 32 21.24 21.14 -12.54
CA SER C 32 21.06 21.44 -11.13
C SER C 32 21.40 20.24 -10.26
N LEU C 33 20.98 19.03 -10.69
CA LEU C 33 21.32 17.82 -9.93
C LEU C 33 22.79 17.46 -10.08
N ALA C 34 23.28 17.40 -11.32
CA ALA C 34 24.65 16.96 -11.54
C ALA C 34 25.66 17.86 -10.83
N SER C 35 25.44 19.19 -10.90
CA SER C 35 26.39 20.09 -10.27
C SER C 35 26.36 19.97 -8.75
N ALA C 36 25.19 19.70 -8.16
CA ALA C 36 25.10 19.52 -6.72
C ALA C 36 25.85 18.27 -6.26
N VAL C 37 25.75 17.19 -7.02
CA VAL C 37 26.44 15.96 -6.65
C VAL C 37 27.95 16.17 -6.74
N SER C 38 28.41 16.79 -7.83
CA SER C 38 29.83 17.03 -8.00
C SER C 38 30.37 17.98 -6.92
N ASN C 39 29.61 19.02 -6.60
CA ASN C 39 30.05 19.93 -5.54
C ASN C 39 30.11 19.23 -4.20
N ALA C 40 29.28 18.21 -4.00
CA ALA C 40 29.27 17.47 -2.75
C ALA C 40 30.35 16.39 -2.68
N GLY C 41 31.11 16.17 -3.76
CA GLY C 41 32.22 15.25 -3.74
C GLY C 41 32.02 13.98 -4.53
N GLY C 42 30.84 13.75 -5.10
CA GLY C 42 30.61 12.62 -5.97
C GLY C 42 30.79 13.01 -7.43
N LEU C 43 30.28 12.15 -8.31
CA LEU C 43 30.28 12.42 -9.74
C LEU C 43 28.84 12.66 -10.21
N GLY C 44 28.50 13.91 -10.49
CA GLY C 44 27.21 14.19 -11.09
C GLY C 44 27.23 13.85 -12.57
N ILE C 45 26.06 13.53 -13.11
CA ILE C 45 25.93 13.09 -14.50
CA ILE C 45 25.93 13.10 -14.50
C ILE C 45 24.74 13.79 -15.14
N ILE C 46 24.98 14.47 -16.26
CA ILE C 46 23.91 15.04 -17.09
C ILE C 46 23.42 13.96 -18.04
N ALA C 47 22.12 13.72 -18.06
CA ALA C 47 21.53 12.71 -18.95
C ALA C 47 21.24 13.28 -20.33
N ALA C 48 21.78 12.64 -21.36
CA ALA C 48 21.43 13.04 -22.72
C ALA C 48 20.05 12.51 -23.13
N GLY C 49 19.63 11.37 -22.59
CA GLY C 49 18.30 10.85 -22.91
C GLY C 49 18.03 10.79 -24.40
N ASN C 50 16.80 11.13 -24.77
N ASN C 50 16.81 11.19 -24.78
CA ASN C 50 16.40 11.25 -26.17
CA ASN C 50 16.38 11.26 -26.16
C ASN C 50 16.29 12.71 -26.60
C ASN C 50 16.50 12.68 -26.74
N ALA C 51 17.10 13.60 -25.99
CA ALA C 51 17.10 15.01 -26.32
C ALA C 51 18.11 15.33 -27.43
N PRO C 52 17.86 16.39 -28.19
CA PRO C 52 18.80 16.78 -29.26
C PRO C 52 20.06 17.44 -28.71
N LYS C 53 21.01 17.65 -29.63
CA LYS C 53 22.35 18.09 -29.27
C LYS C 53 22.33 19.44 -28.55
N GLU C 54 21.59 20.41 -29.08
CA GLU C 54 21.63 21.75 -28.50
C GLU C 54 21.01 21.80 -27.11
N ALA C 55 20.03 20.93 -26.84
CA ALA C 55 19.46 20.88 -25.49
C ALA C 55 20.48 20.38 -24.48
N ILE C 56 21.27 19.38 -24.86
CA ILE C 56 22.27 18.83 -23.95
C ILE C 56 23.46 19.77 -23.86
N LYS C 57 23.83 20.44 -24.95
CA LYS C 57 24.90 21.43 -24.86
C LYS C 57 24.56 22.49 -23.83
N LYS C 58 23.32 22.98 -23.82
CA LYS C 58 22.90 23.95 -22.82
C LYS C 58 23.09 23.41 -21.40
N GLU C 59 22.76 22.14 -21.17
CA GLU C 59 22.94 21.58 -19.83
C GLU C 59 24.41 21.53 -19.45
N ILE C 60 25.27 21.16 -20.39
CA ILE C 60 26.71 21.11 -20.10
C ILE C 60 27.22 22.49 -19.76
N VAL C 61 26.80 23.51 -20.52
CA VAL C 61 27.25 24.88 -20.27
C VAL C 61 26.81 25.34 -18.90
N GLU C 62 25.55 25.09 -18.55
CA GLU C 62 25.05 25.47 -17.23
C GLU C 62 25.83 24.78 -16.13
N CYS C 63 26.10 23.48 -16.31
CA CYS C 63 26.79 22.71 -15.27
C CYS C 63 28.19 23.26 -15.01
N LYS C 64 28.91 23.64 -16.07
CA LYS C 64 30.24 24.19 -15.89
C LYS C 64 30.21 25.51 -15.11
N LYS C 65 29.12 26.25 -15.19
CA LYS C 65 28.98 27.47 -14.39
C LYS C 65 28.72 27.16 -12.93
N LEU C 66 28.11 26.00 -12.64
CA LEU C 66 27.67 25.66 -11.30
C LEU C 66 28.65 24.80 -10.51
N THR C 67 29.59 24.14 -11.18
CA THR C 67 30.59 23.37 -10.46
C THR C 67 31.93 23.41 -11.18
N ASP C 68 33.00 23.36 -10.40
CA ASP C 68 34.35 23.21 -10.94
C ASP C 68 34.92 21.84 -10.61
N LYS C 69 34.08 20.91 -10.15
CA LYS C 69 34.45 19.55 -9.84
C LYS C 69 34.03 18.65 -10.98
N PRO C 70 34.57 17.42 -11.07
CA PRO C 70 34.29 16.59 -12.24
C PRO C 70 32.83 16.20 -12.33
N PHE C 71 32.31 16.21 -13.56
CA PHE C 71 31.00 15.67 -13.84
C PHE C 71 31.05 14.96 -15.17
N GLY C 72 30.03 14.13 -15.43
CA GLY C 72 29.96 13.38 -16.65
C GLY C 72 28.67 13.62 -17.41
N VAL C 73 28.58 12.98 -18.57
CA VAL C 73 27.37 12.96 -19.36
C VAL C 73 27.05 11.50 -19.65
N ASN C 74 25.78 11.14 -19.57
CA ASN C 74 25.35 9.81 -19.96
C ASN C 74 24.86 9.84 -21.39
N VAL C 75 25.43 8.98 -22.23
CA VAL C 75 24.98 8.78 -23.61
C VAL C 75 24.03 7.59 -23.62
N MET C 76 22.76 7.86 -23.89
CA MET C 76 21.75 6.81 -23.92
C MET C 76 21.67 6.34 -25.38
N LEU C 77 22.09 5.10 -25.61
CA LEU C 77 22.50 4.69 -26.95
C LEU C 77 21.34 4.41 -27.90
N MET C 78 20.10 4.32 -27.43
CA MET C 78 18.99 4.26 -28.39
C MET C 78 18.43 5.61 -28.76
N SER C 79 19.09 6.70 -28.39
CA SER C 79 18.63 8.02 -28.79
C SER C 79 18.71 8.18 -30.30
N PRO C 80 17.69 8.78 -30.94
CA PRO C 80 17.83 9.12 -32.37
C PRO C 80 18.97 10.07 -32.64
N PHE C 81 19.40 10.84 -31.63
CA PHE C 81 20.45 11.84 -31.78
C PHE C 81 21.80 11.34 -31.26
N VAL C 82 21.94 10.03 -31.09
CA VAL C 82 23.13 9.46 -30.44
C VAL C 82 24.41 9.91 -31.14
N ASP C 83 24.40 9.94 -32.48
CA ASP C 83 25.56 10.40 -33.23
C ASP C 83 25.93 11.82 -32.85
N ASP C 84 24.94 12.71 -32.80
CA ASP C 84 25.18 14.11 -32.44
C ASP C 84 25.66 14.24 -31.00
N ILE C 85 25.14 13.41 -30.10
CA ILE C 85 25.55 13.50 -28.70
C ILE C 85 27.02 13.12 -28.56
N ILE C 86 27.45 12.08 -29.27
CA ILE C 86 28.85 11.68 -29.24
C ILE C 86 29.75 12.80 -29.79
N ASP C 87 29.33 13.42 -30.90
CA ASP C 87 30.04 14.59 -31.40
C ASP C 87 30.14 15.66 -30.31
N LEU C 88 29.02 15.93 -29.63
CA LEU C 88 29.00 16.96 -28.60
C LEU C 88 29.96 16.64 -27.46
N ILE C 89 29.96 15.38 -27.01
CA ILE C 89 30.87 14.92 -25.96
C ILE C 89 32.30 15.30 -26.28
N ILE C 90 32.72 15.00 -27.51
CA ILE C 90 34.09 15.30 -27.90
C ILE C 90 34.29 16.82 -28.02
N GLU C 91 33.29 17.52 -28.56
CA GLU C 91 33.43 18.96 -28.79
C GLU C 91 33.64 19.72 -27.49
N GLU C 92 32.80 19.46 -26.47
CA GLU C 92 32.89 20.16 -25.20
C GLU C 92 33.93 19.56 -24.25
N LYS C 93 34.75 18.64 -24.77
CA LYS C 93 35.87 17.93 -24.15
C LYS C 93 35.44 17.11 -22.93
N VAL C 94 34.18 16.67 -22.88
CA VAL C 94 33.67 15.95 -21.71
C VAL C 94 34.64 14.85 -21.28
N GLN C 95 35.03 14.92 -20.01
CA GLN C 95 36.11 14.17 -19.38
C GLN C 95 35.71 12.72 -19.10
N VAL C 96 34.44 12.47 -18.76
CA VAL C 96 33.96 11.11 -18.52
C VAL C 96 32.53 11.00 -18.99
N ILE C 97 32.18 9.85 -19.57
CA ILE C 97 30.80 9.56 -19.91
C ILE C 97 30.45 8.18 -19.36
N THR C 98 29.18 8.02 -19.03
CA THR C 98 28.57 6.71 -18.89
C THR C 98 27.70 6.49 -20.12
N THR C 99 27.41 5.22 -20.40
CA THR C 99 26.54 4.89 -21.51
C THR C 99 25.52 3.87 -21.03
N GLY C 100 24.35 3.89 -21.64
CA GLY C 100 23.33 2.93 -21.30
C GLY C 100 22.52 2.54 -22.52
N ALA C 101 21.81 1.42 -22.38
CA ALA C 101 20.81 0.98 -23.34
C ALA C 101 21.44 0.54 -24.67
N GLY C 102 22.64 -0.01 -24.63
CA GLY C 102 23.24 -0.51 -25.85
C GLY C 102 24.73 -0.73 -25.69
N ASN C 103 25.35 -1.05 -26.82
CA ASN C 103 26.77 -1.32 -26.92
C ASN C 103 27.47 -0.15 -27.59
N PRO C 104 28.34 0.58 -26.89
CA PRO C 104 28.99 1.77 -27.46
C PRO C 104 30.20 1.47 -28.32
N ALA C 105 30.41 0.21 -28.71
CA ALA C 105 31.64 -0.24 -29.36
C ALA C 105 32.06 0.69 -30.50
N LYS C 106 31.12 1.04 -31.37
CA LYS C 106 31.45 1.78 -32.59
C LYS C 106 32.03 3.16 -32.32
N TYR C 107 31.92 3.67 -31.09
CA TYR C 107 32.41 4.99 -30.76
C TYR C 107 33.71 5.00 -29.96
N MET C 108 34.23 3.83 -29.58
CA MET C 108 35.26 3.81 -28.55
C MET C 108 36.58 4.39 -29.04
N ASP C 109 36.94 4.17 -30.31
CA ASP C 109 38.19 4.73 -30.81
C ASP C 109 38.17 6.25 -30.75
N ARG C 110 37.09 6.86 -31.22
CA ARG C 110 36.99 8.32 -31.18
C ARG C 110 37.04 8.85 -29.76
N LEU C 111 36.32 8.20 -28.84
CA LEU C 111 36.32 8.65 -27.46
C LEU C 111 37.71 8.51 -26.85
N LYS C 112 38.38 7.37 -27.09
CA LYS C 112 39.73 7.17 -26.57
C LYS C 112 40.70 8.18 -27.16
N GLU C 113 40.59 8.43 -28.46
CA GLU C 113 41.40 9.46 -29.10
C GLU C 113 41.22 10.81 -28.42
N ALA C 114 39.97 11.16 -28.07
CA ALA C 114 39.66 12.43 -27.44
C ALA C 114 40.03 12.47 -25.97
N GLY C 115 40.42 11.35 -25.37
CA GLY C 115 40.71 11.34 -23.95
C GLY C 115 39.50 11.19 -23.06
N THR C 116 38.31 10.93 -23.61
CA THR C 116 37.14 10.73 -22.80
C THR C 116 37.19 9.37 -22.11
N LYS C 117 37.03 9.35 -20.79
CA LYS C 117 36.90 8.09 -20.08
C LYS C 117 35.48 7.57 -20.25
N VAL C 118 35.36 6.27 -20.52
CA VAL C 118 34.08 5.67 -20.89
C VAL C 118 33.73 4.59 -19.88
N ILE C 119 32.54 4.72 -19.30
CA ILE C 119 32.04 3.80 -18.27
C ILE C 119 30.67 3.28 -18.69
N PRO C 120 30.61 2.20 -19.46
CA PRO C 120 29.31 1.69 -19.93
C PRO C 120 28.58 0.93 -18.84
N VAL C 121 27.26 1.06 -18.85
CA VAL C 121 26.40 0.16 -18.09
C VAL C 121 26.34 -1.17 -18.84
N VAL C 122 26.50 -2.26 -18.10
CA VAL C 122 26.48 -3.59 -18.72
C VAL C 122 25.50 -4.48 -17.95
N PRO C 123 24.69 -5.28 -18.64
CA PRO C 123 23.81 -6.21 -17.92
C PRO C 123 24.27 -7.65 -18.01
N THR C 124 25.39 -7.90 -18.68
CA THR C 124 25.86 -9.27 -18.88
C THR C 124 27.37 -9.33 -18.70
N ILE C 125 27.85 -10.54 -18.34
CA ILE C 125 29.28 -10.81 -18.29
C ILE C 125 29.93 -10.56 -19.64
N ALA C 126 29.30 -11.06 -20.71
CA ALA C 126 29.90 -10.95 -22.03
C ALA C 126 30.11 -9.49 -22.41
N LEU C 127 29.12 -8.65 -22.15
CA LEU C 127 29.27 -7.25 -22.51
C LEU C 127 30.33 -6.57 -21.66
N ALA C 128 30.38 -6.90 -20.36
CA ALA C 128 31.43 -6.34 -19.50
C ALA C 128 32.81 -6.66 -20.05
N GLN C 129 33.03 -7.92 -20.42
CA GLN C 129 34.35 -8.29 -20.96
C GLN C 129 34.63 -7.61 -22.29
N ARG C 130 33.62 -7.50 -23.15
CA ARG C 130 33.79 -6.78 -24.42
C ARG C 130 34.17 -5.33 -24.18
N MET C 131 33.54 -4.70 -23.19
CA MET C 131 33.84 -3.29 -22.91
C MET C 131 35.25 -3.12 -22.39
N GLU C 132 35.71 -4.04 -21.53
CA GLU C 132 37.08 -3.98 -21.06
C GLU C 132 38.08 -4.05 -22.21
N LYS C 133 37.87 -4.98 -23.15
CA LYS C 133 38.84 -5.11 -24.22
C LYS C 133 38.78 -3.96 -25.21
N LEU C 134 37.66 -3.25 -25.27
CA LEU C 134 37.56 -2.07 -26.10
C LEU C 134 38.06 -0.82 -25.39
N GLY C 135 38.53 -0.95 -24.15
CA GLY C 135 39.18 0.16 -23.47
C GLY C 135 38.32 0.91 -22.48
N ALA C 136 37.24 0.32 -22.00
CA ALA C 136 36.45 0.98 -20.96
C ALA C 136 37.31 1.26 -19.73
N THR C 137 37.10 2.43 -19.13
CA THR C 137 37.75 2.78 -17.87
C THR C 137 37.18 1.99 -16.71
N ALA C 138 35.88 1.73 -16.75
CA ALA C 138 35.19 0.97 -15.72
C ALA C 138 33.88 0.51 -16.33
N VAL C 139 33.17 -0.36 -15.63
CA VAL C 139 31.83 -0.76 -16.05
C VAL C 139 30.87 -0.61 -14.88
N ILE C 140 29.62 -0.29 -15.21
CA ILE C 140 28.55 -0.22 -14.23
C ILE C 140 27.70 -1.48 -14.36
N ALA C 141 27.66 -2.26 -13.30
CA ALA C 141 26.83 -3.46 -13.25
C ALA C 141 25.49 -3.06 -12.66
N GLU C 142 24.50 -2.81 -13.50
CA GLU C 142 23.18 -2.39 -13.01
C GLU C 142 22.26 -3.59 -12.85
N GLY C 143 21.83 -3.82 -11.61
CA GLY C 143 20.89 -4.88 -11.34
C GLY C 143 19.46 -4.54 -11.75
N THR C 144 18.67 -5.59 -11.91
CA THR C 144 17.28 -5.46 -12.36
C THR C 144 16.43 -4.62 -11.41
N GLU C 145 16.87 -4.44 -10.16
CA GLU C 145 16.05 -3.65 -9.25
C GLU C 145 16.12 -2.15 -9.54
N GLY C 146 17.01 -1.71 -10.42
CA GLY C 146 17.09 -0.30 -10.75
C GLY C 146 15.85 0.20 -11.47
N GLY C 147 15.73 1.55 -11.51
CA GLY C 147 14.67 2.16 -12.28
C GLY C 147 15.01 2.28 -13.76
N GLY C 148 13.97 2.52 -14.58
CA GLY C 148 14.18 2.70 -16.01
C GLY C 148 14.29 1.38 -16.77
N HIS C 149 15.02 1.41 -17.90
CA HIS C 149 15.24 0.22 -18.69
C HIS C 149 16.12 -0.74 -17.91
N ILE C 150 15.66 -1.98 -17.71
CA ILE C 150 16.39 -2.87 -16.82
C ILE C 150 16.87 -4.10 -17.57
N GLY C 151 17.94 -4.70 -17.03
CA GLY C 151 18.30 -6.06 -17.36
C GLY C 151 17.61 -7.04 -16.43
N GLU C 152 18.01 -8.31 -16.52
CA GLU C 152 17.36 -9.36 -15.76
C GLU C 152 18.11 -9.78 -14.50
N LEU C 153 19.43 -9.64 -14.46
CA LEU C 153 20.17 -10.12 -13.28
C LEU C 153 20.13 -9.10 -12.15
N THR C 154 20.05 -9.60 -10.92
CA THR C 154 19.99 -8.71 -9.77
C THR C 154 21.38 -8.22 -9.38
N THR C 155 21.41 -7.18 -8.55
CA THR C 155 22.68 -6.59 -8.16
C THR C 155 23.51 -7.59 -7.38
N MET C 156 22.85 -8.37 -6.50
CA MET C 156 23.55 -9.29 -5.62
C MET C 156 24.36 -10.32 -6.40
N VAL C 157 23.88 -10.72 -7.57
CA VAL C 157 24.60 -11.73 -8.36
C VAL C 157 25.40 -11.10 -9.51
N LEU C 158 24.96 -9.95 -10.01
CA LEU C 158 25.65 -9.37 -11.16
C LEU C 158 26.99 -8.75 -10.76
N VAL C 159 27.02 -8.01 -9.65
CA VAL C 159 28.29 -7.37 -9.23
C VAL C 159 29.40 -8.39 -9.06
N PRO C 160 29.24 -9.47 -8.26
CA PRO C 160 30.37 -10.40 -8.11
C PRO C 160 30.75 -11.10 -9.41
N GLN C 161 29.79 -11.37 -10.29
CA GLN C 161 30.13 -12.04 -11.55
C GLN C 161 30.92 -11.12 -12.47
N VAL C 162 30.54 -9.84 -12.51
CA VAL C 162 31.30 -8.89 -13.32
C VAL C 162 32.68 -8.67 -12.73
N ALA C 163 32.77 -8.53 -11.40
CA ALA C 163 34.10 -8.40 -10.78
C ALA C 163 34.97 -9.63 -11.07
N ASP C 164 34.35 -10.81 -11.16
CA ASP C 164 35.11 -12.02 -11.44
C ASP C 164 35.54 -12.10 -12.90
N ALA C 165 34.88 -11.34 -13.78
CA ALA C 165 35.08 -11.44 -15.23
C ALA C 165 36.03 -10.39 -15.81
N VAL C 166 36.23 -9.25 -15.13
CA VAL C 166 37.06 -8.17 -15.66
C VAL C 166 38.05 -7.74 -14.58
N ASN C 167 39.06 -7.00 -15.01
CA ASN C 167 40.03 -6.41 -14.09
C ASN C 167 39.80 -4.92 -13.85
N ILE C 168 39.05 -4.24 -14.71
CA ILE C 168 38.77 -2.82 -14.52
C ILE C 168 37.79 -2.68 -13.36
N PRO C 169 37.72 -1.52 -12.72
CA PRO C 169 36.81 -1.35 -11.57
C PRO C 169 35.35 -1.57 -11.97
N VAL C 170 34.58 -2.12 -11.04
CA VAL C 170 33.16 -2.38 -11.25
C VAL C 170 32.38 -1.46 -10.33
N ILE C 171 31.36 -0.79 -10.89
CA ILE C 171 30.50 0.13 -10.15
C ILE C 171 29.14 -0.54 -10.01
N ALA C 172 28.68 -0.69 -8.77
CA ALA C 172 27.38 -1.33 -8.52
C ALA C 172 26.26 -0.31 -8.71
N ALA C 173 25.16 -0.75 -9.33
CA ALA C 173 23.99 0.10 -9.46
C ALA C 173 22.74 -0.76 -9.39
N GLY C 174 21.66 -0.15 -8.89
CA GLY C 174 20.38 -0.83 -8.77
C GLY C 174 20.15 -1.18 -7.32
N GLY C 175 19.28 -0.43 -6.67
CA GLY C 175 18.87 -0.72 -5.32
C GLY C 175 19.66 -0.04 -4.22
N ILE C 176 20.63 0.81 -4.55
CA ILE C 176 21.49 1.42 -3.52
C ILE C 176 20.91 2.77 -3.14
N VAL C 177 20.56 2.93 -1.85
CA VAL C 177 19.98 4.21 -1.39
C VAL C 177 20.73 4.77 -0.20
N ASP C 178 21.57 3.97 0.46
CA ASP C 178 22.25 4.47 1.66
C ASP C 178 23.55 3.69 1.84
N GLY C 179 24.21 3.89 2.98
CA GLY C 179 25.49 3.25 3.23
C GLY C 179 25.44 1.74 3.36
N ARG C 180 24.29 1.17 3.70
CA ARG C 180 24.18 -0.29 3.73
C ARG C 180 24.40 -0.86 2.34
N GLY C 181 23.74 -0.28 1.33
CA GLY C 181 23.93 -0.73 -0.04
C GLY C 181 25.36 -0.52 -0.54
N ILE C 182 26.00 0.57 -0.09
CA ILE C 182 27.39 0.79 -0.48
C ILE C 182 28.28 -0.29 0.12
N ALA C 183 28.15 -0.52 1.43
CA ALA C 183 28.99 -1.55 2.07
C ALA C 183 28.73 -2.90 1.43
N ALA C 184 27.46 -3.23 1.18
CA ALA C 184 27.17 -4.52 0.53
C ALA C 184 27.84 -4.59 -0.85
N SER C 185 27.74 -3.51 -1.64
CA SER C 185 28.34 -3.51 -2.98
C SER C 185 29.84 -3.74 -2.92
N PHE C 186 30.53 -3.09 -1.97
CA PHE C 186 31.98 -3.28 -1.85
C PHE C 186 32.31 -4.70 -1.39
N ALA C 187 31.48 -5.26 -0.50
CA ALA C 187 31.67 -6.66 -0.14
C ALA C 187 31.58 -7.58 -1.37
N LEU C 188 30.74 -7.23 -2.32
CA LEU C 188 30.57 -8.02 -3.54
C LEU C 188 31.69 -7.80 -4.56
N GLY C 189 32.58 -6.82 -4.34
CA GLY C 189 33.67 -6.56 -5.26
C GLY C 189 33.61 -5.24 -6.02
N ALA C 190 32.59 -4.42 -5.78
CA ALA C 190 32.51 -3.12 -6.43
C ALA C 190 33.55 -2.16 -5.84
N SER C 191 33.93 -1.17 -6.66
CA SER C 191 34.80 -0.09 -6.22
C SER C 191 34.08 1.24 -6.07
N ALA C 192 32.79 1.30 -6.40
CA ALA C 192 31.99 2.52 -6.34
C ALA C 192 30.53 2.11 -6.54
N VAL C 193 29.63 3.06 -6.36
CA VAL C 193 28.21 2.82 -6.58
C VAL C 193 27.68 3.91 -7.49
N GLN C 194 26.66 3.54 -8.25
CA GLN C 194 25.86 4.50 -9.00
C GLN C 194 24.45 4.47 -8.41
N VAL C 195 23.94 5.66 -8.11
CA VAL C 195 22.67 5.86 -7.42
C VAL C 195 21.76 6.69 -8.30
N GLY C 196 20.55 6.18 -8.57
CA GLY C 196 19.58 6.91 -9.37
C GLY C 196 18.38 7.38 -8.55
N THR C 197 17.50 6.42 -8.20
CA THR C 197 16.22 6.76 -7.61
C THR C 197 16.37 7.64 -6.37
N ARG C 198 17.35 7.35 -5.50
CA ARG C 198 17.50 8.15 -4.29
C ARG C 198 17.70 9.63 -4.62
N PHE C 199 18.41 9.92 -5.70
CA PHE C 199 18.69 11.30 -6.06
C PHE C 199 17.51 12.00 -6.71
N ILE C 200 16.46 11.27 -7.10
CA ILE C 200 15.24 11.96 -7.52
C ILE C 200 14.69 12.78 -6.37
N CYS C 201 14.76 12.23 -5.17
CA CYS C 201 14.36 12.93 -3.95
C CYS C 201 15.50 13.67 -3.30
N SER C 202 16.33 14.32 -4.11
CA SER C 202 17.22 15.33 -3.62
C SER C 202 16.57 16.68 -3.82
N GLU C 203 16.97 17.65 -2.97
CA GLU C 203 16.41 18.98 -3.13
C GLU C 203 16.77 19.58 -4.47
N GLU C 204 17.96 19.28 -5.00
CA GLU C 204 18.46 19.90 -6.21
C GLU C 204 17.96 19.25 -7.50
N CYS C 205 17.40 18.04 -7.43
CA CYS C 205 16.79 17.47 -8.62
C CYS C 205 15.60 18.33 -9.05
N SER C 206 15.51 18.57 -10.36
CA SER C 206 14.56 19.54 -10.89
C SER C 206 13.20 18.97 -11.27
N VAL C 207 12.95 17.67 -11.03
CA VAL C 207 11.65 17.10 -11.40
C VAL C 207 10.55 17.75 -10.58
N HIS C 208 9.34 17.70 -11.13
CA HIS C 208 8.15 18.19 -10.44
C HIS C 208 7.99 17.54 -9.09
N SER C 209 7.49 18.32 -8.12
CA SER C 209 7.30 17.83 -6.75
C SER C 209 6.43 16.58 -6.70
N ASN C 210 5.45 16.45 -7.59
CA ASN C 210 4.60 15.26 -7.60
C ASN C 210 5.42 13.99 -7.85
N TYR C 211 6.45 14.07 -8.69
CA TYR C 211 7.33 12.93 -8.93
C TYR C 211 8.07 12.56 -7.65
N LYS C 212 8.69 13.55 -7.00
CA LYS C 212 9.37 13.28 -5.73
C LYS C 212 8.41 12.67 -4.72
N ASN C 213 7.18 13.20 -4.66
CA ASN C 213 6.25 12.70 -3.65
C ASN C 213 5.74 11.30 -3.97
N LEU C 214 5.62 10.95 -5.25
CA LEU C 214 5.26 9.57 -5.56
C LEU C 214 6.35 8.61 -5.13
N VAL C 215 7.63 9.00 -5.27
CA VAL C 215 8.71 8.14 -4.80
C VAL C 215 8.64 8.00 -3.29
N LEU C 216 8.42 9.11 -2.58
CA LEU C 216 8.29 9.08 -1.12
C LEU C 216 7.16 8.16 -0.68
N LYS C 217 6.03 8.18 -1.39
CA LYS C 217 4.86 7.38 -1.03
C LYS C 217 4.98 5.91 -1.46
N ALA C 218 5.94 5.57 -2.31
CA ALA C 218 6.02 4.22 -2.87
C ALA C 218 6.14 3.15 -1.79
N LYS C 219 5.35 2.08 -1.93
CA LYS C 219 5.42 0.92 -1.04
C LYS C 219 6.39 -0.11 -1.60
N ASP C 220 6.62 -1.19 -0.85
CA ASP C 220 7.71 -2.10 -1.18
C ASP C 220 7.61 -2.64 -2.61
N ARG C 221 6.40 -2.96 -3.10
CA ARG C 221 6.28 -3.60 -4.40
C ARG C 221 5.69 -2.68 -5.47
N ASP C 222 5.81 -1.36 -5.29
CA ASP C 222 5.20 -0.41 -6.22
C ASP C 222 6.01 -0.19 -7.50
N ALA C 223 7.26 -0.62 -7.58
CA ALA C 223 8.05 -0.34 -8.79
C ALA C 223 7.95 -1.57 -9.72
N ILE C 224 6.93 -1.55 -10.57
CA ILE C 224 6.58 -2.70 -11.40
C ILE C 224 7.28 -2.63 -12.75
N VAL C 225 7.24 -3.74 -13.49
CA VAL C 225 7.92 -3.85 -14.77
C VAL C 225 6.90 -3.91 -15.89
N THR C 226 7.02 -3.00 -16.84
CA THR C 226 6.19 -2.99 -18.04
C THR C 226 7.07 -3.28 -19.25
N GLY C 227 6.45 -3.72 -20.33
CA GLY C 227 7.19 -3.92 -21.55
C GLY C 227 7.94 -5.23 -21.66
N ARG C 228 7.70 -6.18 -20.74
CA ARG C 228 8.33 -7.48 -20.87
C ARG C 228 7.99 -8.11 -22.22
N SER C 229 6.78 -7.87 -22.72
CA SER C 229 6.33 -8.41 -24.00
C SER C 229 7.09 -7.83 -25.19
N THR C 230 8.06 -6.96 -24.92
CA THR C 230 8.74 -6.21 -25.96
C THR C 230 10.25 -6.46 -25.96
N GLY C 231 10.76 -7.25 -25.03
CA GLY C 231 12.19 -7.34 -24.86
C GLY C 231 12.84 -6.08 -24.33
N HIS C 232 12.04 -5.06 -24.00
CA HIS C 232 12.55 -3.81 -23.43
C HIS C 232 11.77 -3.48 -22.15
N PRO C 233 11.95 -4.30 -21.12
CA PRO C 233 11.27 -4.04 -19.85
C PRO C 233 11.72 -2.72 -19.25
N VAL C 234 10.78 -2.04 -18.60
CA VAL C 234 11.04 -0.77 -17.93
C VAL C 234 10.43 -0.86 -16.54
N ARG C 235 11.16 -0.40 -15.53
CA ARG C 235 10.67 -0.40 -14.16
C ARG C 235 10.16 0.99 -13.80
N THR C 236 8.91 1.04 -13.34
CA THR C 236 8.24 2.31 -13.09
C THR C 236 7.21 2.12 -11.98
N LEU C 237 6.83 3.22 -11.34
CA LEU C 237 5.89 3.13 -10.23
C LEU C 237 4.47 2.84 -10.71
N LYS C 238 3.73 2.12 -9.87
CA LYS C 238 2.30 1.91 -10.10
C LYS C 238 1.55 3.23 -10.18
N ASN C 239 0.86 3.47 -11.30
CA ASN C 239 -0.06 4.60 -11.43
C ASN C 239 -1.03 4.28 -12.56
N LYS C 240 -1.92 5.23 -12.85
CA LYS C 240 -2.93 4.98 -13.88
C LYS C 240 -2.29 4.56 -15.21
N LEU C 241 -1.20 5.23 -15.60
CA LEU C 241 -0.57 4.95 -16.89
C LEU C 241 0.05 3.56 -16.92
N SER C 242 1.07 3.35 -16.09
CA SER C 242 1.78 2.06 -16.09
C SER C 242 0.79 0.91 -15.92
N LYS C 243 -0.26 1.16 -15.17
CA LYS C 243 -1.19 0.11 -14.82
C LYS C 243 -2.14 -0.22 -15.98
N GLU C 244 -2.52 0.82 -16.74
CA GLU C 244 -3.20 0.63 -18.01
C GLU C 244 -2.27 0.04 -19.05
N PHE C 245 -1.00 0.46 -19.04
CA PHE C 245 0.00 -0.09 -19.96
C PHE C 245 0.11 -1.60 -19.81
N LEU C 246 0.16 -2.07 -18.56
CA LEU C 246 0.19 -3.51 -18.29
C LEU C 246 -1.07 -4.20 -18.84
N LYS C 247 -2.25 -3.67 -18.49
CA LYS C 247 -3.49 -4.29 -18.93
C LYS C 247 -3.54 -4.43 -20.45
N MET C 248 -2.92 -3.51 -21.19
CA MET C 248 -2.86 -3.64 -22.64
C MET C 248 -1.99 -4.83 -23.05
N GLU C 249 -0.80 -4.96 -22.44
CA GLU C 249 0.07 -6.10 -22.75
C GLU C 249 -0.65 -7.42 -22.52
N GLN C 250 -1.28 -7.58 -21.36
CA GLN C 250 -1.97 -8.82 -21.04
C GLN C 250 -3.19 -9.02 -21.93
N ASN C 251 -3.75 -7.94 -22.49
CA ASN C 251 -4.76 -8.04 -23.53
C ASN C 251 -4.15 -8.16 -24.92
N GLY C 252 -2.91 -8.64 -25.02
CA GLY C 252 -2.29 -8.94 -26.31
C GLY C 252 -2.12 -7.76 -27.22
N ALA C 253 -1.71 -6.61 -26.69
CA ALA C 253 -1.53 -5.45 -27.53
C ALA C 253 -0.17 -5.47 -28.22
N THR C 254 -0.10 -4.86 -29.40
CA THR C 254 1.08 -5.01 -30.24
C THR C 254 2.16 -4.04 -29.81
N PRO C 255 3.41 -4.25 -30.26
CA PRO C 255 4.46 -3.25 -29.99
C PRO C 255 4.11 -1.81 -30.38
N GLU C 256 3.28 -1.58 -31.41
CA GLU C 256 3.03 -0.20 -31.83
C GLU C 256 1.87 0.48 -31.13
N GLU C 257 0.86 -0.24 -30.64
CA GLU C 257 -0.11 0.44 -29.80
C GLU C 257 0.46 0.71 -28.41
N LEU C 258 1.47 -0.06 -27.99
CA LEU C 258 2.14 0.18 -26.71
C LEU C 258 2.91 1.50 -26.72
N ASP C 259 3.85 1.68 -27.66
CA ASP C 259 4.66 2.90 -27.60
C ASP C 259 3.85 4.16 -27.87
N LYS C 260 2.72 4.04 -28.58
CA LYS C 260 1.88 5.22 -28.80
C LYS C 260 1.18 5.62 -27.51
N LYS C 261 0.98 4.66 -26.60
CA LYS C 261 0.43 4.98 -25.29
C LYS C 261 1.45 5.71 -24.43
N GLY C 262 2.74 5.35 -24.55
CA GLY C 262 3.77 5.84 -23.67
C GLY C 262 4.67 6.94 -24.21
N THR C 263 4.40 7.47 -25.40
CA THR C 263 5.23 8.55 -25.92
C THR C 263 5.13 9.79 -25.02
N GLY C 264 6.28 10.35 -24.66
CA GLY C 264 6.33 11.51 -23.80
C GLY C 264 5.86 11.27 -22.38
N ALA C 265 5.80 10.02 -21.93
CA ALA C 265 5.27 9.71 -20.61
C ALA C 265 6.22 10.15 -19.50
N LEU C 266 7.52 9.93 -19.68
CA LEU C 266 8.51 10.39 -18.70
C LEU C 266 8.51 11.92 -18.61
N ARG C 267 8.33 12.62 -19.74
CA ARG C 267 8.27 14.08 -19.69
C ARG C 267 7.03 14.57 -18.93
N PHE C 268 5.88 13.91 -19.15
CA PHE C 268 4.69 14.22 -18.35
C PHE C 268 4.97 14.08 -16.85
N ALA C 269 5.82 13.13 -16.48
CA ALA C 269 6.12 12.93 -15.07
C ALA C 269 7.04 14.03 -14.54
N THR C 270 8.13 14.32 -15.26
CA THR C 270 9.17 15.21 -14.75
C THR C 270 8.80 16.68 -14.88
N VAL C 271 8.08 17.04 -15.94
CA VAL C 271 7.73 18.44 -16.19
C VAL C 271 6.41 18.77 -15.52
N ASP C 272 5.35 18.04 -15.88
CA ASP C 272 4.02 18.36 -15.40
C ASP C 272 3.67 17.68 -14.08
N GLY C 273 4.43 16.67 -13.67
CA GLY C 273 4.06 15.94 -12.48
C GLY C 273 2.69 15.31 -12.60
N ASP C 274 2.30 14.91 -13.81
CA ASP C 274 0.96 14.41 -14.09
C ASP C 274 0.81 13.00 -13.56
N ILE C 275 0.07 12.87 -12.46
CA ILE C 275 -0.08 11.60 -11.78
C ILE C 275 -0.81 10.58 -12.64
N GLU C 276 -1.63 11.02 -13.59
CA GLU C 276 -2.34 10.10 -14.47
C GLU C 276 -1.54 9.74 -15.73
N LYS C 277 -0.94 10.73 -16.38
CA LYS C 277 -0.32 10.54 -17.69
C LYS C 277 1.19 10.29 -17.61
N GLY C 278 1.80 10.45 -16.46
CA GLY C 278 3.24 10.31 -16.35
C GLY C 278 3.68 8.87 -16.15
N SER C 279 4.89 8.58 -16.62
CA SER C 279 5.60 7.36 -16.27
C SER C 279 6.68 7.73 -15.24
N PHE C 280 6.45 7.33 -14.00
CA PHE C 280 7.33 7.71 -12.89
C PHE C 280 8.35 6.61 -12.68
N MET C 281 9.36 6.60 -13.55
CA MET C 281 10.35 5.54 -13.51
C MET C 281 11.17 5.64 -12.23
N ALA C 282 11.45 4.48 -11.64
CA ALA C 282 12.03 4.39 -10.33
C ALA C 282 12.35 2.93 -10.06
N GLY C 283 13.38 2.70 -9.24
CA GLY C 283 13.71 1.34 -8.89
C GLY C 283 12.89 0.81 -7.73
N GLN C 284 13.10 -0.47 -7.42
CA GLN C 284 12.56 -1.01 -6.18
C GLN C 284 13.11 -0.24 -4.97
N SER C 285 14.25 0.43 -5.16
CA SER C 285 14.79 1.35 -4.17
C SER C 285 13.83 2.45 -3.77
N ALA C 286 12.84 2.77 -4.62
CA ALA C 286 11.90 3.84 -4.27
C ALA C 286 11.25 3.63 -2.90
N ALA C 287 10.93 2.37 -2.56
CA ALA C 287 10.26 2.09 -1.30
C ALA C 287 11.09 2.52 -0.09
N MET C 288 12.41 2.57 -0.25
CA MET C 288 13.36 2.89 0.80
C MET C 288 13.60 4.38 0.92
N VAL C 289 13.13 5.18 -0.03
CA VAL C 289 13.40 6.63 -0.04
C VAL C 289 12.34 7.32 0.81
N LYS C 290 12.77 8.00 1.89
CA LYS C 290 11.85 8.55 2.89
C LYS C 290 11.87 10.07 3.02
N GLU C 291 12.84 10.75 2.43
CA GLU C 291 12.96 12.19 2.68
C GLU C 291 13.58 12.84 1.44
N ILE C 292 13.21 14.11 1.22
CA ILE C 292 13.85 14.94 0.20
C ILE C 292 14.93 15.74 0.92
N THR C 293 16.17 15.62 0.45
CA THR C 293 17.39 15.95 1.17
C THR C 293 18.37 16.61 0.21
N PRO C 294 19.16 17.58 0.68
CA PRO C 294 20.25 18.08 -0.18
C PRO C 294 21.24 16.97 -0.51
N CYS C 295 21.75 17.03 -1.74
CA CYS C 295 22.73 16.04 -2.19
C CYS C 295 23.92 15.92 -1.24
N LYS C 296 24.40 17.05 -0.72
CA LYS C 296 25.53 17.01 0.22
C LYS C 296 25.22 16.12 1.43
N GLU C 297 24.02 16.26 1.98
CA GLU C 297 23.66 15.44 3.13
C GLU C 297 23.47 13.97 2.73
N ILE C 298 22.87 13.71 1.58
CA ILE C 298 22.70 12.33 1.11
C ILE C 298 24.06 11.65 1.01
N ILE C 299 25.02 12.31 0.34
CA ILE C 299 26.30 11.67 0.06
C ILE C 299 27.13 11.53 1.32
N GLU C 300 27.19 12.57 2.16
CA GLU C 300 27.97 12.45 3.38
C GLU C 300 27.41 11.39 4.31
N ALA C 301 26.08 11.29 4.42
CA ALA C 301 25.50 10.23 5.26
C ALA C 301 25.80 8.84 4.70
N MET C 302 25.77 8.72 3.38
CA MET C 302 26.08 7.45 2.69
C MET C 302 27.49 6.99 3.05
N VAL C 303 28.47 7.89 2.91
CA VAL C 303 29.86 7.57 3.19
C VAL C 303 30.05 7.25 4.67
N ASN C 304 29.51 8.10 5.54
CA ASN C 304 29.68 7.87 6.98
C ASN C 304 29.08 6.54 7.40
N GLN C 305 27.89 6.22 6.87
CA GLN C 305 27.22 4.98 7.24
C GLN C 305 27.97 3.76 6.72
N ALA C 306 28.42 3.83 5.46
CA ALA C 306 29.17 2.70 4.91
C ALA C 306 30.42 2.41 5.72
N ARG C 307 31.17 3.45 6.12
CA ARG C 307 32.37 3.23 6.91
C ARG C 307 32.05 2.71 8.31
N GLU C 308 30.89 3.08 8.86
CA GLU C 308 30.50 2.57 10.18
C GLU C 308 30.21 1.08 10.12
N ILE C 309 29.54 0.65 9.05
CA ILE C 309 29.17 -0.75 8.86
C ILE C 309 30.39 -1.59 8.56
N MET C 310 31.27 -1.06 7.72
CA MET C 310 32.43 -1.76 7.16
C MET C 310 33.66 -0.91 7.46
N PRO C 311 34.15 -0.90 8.70
CA PRO C 311 35.23 0.05 9.03
C PRO C 311 36.45 -0.02 8.13
N ALA C 312 36.70 -1.17 7.50
CA ALA C 312 37.85 -1.32 6.63
C ALA C 312 37.52 -1.05 5.16
N ILE C 313 36.30 -0.57 4.88
CA ILE C 313 35.90 -0.35 3.49
C ILE C 313 36.90 0.53 2.78
N GLU C 314 37.15 0.24 1.51
CA GLU C 314 38.12 1.03 0.75
C GLU C 314 37.42 2.19 0.04
N LEU C 315 36.90 3.08 0.87
CA LEU C 315 36.49 4.40 0.45
C LEU C 315 37.73 5.29 0.56
N VAL D 1 39.90 -24.89 11.23
CA VAL D 1 38.45 -24.87 11.51
C VAL D 1 38.02 -23.53 12.11
N PRO D 2 37.16 -22.81 11.39
CA PRO D 2 36.77 -21.46 11.83
C PRO D 2 36.10 -21.50 13.19
N ARG D 3 36.47 -20.53 14.04
CA ARG D 3 35.82 -20.40 15.33
C ARG D 3 34.33 -20.15 15.14
N GLY D 4 33.53 -20.71 16.03
CA GLY D 4 32.09 -20.56 15.94
C GLY D 4 31.66 -19.14 16.21
N SER D 5 30.40 -18.88 15.91
CA SER D 5 29.81 -17.54 15.97
C SER D 5 28.94 -17.40 17.22
N HIS D 6 29.58 -17.55 18.38
CA HIS D 6 28.81 -17.75 19.60
C HIS D 6 28.11 -16.48 20.07
N MET D 7 28.39 -15.33 19.43
CA MET D 7 27.77 -14.08 19.82
C MET D 7 26.67 -13.70 18.83
N ASN D 8 26.53 -14.46 17.74
CA ASN D 8 25.57 -14.17 16.68
C ASN D 8 24.17 -14.56 17.13
N LYS D 9 23.20 -13.67 16.91
CA LYS D 9 21.86 -13.87 17.48
C LYS D 9 21.15 -15.10 16.91
N ILE D 10 21.34 -15.41 15.61
CA ILE D 10 20.75 -16.64 15.06
C ILE D 10 21.42 -17.87 15.65
N CYS D 11 22.73 -17.83 15.80
CA CYS D 11 23.42 -18.99 16.36
C CYS D 11 22.99 -19.23 17.80
N LYS D 12 22.72 -18.15 18.54
CA LYS D 12 22.26 -18.28 19.92
C LYS D 12 20.85 -18.85 19.99
N ILE D 13 19.94 -18.36 19.12
CA ILE D 13 18.56 -18.83 19.18
C ILE D 13 18.44 -20.25 18.69
N LEU D 14 19.20 -20.63 17.65
CA LEU D 14 19.04 -21.96 17.08
C LEU D 14 20.04 -22.98 17.62
N ASN D 15 21.01 -22.55 18.42
CA ASN D 15 22.07 -23.40 18.95
C ASN D 15 22.85 -24.09 17.82
N ILE D 16 23.27 -23.30 16.85
CA ILE D 16 24.12 -23.78 15.76
C ILE D 16 25.44 -23.00 15.79
N LYS D 17 26.47 -23.61 15.21
CA LYS D 17 27.81 -23.02 15.31
C LYS D 17 27.98 -21.82 14.37
N TYR D 18 27.45 -21.90 13.15
CA TYR D 18 27.62 -20.88 12.12
C TYR D 18 26.26 -20.43 11.62
N PRO D 19 26.09 -19.13 11.30
CA PRO D 19 24.77 -18.62 10.89
C PRO D 19 24.49 -18.89 9.41
N VAL D 20 24.59 -20.16 9.02
CA VAL D 20 24.37 -20.59 7.64
C VAL D 20 23.28 -21.65 7.64
N ILE D 21 22.17 -21.35 6.97
CA ILE D 21 21.03 -22.26 6.85
C ILE D 21 21.00 -22.80 5.44
N GLN D 22 20.88 -24.11 5.31
CA GLN D 22 20.63 -24.71 4.01
C GLN D 22 19.13 -24.70 3.78
N GLY D 23 18.70 -23.97 2.76
CA GLY D 23 17.27 -23.76 2.56
C GLY D 23 16.55 -25.05 2.18
N GLY D 24 15.32 -25.17 2.65
CA GLY D 24 14.54 -26.33 2.28
C GLY D 24 14.29 -26.26 0.79
N MET D 25 14.58 -27.33 0.06
CA MET D 25 14.34 -27.35 -1.37
C MET D 25 13.55 -28.60 -1.70
N ALA D 26 12.32 -28.41 -2.16
CA ALA D 26 11.45 -29.53 -2.49
C ALA D 26 12.17 -30.55 -3.35
N TRP D 27 11.97 -31.84 -3.02
CA TRP D 27 12.64 -32.99 -3.62
C TRP D 27 14.16 -33.01 -3.48
N VAL D 28 14.78 -31.84 -3.52
CA VAL D 28 16.24 -31.74 -3.50
C VAL D 28 16.80 -32.00 -2.11
N ALA D 29 16.19 -31.42 -1.09
CA ALA D 29 16.77 -31.39 0.26
C ALA D 29 16.23 -32.57 1.05
N THR D 30 17.04 -33.63 1.16
CA THR D 30 16.69 -34.83 1.89
C THR D 30 17.60 -34.99 3.10
N ALA D 31 17.45 -36.13 3.78
CA ALA D 31 18.19 -36.32 5.03
C ALA D 31 19.69 -36.25 4.81
N SER D 32 20.18 -36.73 3.66
CA SER D 32 21.63 -36.73 3.43
C SER D 32 22.18 -35.30 3.44
N LEU D 33 21.47 -34.38 2.82
CA LEU D 33 21.93 -33.01 2.76
C LEU D 33 21.75 -32.32 4.10
N ALA D 34 20.53 -32.39 4.66
CA ALA D 34 20.25 -31.69 5.91
C ALA D 34 21.19 -32.14 7.01
N SER D 35 21.43 -33.45 7.13
CA SER D 35 22.30 -33.89 8.21
C SER D 35 23.74 -33.45 7.97
N ALA D 36 24.19 -33.40 6.72
CA ALA D 36 25.56 -32.96 6.45
C ALA D 36 25.74 -31.49 6.78
N VAL D 37 24.74 -30.66 6.49
CA VAL D 37 24.84 -29.25 6.83
C VAL D 37 24.85 -29.07 8.35
N SER D 38 23.95 -29.76 9.06
CA SER D 38 23.94 -29.64 10.51
C SER D 38 25.22 -30.16 11.13
N ASN D 39 25.73 -31.30 10.65
CA ASN D 39 26.99 -31.81 11.18
C ASN D 39 28.13 -30.84 10.93
N ALA D 40 28.06 -30.07 9.83
CA ALA D 40 29.09 -29.08 9.54
C ALA D 40 28.97 -27.83 10.38
N GLY D 41 27.89 -27.69 11.17
CA GLY D 41 27.72 -26.55 12.05
C GLY D 41 26.70 -25.53 11.61
N GLY D 42 26.06 -25.73 10.47
CA GLY D 42 24.94 -24.90 10.05
C GLY D 42 23.61 -25.52 10.47
N LEU D 43 22.54 -25.04 9.86
CA LEU D 43 21.21 -25.63 10.04
C LEU D 43 20.79 -26.30 8.75
N GLY D 44 20.75 -27.64 8.74
CA GLY D 44 20.18 -28.35 7.61
C GLY D 44 18.66 -28.35 7.69
N ILE D 45 18.01 -28.41 6.52
CA ILE D 45 16.55 -28.36 6.47
CA ILE D 45 16.56 -28.38 6.48
C ILE D 45 16.04 -29.47 5.54
N ILE D 46 15.10 -30.27 6.04
CA ILE D 46 14.40 -31.25 5.22
C ILE D 46 13.19 -30.56 4.58
N ALA D 47 13.05 -30.69 3.26
CA ALA D 47 11.94 -30.07 2.53
C ALA D 47 10.73 -31.00 2.54
N ALA D 48 9.60 -30.51 3.05
CA ALA D 48 8.37 -31.29 2.91
C ALA D 48 7.79 -31.19 1.51
N GLY D 49 8.04 -30.07 0.81
CA GLY D 49 7.53 -29.92 -0.53
C GLY D 49 6.05 -30.27 -0.65
N ASN D 50 5.71 -31.00 -1.71
N ASN D 50 5.72 -31.02 -1.70
CA ASN D 50 4.35 -31.44 -1.95
CA ASN D 50 4.36 -31.48 -1.98
C ASN D 50 4.17 -32.92 -1.61
C ASN D 50 4.12 -32.90 -1.48
N ALA D 51 5.06 -33.47 -0.74
CA ALA D 51 5.01 -34.89 -0.41
C ALA D 51 4.06 -35.15 0.75
N PRO D 52 3.48 -36.34 0.82
CA PRO D 52 2.60 -36.66 1.94
C PRO D 52 3.41 -36.92 3.21
N LYS D 53 2.67 -36.90 4.33
CA LYS D 53 3.27 -37.03 5.67
C LYS D 53 4.23 -38.21 5.77
N GLU D 54 3.84 -39.38 5.22
CA GLU D 54 4.63 -40.59 5.38
C GLU D 54 6.03 -40.44 4.80
N ALA D 55 6.14 -39.80 3.62
CA ALA D 55 7.45 -39.60 3.00
C ALA D 55 8.32 -38.67 3.82
N ILE D 56 7.72 -37.62 4.36
CA ILE D 56 8.53 -36.66 5.13
C ILE D 56 8.89 -37.26 6.49
N LYS D 57 8.04 -38.13 7.03
CA LYS D 57 8.39 -38.76 8.29
C LYS D 57 9.67 -39.59 8.16
N LYS D 58 9.81 -40.30 7.04
CA LYS D 58 11.00 -41.14 6.86
C LYS D 58 12.26 -40.32 6.74
N GLU D 59 12.17 -39.13 6.15
CA GLU D 59 13.32 -38.23 6.12
C GLU D 59 13.68 -37.75 7.52
N ILE D 60 12.67 -37.40 8.32
CA ILE D 60 12.97 -36.93 9.68
C ILE D 60 13.64 -38.04 10.48
N VAL D 61 13.10 -39.26 10.36
CA VAL D 61 13.66 -40.40 11.09
C VAL D 61 15.11 -40.64 10.68
N GLU D 62 15.36 -40.68 9.36
CA GLU D 62 16.73 -40.87 8.86
C GLU D 62 17.65 -39.74 9.32
N CYS D 63 17.16 -38.50 9.27
CA CYS D 63 18.01 -37.38 9.65
C CYS D 63 18.47 -37.50 11.10
N LYS D 64 17.57 -37.92 11.99
CA LYS D 64 17.95 -38.04 13.39
C LYS D 64 19.02 -39.10 13.60
N LYS D 65 19.07 -40.11 12.72
CA LYS D 65 20.11 -41.11 12.84
C LYS D 65 21.47 -40.57 12.39
N LEU D 66 21.49 -39.57 11.53
CA LEU D 66 22.72 -39.09 10.91
C LEU D 66 23.31 -37.85 11.56
N THR D 67 22.55 -37.13 12.39
CA THR D 67 23.08 -35.97 13.08
C THR D 67 22.43 -35.85 14.46
N ASP D 68 23.21 -35.40 15.43
CA ASP D 68 22.70 -35.01 16.74
C ASP D 68 22.67 -33.50 16.91
N LYS D 69 22.94 -32.74 15.84
CA LYS D 69 22.89 -31.29 15.84
C LYS D 69 21.52 -30.82 15.38
N PRO D 70 21.15 -29.56 15.67
CA PRO D 70 19.84 -29.06 15.24
C PRO D 70 19.66 -29.14 13.74
N PHE D 71 18.45 -29.50 13.33
CA PHE D 71 18.03 -29.39 11.93
C PHE D 71 16.58 -28.95 11.93
N GLY D 72 16.10 -28.55 10.75
CA GLY D 72 14.74 -28.10 10.61
C GLY D 72 14.02 -28.84 9.50
N VAL D 73 12.72 -28.55 9.41
CA VAL D 73 11.88 -28.99 8.30
C VAL D 73 11.26 -27.73 7.69
N ASN D 74 11.16 -27.70 6.37
CA ASN D 74 10.45 -26.64 5.67
C ASN D 74 9.02 -27.10 5.39
N VAL D 75 8.06 -26.34 5.87
CA VAL D 75 6.65 -26.59 5.57
C VAL D 75 6.29 -25.74 4.37
N MET D 76 5.94 -26.38 3.26
CA MET D 76 5.77 -25.62 2.04
C MET D 76 4.24 -25.45 1.99
N LEU D 77 3.75 -24.22 2.17
CA LEU D 77 2.37 -24.03 2.61
C LEU D 77 1.33 -24.23 1.52
N MET D 78 1.73 -24.37 0.26
CA MET D 78 0.77 -24.69 -0.79
C MET D 78 0.58 -26.19 -0.96
N SER D 79 1.17 -27.00 -0.09
CA SER D 79 1.07 -28.44 -0.24
C SER D 79 -0.36 -28.91 0.03
N PRO D 80 -0.86 -29.88 -0.72
CA PRO D 80 -2.15 -30.50 -0.37
C PRO D 80 -2.14 -31.18 0.98
N PHE D 81 -0.95 -31.48 1.51
CA PHE D 81 -0.79 -32.23 2.75
C PHE D 81 -0.33 -31.34 3.90
N VAL D 82 -0.44 -30.02 3.75
CA VAL D 82 0.18 -29.12 4.71
C VAL D 82 -0.37 -29.34 6.13
N ASP D 83 -1.67 -29.63 6.26
CA ASP D 83 -2.20 -29.94 7.58
C ASP D 83 -1.52 -31.15 8.19
N ASP D 84 -1.35 -32.21 7.39
CA ASP D 84 -0.62 -33.39 7.85
C ASP D 84 0.82 -33.06 8.22
N ILE D 85 1.46 -32.15 7.46
CA ILE D 85 2.86 -31.85 7.74
C ILE D 85 3.01 -31.10 9.05
N ILE D 86 2.12 -30.15 9.32
CA ILE D 86 2.15 -29.48 10.62
C ILE D 86 1.93 -30.48 11.74
N ASP D 87 1.00 -31.42 11.56
CA ASP D 87 0.84 -32.47 12.56
C ASP D 87 2.15 -33.20 12.77
N LEU D 88 2.84 -33.55 11.68
CA LEU D 88 4.09 -34.30 11.76
C LEU D 88 5.15 -33.53 12.54
N ILE D 89 5.34 -32.26 12.19
CA ILE D 89 6.30 -31.40 12.90
C ILE D 89 6.10 -31.48 14.40
N ILE D 90 4.85 -31.34 14.83
CA ILE D 90 4.58 -31.27 16.25
C ILE D 90 4.77 -32.65 16.88
N GLU D 91 4.27 -33.70 16.21
CA GLU D 91 4.38 -35.05 16.77
C GLU D 91 5.83 -35.49 16.90
N GLU D 92 6.67 -35.09 15.96
CA GLU D 92 8.08 -35.49 15.94
C GLU D 92 8.98 -34.52 16.70
N LYS D 93 8.40 -33.51 17.35
CA LYS D 93 9.14 -32.54 18.16
C LYS D 93 10.28 -31.88 17.36
N VAL D 94 9.99 -31.54 16.10
CA VAL D 94 10.95 -30.78 15.31
C VAL D 94 11.21 -29.43 15.99
N GLN D 95 12.49 -29.10 16.16
CA GLN D 95 12.85 -27.93 16.96
C GLN D 95 12.63 -26.62 16.21
N VAL D 96 12.77 -26.62 14.89
CA VAL D 96 12.67 -25.40 14.11
C VAL D 96 12.09 -25.76 12.76
N ILE D 97 11.20 -24.91 12.26
CA ILE D 97 10.74 -25.03 10.90
C ILE D 97 10.92 -23.70 10.20
N THR D 98 11.14 -23.78 8.89
CA THR D 98 10.92 -22.67 7.99
C THR D 98 9.63 -22.94 7.22
N THR D 99 9.06 -21.88 6.70
CA THR D 99 7.87 -22.02 5.88
C THR D 99 8.07 -21.23 4.60
N GLY D 100 7.41 -21.67 3.55
CA GLY D 100 7.47 -20.97 2.28
C GLY D 100 6.14 -21.04 1.55
N ALA D 101 5.99 -20.10 0.62
CA ALA D 101 4.90 -20.05 -0.35
C ALA D 101 3.55 -19.78 0.32
N GLY D 102 3.54 -19.04 1.41
CA GLY D 102 2.27 -18.72 2.03
C GLY D 102 2.44 -18.07 3.39
N ASN D 103 1.29 -17.85 4.02
CA ASN D 103 1.19 -17.23 5.35
C ASN D 103 0.85 -18.33 6.35
N PRO D 104 1.73 -18.63 7.31
CA PRO D 104 1.45 -19.74 8.24
C PRO D 104 0.67 -19.32 9.48
N ALA D 105 0.05 -18.14 9.44
CA ALA D 105 -0.69 -17.59 10.56
C ALA D 105 -1.55 -18.62 11.30
N LYS D 106 -2.27 -19.47 10.54
CA LYS D 106 -3.25 -20.35 11.16
C LYS D 106 -2.62 -21.41 12.06
N TYR D 107 -1.34 -21.69 11.92
CA TYR D 107 -0.66 -22.69 12.72
C TYR D 107 0.19 -22.12 13.85
N MET D 108 0.35 -20.78 13.94
CA MET D 108 1.36 -20.20 14.81
C MET D 108 1.12 -20.53 16.29
N ASP D 109 -0.14 -20.52 16.72
CA ASP D 109 -0.42 -20.79 18.13
C ASP D 109 -0.11 -22.24 18.49
N ARG D 110 -0.46 -23.19 17.62
CA ARG D 110 -0.13 -24.59 17.86
C ARG D 110 1.38 -24.80 17.90
N LEU D 111 2.11 -24.17 16.99
CA LEU D 111 3.56 -24.33 16.95
C LEU D 111 4.22 -23.71 18.16
N LYS D 112 3.77 -22.51 18.58
CA LYS D 112 4.33 -21.91 19.79
C LYS D 112 4.02 -22.73 21.02
N GLU D 113 2.83 -23.36 21.06
CA GLU D 113 2.49 -24.22 22.19
C GLU D 113 3.36 -25.46 22.24
N ALA D 114 3.77 -25.97 21.08
CA ALA D 114 4.67 -27.12 21.01
C ALA D 114 6.13 -26.75 21.23
N GLY D 115 6.46 -25.46 21.25
CA GLY D 115 7.85 -25.04 21.38
C GLY D 115 8.61 -24.99 20.09
N THR D 116 7.96 -25.18 18.95
CA THR D 116 8.63 -25.12 17.66
C THR D 116 8.99 -23.68 17.32
N LYS D 117 10.26 -23.44 17.01
CA LYS D 117 10.66 -22.15 16.49
C LYS D 117 10.26 -22.02 15.02
N VAL D 118 9.63 -20.91 14.65
CA VAL D 118 9.06 -20.75 13.32
C VAL D 118 9.77 -19.62 12.59
N ILE D 119 10.28 -19.91 11.39
CA ILE D 119 11.04 -18.94 10.61
C ILE D 119 10.43 -18.86 9.20
N PRO D 120 9.43 -18.00 9.00
CA PRO D 120 8.79 -17.89 7.68
C PRO D 120 9.66 -17.16 6.67
N VAL D 121 9.67 -17.66 5.43
CA VAL D 121 10.09 -16.86 4.29
C VAL D 121 9.05 -15.77 4.04
N VAL D 122 9.52 -14.53 3.88
CA VAL D 122 8.62 -13.41 3.66
C VAL D 122 9.07 -12.65 2.41
N PRO D 123 8.14 -12.28 1.54
CA PRO D 123 8.48 -11.48 0.34
C PRO D 123 8.17 -9.99 0.49
N THR D 124 7.55 -9.59 1.60
CA THR D 124 7.08 -8.22 1.78
C THR D 124 7.34 -7.80 3.22
N ILE D 125 7.40 -6.49 3.42
CA ILE D 125 7.51 -5.94 4.77
C ILE D 125 6.28 -6.35 5.58
N ALA D 126 5.11 -6.33 4.95
CA ALA D 126 3.86 -6.57 5.67
C ALA D 126 3.83 -7.97 6.27
N LEU D 127 4.23 -8.98 5.48
CA LEU D 127 4.23 -10.34 6.03
C LEU D 127 5.28 -10.47 7.13
N ALA D 128 6.44 -9.84 6.97
CA ALA D 128 7.45 -9.86 8.04
C ALA D 128 6.85 -9.31 9.34
N GLN D 129 6.17 -8.16 9.27
CA GLN D 129 5.60 -7.56 10.49
C GLN D 129 4.47 -8.42 11.06
N ARG D 130 3.63 -8.99 10.20
CA ARG D 130 2.60 -9.89 10.68
C ARG D 130 3.22 -11.11 11.36
N MET D 131 4.28 -11.65 10.78
CA MET D 131 4.90 -12.84 11.35
C MET D 131 5.55 -12.53 12.69
N GLU D 132 6.16 -11.36 12.81
CA GLU D 132 6.74 -10.98 14.10
C GLU D 132 5.66 -10.88 15.16
N LYS D 133 4.53 -10.25 14.84
N LYS D 133 4.54 -10.22 14.84
CA LYS D 133 3.50 -10.08 15.86
CA LYS D 133 3.46 -10.09 15.80
C LYS D 133 2.75 -11.39 16.19
C LYS D 133 2.96 -11.46 16.27
N LEU D 134 2.88 -12.42 15.35
CA LEU D 134 2.33 -13.75 15.66
C LEU D 134 3.37 -14.69 16.27
N GLY D 135 4.57 -14.21 16.55
CA GLY D 135 5.54 -14.98 17.32
C GLY D 135 6.62 -15.67 16.53
N ALA D 136 6.82 -15.32 15.26
CA ALA D 136 7.96 -15.86 14.52
C ALA D 136 9.27 -15.60 15.28
N THR D 137 10.15 -16.61 15.25
CA THR D 137 11.47 -16.50 15.85
C THR D 137 12.40 -15.62 15.00
N ALA D 138 12.26 -15.71 13.69
CA ALA D 138 13.04 -14.95 12.71
C ALA D 138 12.25 -14.99 11.42
N VAL D 139 12.70 -14.22 10.42
CA VAL D 139 12.11 -14.27 9.09
C VAL D 139 13.24 -14.37 8.07
N ILE D 140 12.94 -15.03 6.95
CA ILE D 140 13.87 -15.17 5.83
C ILE D 140 13.39 -14.23 4.72
N ALA D 141 14.22 -13.24 4.40
CA ALA D 141 13.94 -12.33 3.29
C ALA D 141 14.58 -12.93 2.04
N GLU D 142 13.78 -13.60 1.20
CA GLU D 142 14.29 -14.25 -0.01
C GLU D 142 14.07 -13.36 -1.23
N GLY D 143 15.18 -12.99 -1.87
CA GLY D 143 15.11 -12.20 -3.09
C GLY D 143 14.72 -13.02 -4.31
N THR D 144 14.26 -12.28 -5.33
CA THR D 144 13.78 -12.86 -6.57
C THR D 144 14.86 -13.64 -7.30
N GLU D 145 16.14 -13.36 -7.01
CA GLU D 145 17.21 -14.12 -7.66
C GLU D 145 17.33 -15.56 -7.18
N GLY D 146 16.62 -15.95 -6.12
CA GLY D 146 16.67 -17.32 -5.68
C GLY D 146 16.02 -18.27 -6.68
N GLY D 147 16.17 -19.57 -6.42
CA GLY D 147 15.52 -20.57 -7.26
C GLY D 147 14.15 -20.94 -6.74
N GLY D 148 13.36 -21.60 -7.59
CA GLY D 148 12.04 -22.04 -7.19
C GLY D 148 10.96 -20.97 -7.36
N HIS D 149 9.91 -21.12 -6.57
N HIS D 149 9.95 -20.99 -6.49
CA HIS D 149 8.86 -20.11 -6.54
CA HIS D 149 8.77 -20.12 -6.56
C HIS D 149 9.45 -18.84 -5.96
C HIS D 149 9.05 -18.76 -5.92
N ILE D 150 9.48 -17.79 -6.75
CA ILE D 150 10.13 -16.55 -6.31
C ILE D 150 9.12 -15.44 -6.05
N GLY D 151 9.53 -14.49 -5.21
CA GLY D 151 8.88 -13.21 -5.11
C GLY D 151 9.47 -12.23 -6.11
N GLU D 152 9.03 -10.97 -6.00
CA GLU D 152 9.41 -9.94 -6.98
C GLU D 152 10.62 -9.10 -6.55
N LEU D 153 10.78 -8.83 -5.25
CA LEU D 153 11.83 -7.91 -4.78
C LEU D 153 13.18 -8.63 -4.71
N THR D 154 14.25 -7.91 -5.03
CA THR D 154 15.58 -8.48 -4.98
C THR D 154 16.12 -8.47 -3.56
N THR D 155 17.16 -9.30 -3.34
CA THR D 155 17.76 -9.39 -2.03
C THR D 155 18.32 -8.03 -1.57
N MET D 156 18.92 -7.27 -2.49
CA MET D 156 19.58 -6.02 -2.14
C MET D 156 18.59 -5.03 -1.52
N VAL D 157 17.31 -5.09 -1.91
CA VAL D 157 16.34 -4.12 -1.39
C VAL D 157 15.45 -4.76 -0.33
N LEU D 158 15.23 -6.07 -0.43
CA LEU D 158 14.31 -6.72 0.50
C LEU D 158 14.91 -6.83 1.89
N VAL D 159 16.16 -7.30 1.98
CA VAL D 159 16.79 -7.47 3.30
C VAL D 159 16.78 -6.18 4.11
N PRO D 160 17.29 -5.05 3.62
CA PRO D 160 17.30 -3.86 4.50
C PRO D 160 15.89 -3.38 4.88
N GLN D 161 14.91 -3.53 3.99
CA GLN D 161 13.56 -3.10 4.33
C GLN D 161 12.95 -3.98 5.41
N VAL D 162 13.19 -5.29 5.32
CA VAL D 162 12.67 -6.18 6.35
C VAL D 162 13.40 -5.93 7.67
N ALA D 163 14.74 -5.74 7.63
CA ALA D 163 15.47 -5.44 8.85
C ALA D 163 15.01 -4.14 9.50
N ASP D 164 14.60 -3.17 8.70
CA ASP D 164 14.07 -1.91 9.23
C ASP D 164 12.67 -2.07 9.85
N ALA D 165 11.93 -3.10 9.44
CA ALA D 165 10.51 -3.23 9.79
C ALA D 165 10.28 -4.11 11.02
N VAL D 166 11.21 -4.97 11.39
CA VAL D 166 11.00 -5.91 12.48
C VAL D 166 12.18 -5.86 13.43
N ASN D 167 11.93 -6.32 14.66
CA ASN D 167 12.98 -6.43 15.65
C ASN D 167 13.57 -7.83 15.74
N ILE D 168 12.92 -8.82 15.15
CA ILE D 168 13.43 -10.18 15.20
C ILE D 168 14.52 -10.32 14.15
N PRO D 169 15.37 -11.34 14.22
CA PRO D 169 16.45 -11.47 13.26
C PRO D 169 15.93 -11.67 11.85
N VAL D 170 16.70 -11.17 10.89
CA VAL D 170 16.41 -11.31 9.46
C VAL D 170 17.50 -12.18 8.84
N ILE D 171 17.09 -13.16 8.05
CA ILE D 171 17.98 -14.09 7.38
C ILE D 171 17.87 -13.77 5.89
N ALA D 172 19.01 -13.48 5.26
CA ALA D 172 19.00 -13.19 3.83
C ALA D 172 19.02 -14.48 3.02
N ALA D 173 18.26 -14.49 1.92
CA ALA D 173 18.25 -15.63 1.01
C ALA D 173 18.11 -15.11 -0.41
N GLY D 174 18.70 -15.84 -1.36
CA GLY D 174 18.59 -15.49 -2.76
C GLY D 174 19.87 -14.87 -3.27
N GLY D 175 20.63 -15.63 -4.05
CA GLY D 175 21.87 -15.12 -4.62
C GLY D 175 23.14 -15.36 -3.83
N ILE D 176 23.06 -15.99 -2.66
CA ILE D 176 24.24 -16.15 -1.80
C ILE D 176 24.88 -17.50 -2.08
N VAL D 177 26.14 -17.46 -2.54
CA VAL D 177 26.91 -18.66 -2.83
C VAL D 177 28.22 -18.72 -2.07
N ASP D 178 28.72 -17.60 -1.52
CA ASP D 178 30.03 -17.61 -0.87
C ASP D 178 30.07 -16.50 0.18
N GLY D 179 31.27 -16.26 0.73
CA GLY D 179 31.41 -15.26 1.79
C GLY D 179 31.15 -13.84 1.33
N ARG D 180 31.28 -13.56 0.03
CA ARG D 180 30.95 -12.22 -0.46
C ARG D 180 29.48 -11.91 -0.24
N GLY D 181 28.60 -12.85 -0.58
CA GLY D 181 27.18 -12.65 -0.36
C GLY D 181 26.80 -12.63 1.11
N ILE D 182 27.55 -13.36 1.95
CA ILE D 182 27.32 -13.29 3.39
C ILE D 182 27.68 -11.91 3.91
N ALA D 183 28.88 -11.44 3.60
CA ALA D 183 29.27 -10.11 4.04
C ALA D 183 28.27 -9.05 3.55
N ALA D 184 27.87 -9.15 2.29
CA ALA D 184 26.89 -8.19 1.76
C ALA D 184 25.59 -8.25 2.55
N SER D 185 25.10 -9.46 2.81
CA SER D 185 23.83 -9.60 3.51
C SER D 185 23.90 -9.01 4.90
N PHE D 186 25.04 -9.22 5.58
CA PHE D 186 25.18 -8.67 6.93
C PHE D 186 25.26 -7.15 6.89
N ALA D 187 25.91 -6.61 5.85
CA ALA D 187 25.91 -5.15 5.68
C ALA D 187 24.50 -4.61 5.52
N LEU D 188 23.60 -5.38 4.89
CA LEU D 188 22.23 -4.93 4.71
C LEU D 188 21.37 -5.10 5.95
N GLY D 189 21.87 -5.79 6.98
CA GLY D 189 21.15 -5.96 8.20
C GLY D 189 20.76 -7.37 8.53
N ALA D 190 21.13 -8.35 7.72
CA ALA D 190 20.84 -9.74 8.04
C ALA D 190 21.76 -10.23 9.16
N SER D 191 21.29 -11.23 9.90
CA SER D 191 22.08 -11.89 10.93
C SER D 191 22.42 -13.33 10.58
N ALA D 192 22.01 -13.80 9.40
CA ALA D 192 22.34 -15.13 8.91
C ALA D 192 21.99 -15.14 7.43
N VAL D 193 22.38 -16.22 6.75
CA VAL D 193 22.00 -16.42 5.36
C VAL D 193 21.35 -17.79 5.22
N GLN D 194 20.46 -17.90 4.24
CA GLN D 194 19.92 -19.18 3.80
C GLN D 194 20.37 -19.37 2.36
N VAL D 195 20.91 -20.56 2.07
CA VAL D 195 21.56 -20.86 0.80
C VAL D 195 20.87 -22.07 0.23
N GLY D 196 20.46 -21.99 -1.04
CA GLY D 196 19.83 -23.14 -1.68
C GLY D 196 20.69 -23.70 -2.80
N THR D 197 20.71 -22.98 -3.92
CA THR D 197 21.35 -23.49 -5.15
C THR D 197 22.77 -23.97 -4.91
N ARG D 198 23.58 -23.21 -4.15
CA ARG D 198 24.96 -23.65 -3.93
C ARG D 198 25.02 -25.04 -3.31
N PHE D 199 24.05 -25.38 -2.43
CA PHE D 199 24.06 -26.70 -1.78
C PHE D 199 23.54 -27.81 -2.67
N ILE D 200 22.92 -27.50 -3.81
CA ILE D 200 22.59 -28.54 -4.78
C ILE D 200 23.88 -29.21 -5.25
N CYS D 201 24.93 -28.42 -5.43
CA CYS D 201 26.26 -28.90 -5.81
C CYS D 201 27.14 -29.14 -4.59
N SER D 202 26.56 -29.75 -3.57
CA SER D 202 27.33 -30.34 -2.49
C SER D 202 27.42 -31.83 -2.73
N GLU D 203 28.46 -32.43 -2.16
CA GLU D 203 28.64 -33.87 -2.31
C GLU D 203 27.48 -34.65 -1.73
N GLU D 204 26.91 -34.14 -0.63
CA GLU D 204 25.91 -34.88 0.13
C GLU D 204 24.49 -34.68 -0.37
N CYS D 205 24.24 -33.68 -1.22
CA CYS D 205 22.93 -33.55 -1.83
C CYS D 205 22.64 -34.76 -2.70
N SER D 206 21.42 -35.28 -2.61
CA SER D 206 21.09 -36.57 -3.21
C SER D 206 20.51 -36.48 -4.62
N VAL D 207 20.42 -35.28 -5.21
CA VAL D 207 19.87 -35.19 -6.57
C VAL D 207 20.77 -35.92 -7.56
N HIS D 208 20.17 -36.31 -8.67
CA HIS D 208 20.89 -37.01 -9.72
C HIS D 208 22.06 -36.15 -10.21
N SER D 209 23.17 -36.82 -10.56
CA SER D 209 24.38 -36.16 -11.05
C SER D 209 24.08 -35.13 -12.15
N ASN D 210 23.11 -35.43 -13.02
CA ASN D 210 22.80 -34.54 -14.13
C ASN D 210 22.29 -33.18 -13.65
N TYR D 211 21.51 -33.16 -12.57
CA TYR D 211 21.07 -31.89 -11.97
C TYR D 211 22.26 -31.06 -11.55
N LYS D 212 23.19 -31.67 -10.81
CA LYS D 212 24.37 -30.96 -10.35
C LYS D 212 25.18 -30.40 -11.52
N ASN D 213 25.39 -31.21 -12.57
CA ASN D 213 26.21 -30.71 -13.68
C ASN D 213 25.50 -29.63 -14.48
N LEU D 214 24.16 -29.65 -14.53
CA LEU D 214 23.47 -28.53 -15.18
C LEU D 214 23.65 -27.24 -14.40
N VAL D 215 23.69 -27.31 -13.07
CA VAL D 215 24.01 -26.11 -12.30
C VAL D 215 25.44 -25.67 -12.57
N LEU D 216 26.37 -26.63 -12.60
CA LEU D 216 27.78 -26.33 -12.82
C LEU D 216 28.00 -25.58 -14.13
N LYS D 217 27.30 -25.96 -15.19
CA LYS D 217 27.57 -25.27 -16.44
C LYS D 217 26.63 -24.10 -16.72
N ALA D 218 25.76 -23.74 -15.78
CA ALA D 218 24.91 -22.57 -15.98
C ALA D 218 25.73 -21.32 -16.19
N LYS D 219 25.31 -20.50 -17.14
CA LYS D 219 25.90 -19.21 -17.42
C LYS D 219 25.05 -18.11 -16.79
N ASP D 220 25.51 -16.86 -16.94
CA ASP D 220 24.94 -15.77 -16.15
C ASP D 220 23.43 -15.67 -16.30
N ARG D 221 22.90 -15.90 -17.51
CA ARG D 221 21.47 -15.67 -17.74
C ARG D 221 20.65 -16.94 -17.88
N ASP D 222 21.17 -18.08 -17.40
CA ASP D 222 20.50 -19.35 -17.66
C ASP D 222 19.38 -19.68 -16.68
N ALA D 223 19.27 -18.97 -15.55
CA ALA D 223 18.20 -19.25 -14.60
C ALA D 223 17.02 -18.34 -14.92
N ILE D 224 16.11 -18.84 -15.75
CA ILE D 224 15.03 -18.04 -16.33
C ILE D 224 13.74 -18.21 -15.54
N VAL D 225 12.75 -17.37 -15.81
CA VAL D 225 11.50 -17.36 -15.07
C VAL D 225 10.38 -17.83 -15.99
N THR D 226 9.67 -18.87 -15.56
CA THR D 226 8.47 -19.35 -16.23
C THR D 226 7.26 -19.07 -15.35
N GLY D 227 6.09 -19.04 -15.98
CA GLY D 227 4.86 -18.95 -15.23
C GLY D 227 4.45 -17.55 -14.80
N ARG D 228 5.06 -16.50 -15.36
CA ARG D 228 4.65 -15.15 -15.00
C ARG D 228 3.15 -14.95 -15.27
N SER D 229 2.63 -15.58 -16.32
CA SER D 229 1.22 -15.42 -16.68
C SER D 229 0.26 -16.02 -15.65
N THR D 230 0.72 -16.99 -14.86
CA THR D 230 -0.10 -17.64 -13.85
C THR D 230 -0.05 -16.94 -12.49
N GLY D 231 0.77 -15.89 -12.36
CA GLY D 231 0.95 -15.28 -11.06
C GLY D 231 1.78 -16.09 -10.09
N HIS D 232 2.37 -17.20 -10.55
CA HIS D 232 3.24 -18.04 -9.73
C HIS D 232 4.53 -18.29 -10.48
N PRO D 233 5.35 -17.26 -10.64
CA PRO D 233 6.62 -17.43 -11.37
C PRO D 233 7.56 -18.38 -10.66
N VAL D 234 8.30 -19.14 -11.46
CA VAL D 234 9.26 -20.14 -10.99
C VAL D 234 10.58 -19.90 -11.71
N ARG D 235 11.68 -19.86 -10.97
CA ARG D 235 13.00 -19.68 -11.57
C ARG D 235 13.68 -21.04 -11.74
N THR D 236 14.06 -21.34 -12.99
CA THR D 236 14.56 -22.65 -13.33
C THR D 236 15.56 -22.54 -14.47
N LEU D 237 16.47 -23.50 -14.56
CA LEU D 237 17.50 -23.44 -15.58
C LEU D 237 16.89 -23.71 -16.96
N LYS D 238 17.48 -23.08 -17.98
CA LYS D 238 17.08 -23.30 -19.36
C LYS D 238 17.29 -24.76 -19.74
N ASN D 239 16.25 -25.38 -20.32
CA ASN D 239 16.34 -26.72 -20.87
C ASN D 239 15.13 -26.93 -21.77
N LYS D 240 15.00 -28.15 -22.32
CA LYS D 240 13.87 -28.41 -23.22
C LYS D 240 12.54 -28.10 -22.54
N LEU D 241 12.38 -28.55 -21.29
CA LEU D 241 11.10 -28.40 -20.62
C LEU D 241 10.75 -26.93 -20.40
N SER D 242 11.71 -26.16 -19.87
CA SER D 242 11.37 -24.76 -19.58
C SER D 242 11.16 -23.98 -20.88
N LYS D 243 11.85 -24.34 -21.96
CA LYS D 243 11.59 -23.67 -23.24
C LYS D 243 10.22 -24.04 -23.80
N GLU D 244 9.81 -25.31 -23.66
CA GLU D 244 8.48 -25.70 -24.11
C GLU D 244 7.40 -24.99 -23.29
N PHE D 245 7.62 -24.90 -21.98
CA PHE D 245 6.68 -24.21 -21.11
C PHE D 245 6.55 -22.74 -21.50
N LEU D 246 7.69 -22.09 -21.76
CA LEU D 246 7.65 -20.70 -22.23
C LEU D 246 6.89 -20.56 -23.54
N LYS D 247 7.11 -21.49 -24.47
CA LYS D 247 6.41 -21.39 -25.74
C LYS D 247 4.90 -21.49 -25.55
N MET D 248 4.45 -22.37 -24.64
CA MET D 248 3.03 -22.48 -24.33
C MET D 248 2.47 -21.16 -23.78
N GLU D 249 3.17 -20.57 -22.82
CA GLU D 249 2.72 -19.30 -22.24
C GLU D 249 2.60 -18.22 -23.30
N GLN D 250 3.60 -18.12 -24.17
CA GLN D 250 3.60 -17.09 -25.20
C GLN D 250 2.39 -17.21 -26.13
N ASN D 251 1.85 -18.41 -26.29
CA ASN D 251 0.66 -18.62 -27.11
C ASN D 251 -0.59 -18.83 -26.26
N GLY D 252 -0.67 -18.16 -25.12
CA GLY D 252 -1.91 -18.04 -24.39
C GLY D 252 -2.38 -19.27 -23.66
N ALA D 253 -1.48 -20.22 -23.34
CA ALA D 253 -1.88 -21.40 -22.60
C ALA D 253 -2.53 -21.00 -21.28
N THR D 254 -3.58 -21.74 -20.91
CA THR D 254 -4.32 -21.45 -19.70
C THR D 254 -3.54 -21.95 -18.49
N PRO D 255 -3.73 -21.32 -17.33
CA PRO D 255 -3.03 -21.78 -16.11
C PRO D 255 -3.17 -23.27 -15.84
N GLU D 256 -4.25 -23.91 -16.31
CA GLU D 256 -4.42 -25.34 -16.07
C GLU D 256 -3.62 -26.18 -17.06
N GLU D 257 -3.47 -25.72 -18.32
CA GLU D 257 -2.58 -26.41 -19.24
C GLU D 257 -1.14 -26.35 -18.76
N LEU D 258 -0.74 -25.21 -18.19
CA LEU D 258 0.62 -25.05 -17.68
C LEU D 258 0.84 -25.87 -16.43
N ASP D 259 -0.17 -25.91 -15.54
CA ASP D 259 -0.08 -26.78 -14.38
C ASP D 259 0.10 -28.24 -14.80
N LYS D 260 -0.61 -28.65 -15.85
CA LYS D 260 -0.51 -30.02 -16.34
C LYS D 260 0.85 -30.30 -16.99
N LYS D 261 1.36 -29.32 -17.74
CA LYS D 261 2.70 -29.47 -18.33
C LYS D 261 3.75 -29.64 -17.24
N GLY D 262 3.55 -29.03 -16.08
CA GLY D 262 4.57 -28.96 -15.06
C GLY D 262 4.58 -30.09 -14.05
N THR D 263 3.47 -30.78 -13.83
CA THR D 263 3.43 -31.80 -12.79
C THR D 263 4.49 -32.87 -13.01
N GLY D 264 5.18 -33.23 -11.93
CA GLY D 264 6.23 -34.23 -11.95
C GLY D 264 7.59 -33.75 -12.40
N ALA D 265 7.71 -32.48 -12.81
CA ALA D 265 8.92 -32.06 -13.51
C ALA D 265 10.12 -31.96 -12.57
N LEU D 266 9.91 -31.48 -11.34
CA LEU D 266 11.05 -31.39 -10.42
C LEU D 266 11.55 -32.78 -10.03
N ARG D 267 10.63 -33.73 -9.82
CA ARG D 267 11.00 -35.13 -9.60
C ARG D 267 11.82 -35.70 -10.75
N PHE D 268 11.37 -35.47 -11.99
CA PHE D 268 12.15 -35.91 -13.15
C PHE D 268 13.58 -35.41 -13.08
N ALA D 269 13.78 -34.20 -12.56
CA ALA D 269 15.14 -33.66 -12.45
C ALA D 269 15.92 -34.29 -11.30
N THR D 270 15.31 -34.36 -10.12
CA THR D 270 16.07 -34.80 -8.95
C THR D 270 16.32 -36.31 -8.97
N VAL D 271 15.32 -37.08 -9.41
CA VAL D 271 15.43 -38.54 -9.33
C VAL D 271 16.08 -39.10 -10.59
N ASP D 272 15.56 -38.75 -11.75
CA ASP D 272 16.04 -39.33 -13.00
C ASP D 272 17.12 -38.48 -13.66
N GLY D 273 17.30 -37.23 -13.26
CA GLY D 273 18.22 -36.37 -13.97
C GLY D 273 17.83 -36.17 -15.42
N ASP D 274 16.53 -36.18 -15.71
CA ASP D 274 16.05 -36.20 -17.09
C ASP D 274 16.20 -34.79 -17.66
N ILE D 275 17.18 -34.61 -18.55
CA ILE D 275 17.45 -33.25 -19.03
C ILE D 275 16.39 -32.75 -19.99
N GLU D 276 15.55 -33.61 -20.55
CA GLU D 276 14.44 -33.10 -21.35
C GLU D 276 13.16 -32.90 -20.58
N LYS D 277 12.88 -33.71 -19.55
CA LYS D 277 11.59 -33.66 -18.88
C LYS D 277 11.64 -32.95 -17.53
N GLY D 278 12.84 -32.72 -16.98
CA GLY D 278 12.96 -32.16 -15.65
C GLY D 278 12.87 -30.65 -15.63
N SER D 279 12.39 -30.13 -14.50
CA SER D 279 12.52 -28.71 -14.16
C SER D 279 13.66 -28.58 -13.17
N PHE D 280 14.78 -28.01 -13.62
CA PHE D 280 16.01 -27.92 -12.84
C PHE D 280 16.04 -26.56 -12.13
N MET D 281 15.27 -26.46 -11.06
CA MET D 281 15.07 -25.16 -10.45
C MET D 281 16.35 -24.74 -9.75
N ALA D 282 16.67 -23.45 -9.86
CA ALA D 282 17.94 -22.93 -9.38
C ALA D 282 17.87 -21.42 -9.46
N GLY D 283 18.64 -20.75 -8.61
CA GLY D 283 18.66 -19.30 -8.64
C GLY D 283 19.61 -18.76 -9.70
N GLN D 284 19.59 -17.43 -9.84
CA GLN D 284 20.63 -16.78 -10.63
C GLN D 284 22.01 -17.07 -10.04
N SER D 285 22.04 -17.48 -8.77
CA SER D 285 23.25 -17.98 -8.13
C SER D 285 23.90 -19.15 -8.87
N ALA D 286 23.13 -19.93 -9.63
CA ALA D 286 23.70 -21.08 -10.34
C ALA D 286 24.91 -20.69 -11.18
N ALA D 287 24.89 -19.51 -11.79
CA ALA D 287 25.99 -19.10 -12.64
C ALA D 287 27.30 -19.03 -11.88
N MET D 288 27.23 -18.83 -10.56
CA MET D 288 28.40 -18.60 -9.73
C MET D 288 28.90 -19.90 -9.09
N VAL D 289 28.16 -20.99 -9.26
CA VAL D 289 28.51 -22.28 -8.64
C VAL D 289 29.45 -23.02 -9.59
N LYS D 290 30.67 -23.33 -9.12
CA LYS D 290 31.73 -23.84 -9.99
C LYS D 290 32.20 -25.23 -9.67
N GLU D 291 31.86 -25.80 -8.52
CA GLU D 291 32.39 -27.11 -8.17
C GLU D 291 31.44 -27.81 -7.20
N ILE D 292 31.59 -29.13 -7.12
CA ILE D 292 30.84 -29.97 -6.20
C ILE D 292 31.76 -30.29 -5.02
N THR D 293 31.34 -29.92 -3.82
CA THR D 293 32.17 -29.76 -2.65
C THR D 293 31.42 -30.28 -1.43
N PRO D 294 32.12 -30.89 -0.47
CA PRO D 294 31.44 -31.31 0.77
C PRO D 294 30.85 -30.11 1.50
N CYS D 295 29.72 -30.33 2.18
CA CYS D 295 29.05 -29.23 2.87
C CYS D 295 29.98 -28.58 3.89
N LYS D 296 30.83 -29.38 4.55
CA LYS D 296 31.76 -28.84 5.54
C LYS D 296 32.69 -27.82 4.91
N GLU D 297 33.26 -28.14 3.74
CA GLU D 297 34.14 -27.20 3.07
C GLU D 297 33.39 -25.96 2.60
N ILE D 298 32.18 -26.13 2.08
CA ILE D 298 31.40 -24.97 1.62
C ILE D 298 31.17 -24.00 2.77
N ILE D 299 30.76 -24.53 3.92
CA ILE D 299 30.36 -23.69 5.04
C ILE D 299 31.57 -23.03 5.67
N GLU D 300 32.65 -23.80 5.92
CA GLU D 300 33.83 -23.20 6.54
C GLU D 300 34.46 -22.15 5.63
N ALA D 301 34.47 -22.41 4.32
CA ALA D 301 34.99 -21.41 3.40
C ALA D 301 34.11 -20.16 3.38
N MET D 302 32.78 -20.31 3.46
CA MET D 302 31.96 -19.10 3.51
C MET D 302 32.24 -18.28 4.74
N VAL D 303 32.38 -18.95 5.90
CA VAL D 303 32.63 -18.23 7.15
C VAL D 303 33.98 -17.53 7.08
N ASN D 304 35.03 -18.26 6.70
CA ASN D 304 36.36 -17.65 6.59
C ASN D 304 36.36 -16.48 5.63
N GLN D 305 35.73 -16.63 4.46
CA GLN D 305 35.76 -15.55 3.48
C GLN D 305 34.95 -14.33 3.95
N ALA D 306 33.80 -14.58 4.57
CA ALA D 306 33.01 -13.46 5.09
C ALA D 306 33.82 -12.64 6.09
N ARG D 307 34.58 -13.31 6.96
CA ARG D 307 35.38 -12.63 7.97
C ARG D 307 36.58 -11.91 7.36
N GLU D 308 37.11 -12.45 6.26
CA GLU D 308 38.23 -11.80 5.58
C GLU D 308 37.77 -10.53 4.88
N ILE D 309 36.56 -10.55 4.31
CA ILE D 309 36.03 -9.40 3.58
C ILE D 309 35.60 -8.31 4.55
N MET D 310 34.95 -8.71 5.64
CA MET D 310 34.34 -7.82 6.64
C MET D 310 34.84 -8.22 8.01
N PRO D 311 36.04 -7.80 8.42
CA PRO D 311 36.56 -8.28 9.72
C PRO D 311 35.65 -7.96 10.90
N ALA D 312 34.84 -6.90 10.82
CA ALA D 312 33.94 -6.50 11.91
C ALA D 312 32.57 -7.18 11.84
N ILE D 313 32.40 -8.16 10.94
CA ILE D 313 31.10 -8.80 10.76
C ILE D 313 30.65 -9.45 12.07
N GLU D 314 29.35 -9.35 12.35
CA GLU D 314 28.78 -9.88 13.59
C GLU D 314 28.51 -11.38 13.44
N LEU D 315 29.56 -12.12 13.09
CA LEU D 315 29.57 -13.56 13.19
C LEU D 315 30.97 -14.04 13.56
N1 FMN E . -15.56 24.08 12.76
C2 FMN E . -15.06 25.29 12.35
O2 FMN E . -14.26 25.30 11.47
N3 FMN E . -15.47 26.45 12.94
C4 FMN E . -16.38 26.39 13.93
O4 FMN E . -16.73 27.40 14.47
C4A FMN E . -16.90 25.15 14.38
N5 FMN E . -17.80 25.10 15.36
C5A FMN E . -18.30 23.89 15.78
C6 FMN E . -19.24 23.82 16.83
C7 FMN E . -19.73 22.60 17.27
C7M FMN E . -20.74 22.54 18.41
C8 FMN E . -19.31 21.40 16.66
C8M FMN E . -19.86 20.06 17.14
C9 FMN E . -18.39 21.46 15.62
C9A FMN E . -17.89 22.68 15.19
N10 FMN E . -16.97 22.74 14.16
C10 FMN E . -16.45 24.02 13.74
C1' FMN E . -16.48 21.50 13.51
C2' FMN E . -15.36 20.96 14.42
O2' FMN E . -14.21 21.78 14.42
C3' FMN E . -14.91 19.55 14.02
O3' FMN E . -14.29 19.57 12.75
C4' FMN E . -16.05 18.53 14.06
O4' FMN E . -16.74 18.62 15.28
C5' FMN E . -15.44 17.14 13.92
O5' FMN E . -16.43 16.16 13.88
P FMN E . -16.84 15.35 15.26
O1P FMN E . -15.59 15.02 16.04
O2P FMN E . -17.76 16.26 16.04
O3P FMN E . -17.56 14.11 14.81
C01 XCJ F . -20.32 30.71 14.97
C03 XCJ F . -21.19 28.11 14.15
C04 XCJ F . -20.26 28.20 13.12
C05 XCJ F . -19.78 27.03 12.58
C06 XCJ F . -20.25 25.81 13.10
C07 XCJ F . -21.20 25.73 14.14
C08 XCJ F . -21.67 26.90 14.68
C10 XCJ F . -18.87 25.02 11.53
C13 XCJ F . -17.08 24.36 9.98
C14 XCJ F . -16.34 23.20 9.38
C15 XCJ F . -16.75 22.99 7.94
C16 XCJ F . -17.49 21.93 7.37
C18 XCJ F . -16.82 23.61 5.73
C20 XCJ F . -15.32 24.92 4.34
C21 XCJ F . -15.41 25.60 3.14
C22 XCJ F . -16.69 25.46 2.68
C23 XCJ F . -17.40 24.70 3.58
N09 XCJ F . -19.73 24.63 12.50
N12 XCJ F . -18.17 24.01 10.84
N19 XCJ F . -16.54 24.40 4.57
N24 XCJ F . -16.35 23.97 6.97
O25 XCJ F . -16.80 25.49 9.75
O26 XCJ F . -22.79 30.26 13.95
O27 XCJ F . -22.45 29.45 16.11
S02 XCJ F . -21.76 29.64 14.83
S11 XCJ F . -18.70 26.69 11.37
S17 XCJ F . -17.64 22.20 5.79
NA NA G . -23.77 8.62 23.67
NA NA H . -18.80 21.35 11.06
C1 GOL I . -29.95 26.61 13.72
O1 GOL I . -28.75 26.55 13.00
C2 GOL I . -30.23 25.17 14.19
O2 GOL I . -29.16 24.64 14.89
C3 GOL I . -31.52 25.26 15.03
O3 GOL I . -32.25 24.10 14.75
N1 FMN J . -28.43 -3.55 -1.46
C2 FMN J . -29.39 -4.51 -1.20
O2 FMN J . -29.40 -5.01 -0.12
N3 FMN J . -30.31 -4.89 -2.17
C4 FMN J . -30.26 -4.31 -3.39
O4 FMN J . -31.05 -4.67 -4.23
C4A FMN J . -29.29 -3.33 -3.69
N5 FMN J . -29.21 -2.73 -4.89
C5A FMN J . -28.25 -1.81 -5.12
C6 FMN J . -28.14 -1.21 -6.40
C7 FMN J . -27.16 -0.29 -6.68
C7M FMN J . -27.12 0.29 -8.09
C8 FMN J . -26.22 0.10 -5.69
C8M FMN J . -25.12 1.12 -6.01
C9 FMN J . -26.31 -0.49 -4.44
C9A FMN J . -27.30 -1.44 -4.16
N10 FMN J . -27.37 -2.01 -2.92
C10 FMN J . -28.39 -2.99 -2.66
C1' FMN J . -26.39 -1.70 -1.85
C2' FMN J . -25.13 -2.54 -2.14
O2' FMN J . -25.34 -3.92 -1.95
C3' FMN J . -23.90 -2.13 -1.30
O3' FMN J . -24.15 -2.33 0.06
C4' FMN J . -23.46 -0.67 -1.54
O4' FMN J . -23.40 -0.47 -2.92
C5' FMN J . -22.11 -0.45 -0.88
O5' FMN J . -21.72 0.92 -0.96
P FMN J . -20.76 1.33 -2.21
O1P FMN J . -21.61 1.49 -3.45
O2P FMN J . -20.14 2.66 -1.79
O3P FMN J . -19.67 0.27 -2.41
C01 XCJ K . -35.07 -3.25 -6.73
C03 XCJ K . -33.48 -1.08 -5.71
C04 XCJ K . -33.58 -1.69 -4.46
C05 XCJ K . -32.61 -1.41 -3.52
C06 XCJ K . -31.59 -0.54 -3.87
C07 XCJ K . -31.49 0.07 -5.13
C08 XCJ K . -32.46 -0.19 -6.07
C10 XCJ K . -30.96 -0.98 -1.76
C13 XCJ K . -30.29 -1.80 0.45
C14 XCJ K . -29.23 -1.74 1.53
C15 XCJ K . -29.79 -0.99 2.72
C16 XCJ K . -29.45 0.31 3.18
C18 XCJ K . -31.16 -0.74 4.56
C20 XCJ K . -33.15 -0.39 5.97
C21 XCJ K . -33.85 -1.19 6.85
C22 XCJ K . -33.24 -2.42 6.90
C23 XCJ K . -32.16 -2.38 6.04
N09 XCJ K . -30.61 -0.27 -2.87
N12 XCJ K . -30.07 -0.92 -0.66
N19 XCJ K . -32.15 -1.14 5.50
N24 XCJ K . -30.81 -1.60 3.55
O25 XCJ K . -31.26 -2.50 0.52
O26 XCJ K . -36.00 -0.72 -6.58
O27 XCJ K . -34.38 -1.10 -8.22
S02 XCJ K . -34.76 -1.49 -6.87
S11 XCJ K . -32.35 -1.92 -1.94
S17 XCJ K . -30.33 0.67 4.48
NA NA L . -28.02 0.86 -0.56
NA NA M . -14.73 8.60 -10.87
N1 FMN N . 20.59 4.90 -17.31
C2 FMN N . 21.22 5.24 -18.49
O2 FMN N . 22.26 4.72 -18.78
N3 FMN N . 20.65 6.18 -19.33
C4 FMN N . 19.51 6.76 -19.00
O4 FMN N . 19.04 7.58 -19.74
C4A FMN N . 18.85 6.44 -17.79
N5 FMN N . 17.68 7.04 -17.45
C5A FMN N . 17.07 6.70 -16.28
C6 FMN N . 15.85 7.31 -15.91
C7 FMN N . 15.23 7.03 -14.72
C7M FMN N . 13.93 7.76 -14.38
C8 FMN N . 15.78 6.08 -13.84
C8M FMN N . 15.07 5.76 -12.53
C9 FMN N . 16.97 5.44 -14.19
C9A FMN N . 17.61 5.75 -15.39
N10 FMN N . 18.79 5.14 -15.74
C10 FMN N . 19.44 5.49 -16.97
C1' FMN N . 19.45 4.15 -14.85
C2' FMN N . 20.24 4.97 -13.79
O2' FMN N . 21.30 5.71 -14.38
C3' FMN N . 20.77 4.11 -12.63
O3' FMN N . 21.70 3.15 -13.10
C4' FMN N . 19.66 3.42 -11.84
O4' FMN N . 18.64 4.37 -11.60
C5' FMN N . 20.24 2.86 -10.55
O5' FMN N . 19.31 2.06 -9.85
P FMN N . 18.43 2.79 -8.65
O1P FMN N . 17.33 3.62 -9.29
O2P FMN N . 17.85 1.67 -7.81
O3P FMN N . 19.37 3.69 -7.87
C01 XCJ O . 13.12 6.68 -23.58
C03 XCJ O . 14.77 6.50 -21.16
C04 XCJ O . 15.97 5.89 -21.54
C05 XCJ O . 16.59 5.04 -20.65
C06 XCJ O . 16.01 4.83 -19.41
C07 XCJ O . 14.80 5.45 -19.02
C08 XCJ O . 14.17 6.30 -19.91
C10 XCJ O . 17.78 3.47 -19.16
C13 XCJ O . 19.93 2.25 -18.99
C14 XCJ O . 20.75 1.40 -18.06
C15 XCJ O . 20.77 -0.01 -18.59
C16 XCJ O . 20.17 -1.16 -18.01
C18 XCJ O . 21.35 -1.66 -20.11
C20 XCJ O . 23.21 -1.84 -21.66
C21 XCJ O . 23.51 -2.57 -22.79
C22 XCJ O . 22.42 -3.35 -23.09
C23 XCJ O . 21.46 -3.12 -22.12
N09 XCJ O . 16.68 3.93 -18.54
N12 XCJ O . 18.66 2.61 -18.45
N19 XCJ O . 21.98 -2.20 -21.28
N24 XCJ O . 21.48 -0.32 -19.83
O25 XCJ O . 20.28 2.58 -20.09
O26 XCJ O . 13.18 8.62 -21.70
O27 XCJ O . 15.10 8.41 -22.93
S02 XCJ O . 14.03 7.62 -22.34
S11 XCJ O . 17.98 4.11 -20.70
S17 XCJ O . 20.48 -2.43 -18.94
NA NA P . 17.97 1.50 -16.06
NA NA Q . 9.06 5.36 -0.18
C1 GOL R . 5.15 2.27 -19.73
O1 GOL R . 4.52 2.76 -18.57
C2 GOL R . 6.15 3.34 -20.15
O2 GOL R . 6.96 3.73 -19.06
C3 GOL R . 7.01 2.68 -21.28
O3 GOL R . 8.25 3.33 -21.22
N1 FMN S . 11.65 -22.66 -0.36
C2 FMN S . 10.63 -23.06 0.47
O2 FMN S . 10.28 -22.35 1.37
N3 FMN S . 10.03 -24.29 0.25
C4 FMN S . 10.46 -25.08 -0.74
O4 FMN S . 9.95 -26.16 -0.92
C4A FMN S . 11.52 -24.70 -1.59
N5 FMN S . 11.93 -25.50 -2.59
C5A FMN S . 12.96 -25.08 -3.38
C6 FMN S . 13.43 -25.90 -4.43
C7 FMN S . 14.47 -25.51 -5.23
C7M FMN S . 14.95 -26.43 -6.34
C8 FMN S . 15.10 -24.25 -5.04
C8M FMN S . 16.27 -23.82 -5.93
C9 FMN S . 14.65 -23.43 -4.02
C9A FMN S . 13.59 -23.84 -3.19
N10 FMN S . 13.15 -23.02 -2.18
C10 FMN S . 12.09 -23.45 -1.34
C1' FMN S . 13.81 -21.72 -1.92
C2' FMN S . 15.06 -22.07 -1.07
O2' FMN S . 14.71 -22.57 0.21
C3' FMN S . 15.99 -20.87 -0.89
O3' FMN S . 15.35 -19.82 -0.20
C4' FMN S . 16.55 -20.37 -2.22
O4' FMN S . 17.04 -21.45 -2.98
C5' FMN S . 17.67 -19.38 -1.90
O5' FMN S . 18.14 -18.76 -3.06
P FMN S . 19.44 -19.39 -3.84
O1P FMN S . 20.48 -19.78 -2.82
O2P FMN S . 19.93 -18.34 -4.80
O3P FMN S . 18.97 -20.62 -4.60
C01 XCJ T . 6.60 -28.69 -3.70
C03 XCJ T . 7.97 -26.48 -5.02
C04 XCJ T . 7.53 -25.69 -3.97
C05 XCJ T . 8.23 -24.53 -3.73
C06 XCJ T . 9.34 -24.23 -4.52
C07 XCJ T . 9.77 -25.04 -5.57
C08 XCJ T . 9.07 -26.20 -5.83
C10 XCJ T . 9.38 -22.44 -3.17
C13 XCJ T . 9.34 -20.74 -1.42
C14 XCJ T . 10.06 -19.52 -0.86
C15 XCJ T . 9.26 -18.27 -1.12
C16 XCJ T . 9.55 -17.19 -2.01
C18 XCJ T . 7.45 -16.86 -0.78
C20 XCJ T . 5.17 -15.95 -0.77
C21 XCJ T . 4.24 -15.71 0.22
C22 XCJ T . 4.78 -16.09 1.41
C23 XCJ T . 6.06 -16.56 1.16
N09 XCJ T . 10.04 -23.03 -4.21
N12 XCJ T . 9.93 -21.26 -2.62
N19 XCJ T . 6.24 -16.46 -0.15
N24 XCJ T . 8.03 -18.04 -0.40
O25 XCJ T . 8.37 -21.23 -0.91
O26 XCJ T . 5.82 -27.65 -6.08
O27 XCJ T . 7.79 -28.88 -6.14
S02 XCJ T . 7.02 -27.97 -5.30
S11 XCJ T . 8.07 -23.33 -2.60
S17 XCJ T . 8.37 -16.08 -1.90
NA NA U . 27.90 -22.26 -13.22
NA NA V . 11.82 -19.85 -3.93
#